data_8CN3
# 
_entry.id   8CN3 
# 
_audit_conform.dict_name       mmcif_pdbx.dic 
_audit_conform.dict_version    5.394 
_audit_conform.dict_location   http://mmcif.pdb.org/dictionaries/ascii/mmcif_pdbx.dic 
# 
loop_
_database_2.database_id 
_database_2.database_code 
_database_2.pdbx_database_accession 
_database_2.pdbx_DOI 
PDB   8CN3         pdb_00008cn3 10.2210/pdb8cn3/pdb 
WWPDB D_1292128556 ?            ?                   
# 
loop_
_pdbx_audit_revision_history.ordinal 
_pdbx_audit_revision_history.data_content_type 
_pdbx_audit_revision_history.major_revision 
_pdbx_audit_revision_history.minor_revision 
_pdbx_audit_revision_history.revision_date 
1 'Structure model' 1 0 2023-08-02 
2 'Structure model' 1 1 2023-08-09 
3 'Structure model' 1 2 2024-06-19 
# 
_pdbx_audit_revision_details.ordinal             1 
_pdbx_audit_revision_details.revision_ordinal    1 
_pdbx_audit_revision_details.data_content_type   'Structure model' 
_pdbx_audit_revision_details.provider            repository 
_pdbx_audit_revision_details.type                'Initial release' 
_pdbx_audit_revision_details.description         ? 
_pdbx_audit_revision_details.details             ? 
# 
loop_
_pdbx_audit_revision_group.ordinal 
_pdbx_audit_revision_group.revision_ordinal 
_pdbx_audit_revision_group.data_content_type 
_pdbx_audit_revision_group.group 
1 2 'Structure model' 'Database references' 
2 3 'Structure model' 'Data collection'     
# 
loop_
_pdbx_audit_revision_category.ordinal 
_pdbx_audit_revision_category.revision_ordinal 
_pdbx_audit_revision_category.data_content_type 
_pdbx_audit_revision_category.category 
1 2 'Structure model' citation       
2 3 'Structure model' chem_comp_atom 
3 3 'Structure model' chem_comp_bond 
# 
_pdbx_audit_revision_item.ordinal             1 
_pdbx_audit_revision_item.revision_ordinal    2 
_pdbx_audit_revision_item.data_content_type   'Structure model' 
_pdbx_audit_revision_item.item                '_citation.journal_volume' 
# 
_pdbx_database_status.status_code                     REL 
_pdbx_database_status.status_code_sf                  REL 
_pdbx_database_status.status_code_mr                  ? 
_pdbx_database_status.entry_id                        8CN3 
_pdbx_database_status.recvd_initial_deposition_date   2023-02-21 
_pdbx_database_status.SG_entry                        N 
_pdbx_database_status.deposit_site                    PDBE 
_pdbx_database_status.process_site                    PDBE 
_pdbx_database_status.status_code_cs                  ? 
_pdbx_database_status.status_code_nmr_data            ? 
_pdbx_database_status.methods_development_category    ? 
_pdbx_database_status.pdb_format_compatible           Y 
# 
_pdbx_contact_author.id                 5 
_pdbx_contact_author.email              Jean-Claude.Twizere@uliege.be 
_pdbx_contact_author.name_first         Jean-Claude 
_pdbx_contact_author.name_last          TWIZERE 
_pdbx_contact_author.name_mi            ? 
_pdbx_contact_author.role               'principal investigator/group leader' 
_pdbx_contact_author.identifier_ORCID   0000-0002-8683-705X 
# 
loop_
_audit_author.name 
_audit_author.pdbx_ordinal 
_audit_author.identifier_ORCID 
'Maseko, S.'    1 0000-0001-7025-6106 
'Sogues, A.'    2 0000-0002-5752-6009 
'Volkov, A.'    3 0000-0002-0103-059X 
'Remaut, H.'    4 0000-0002-9775-4102 
'Twizere, J.C.' 5 0000-0002-8683-705X 
# 
_citation.abstract                  ? 
_citation.abstract_id_CAS           ? 
_citation.book_id_ISBN              ? 
_citation.book_publisher            ? 
_citation.book_publisher_city       ? 
_citation.book_title                ? 
_citation.coordinate_linkage        ? 
_citation.country                   NE 
_citation.database_id_Medline       ? 
_citation.details                   ? 
_citation.id                        primary 
_citation.journal_abbrev            'Antiviral Res.' 
_citation.journal_id_ASTM           ARSRDR 
_citation.journal_id_CSD            1136 
_citation.journal_id_ISSN           0166-3542 
_citation.journal_full              ? 
_citation.journal_issue             ? 
_citation.journal_volume            217 
_citation.language                  ? 
_citation.page_first                105675 
_citation.page_last                 105675 
_citation.title                     
'Identification of small molecule antivirals against HTLV-1 by targeting the hDLG1-Tax-1 protein-protein interaction.' 
_citation.year                      2023 
_citation.database_id_CSD           ? 
_citation.pdbx_database_id_DOI      10.1016/j.antiviral.2023.105675 
_citation.pdbx_database_id_PubMed   37481039 
_citation.pdbx_database_id_patent   ? 
_citation.unpublished_flag          ? 
# 
loop_
_citation_author.citation_id 
_citation_author.name 
_citation_author.ordinal 
_citation_author.identifier_ORCID 
primary 'Maseko, S.B.'        1  ? 
primary 'Brammerloo, Y.'      2  ? 
primary 'Van Molle, I.'       3  ? 
primary 'Sogues, A.'          4  ? 
primary 'Martin, C.'          5  ? 
primary 'Gorgulla, C.'        6  ? 
primary 'Plant, E.'           7  ? 
primary 'Olivet, J.'          8  ? 
primary 'Blavier, J.'         9  ? 
primary 'Ntombela, T.'        10 ? 
primary 'Delvigne, F.'        11 ? 
primary 'Arthanari, H.'       12 ? 
primary 'El Hajj, H.'         13 ? 
primary 'Bazarbachi, A.'      14 ? 
primary 'Van Lint, C.'        15 ? 
primary 'Salehi-Ashtiani, K.' 16 ? 
primary 'Remaut, H.'          17 ? 
primary 'Ballet, S.'          18 ? 
primary 'Volkov, A.N.'        19 ? 
primary 'Twizere, J.C.'       20 ? 
# 
loop_
_entity.id 
_entity.type 
_entity.src_method 
_entity.pdbx_description 
_entity.formula_weight 
_entity.pdbx_number_of_molecules 
_entity.pdbx_ec 
_entity.pdbx_mutation 
_entity.pdbx_fragment 
_entity.details 
1 polymer man 'Disks large homolog 1' 12381.181 1  ? ? ? ? 
2 polymer man 'Disks large homolog 1' 12383.197 1  ? ? ? ? 
3 polymer syn GLU-THR-GLU-VAL         476.477   2  ? ? ? ? 
4 water   nat water                   18.015    19 ? ? ? ? 
# 
loop_
_entity_name_com.entity_id 
_entity_name_com.name 
1 'Synapse-associated protein 97,SAP-97,SAP97,hDlg' 
2 'Synapse-associated protein 97,SAP-97,SAP97,hDlg' 
# 
loop_
_entity_poly.entity_id 
_entity_poly.type 
_entity_poly.nstd_linkage 
_entity_poly.nstd_monomer 
_entity_poly.pdbx_seq_one_letter_code 
_entity_poly.pdbx_seq_one_letter_code_can 
_entity_poly.pdbx_strand_id 
_entity_poly.pdbx_target_identifier 
1 'polypeptide(L)' no no 
;GPLGSKPVSEKIMEIKLIKGPKGLGFSIAGGVGNQHIPGDNSIYVTKIIEGGAAHKDGKLQIGDKLLAVNNVCLEEVTHE
EAVTALKNTSDFVYLKVAKPTSMYMNDGYAPPDITNS
;
;GPLGSKPVSEKIMEIKLIKGPKGLGFSIAGGVGNQHIPGDNSIYVTKIIEGGAAHKDGKLQIGDKLLAVNNVCLEEVTHE
EAVTALKNTSDFVYLKVAKPTSMYMNDGYAPPDITNS
;
A   ? 
2 'polypeptide(L)' no no 
;GPLGSKPVSEMIMEIKLIKGPKGLGFSIAGGVGNQHIPGDNSIYVTKIIEGGAAHKDGKLQIGDKLLAVNNVCLEEVTHE
EAVTALKNTSDFVYLKVAKPTSMYMNDGYAPPDITNS
;
;GPLGSKPVSEMIMEIKLIKGPKGLGFSIAGGVGNQHIPGDNSIYVTKIIEGGAAHKDGKLQIGDKLLAVNNVCLEEVTHE
EAVTALKNTSDFVYLKVAKPTSMYMNDGYAPPDITNS
;
B   ? 
3 'polypeptide(L)' no no ETEV ETEV C,D ? 
# 
_pdbx_entity_nonpoly.entity_id   4 
_pdbx_entity_nonpoly.name        water 
_pdbx_entity_nonpoly.comp_id     HOH 
# 
loop_
_entity_poly_seq.entity_id 
_entity_poly_seq.num 
_entity_poly_seq.mon_id 
_entity_poly_seq.hetero 
1 1   GLY n 
1 2   PRO n 
1 3   LEU n 
1 4   GLY n 
1 5   SER n 
1 6   LYS n 
1 7   PRO n 
1 8   VAL n 
1 9   SER n 
1 10  GLU n 
1 11  LYS n 
1 12  ILE n 
1 13  MET n 
1 14  GLU n 
1 15  ILE n 
1 16  LYS n 
1 17  LEU n 
1 18  ILE n 
1 19  LYS n 
1 20  GLY n 
1 21  PRO n 
1 22  LYS n 
1 23  GLY n 
1 24  LEU n 
1 25  GLY n 
1 26  PHE n 
1 27  SER n 
1 28  ILE n 
1 29  ALA n 
1 30  GLY n 
1 31  GLY n 
1 32  VAL n 
1 33  GLY n 
1 34  ASN n 
1 35  GLN n 
1 36  HIS n 
1 37  ILE n 
1 38  PRO n 
1 39  GLY n 
1 40  ASP n 
1 41  ASN n 
1 42  SER n 
1 43  ILE n 
1 44  TYR n 
1 45  VAL n 
1 46  THR n 
1 47  LYS n 
1 48  ILE n 
1 49  ILE n 
1 50  GLU n 
1 51  GLY n 
1 52  GLY n 
1 53  ALA n 
1 54  ALA n 
1 55  HIS n 
1 56  LYS n 
1 57  ASP n 
1 58  GLY n 
1 59  LYS n 
1 60  LEU n 
1 61  GLN n 
1 62  ILE n 
1 63  GLY n 
1 64  ASP n 
1 65  LYS n 
1 66  LEU n 
1 67  LEU n 
1 68  ALA n 
1 69  VAL n 
1 70  ASN n 
1 71  ASN n 
1 72  VAL n 
1 73  CYS n 
1 74  LEU n 
1 75  GLU n 
1 76  GLU n 
1 77  VAL n 
1 78  THR n 
1 79  HIS n 
1 80  GLU n 
1 81  GLU n 
1 82  ALA n 
1 83  VAL n 
1 84  THR n 
1 85  ALA n 
1 86  LEU n 
1 87  LYS n 
1 88  ASN n 
1 89  THR n 
1 90  SER n 
1 91  ASP n 
1 92  PHE n 
1 93  VAL n 
1 94  TYR n 
1 95  LEU n 
1 96  LYS n 
1 97  VAL n 
1 98  ALA n 
1 99  LYS n 
1 100 PRO n 
1 101 THR n 
1 102 SER n 
1 103 MET n 
1 104 TYR n 
1 105 MET n 
1 106 ASN n 
1 107 ASP n 
1 108 GLY n 
1 109 TYR n 
1 110 ALA n 
1 111 PRO n 
1 112 PRO n 
1 113 ASP n 
1 114 ILE n 
1 115 THR n 
1 116 ASN n 
1 117 SER n 
2 1   GLY n 
2 2   PRO n 
2 3   LEU n 
2 4   GLY n 
2 5   SER n 
2 6   LYS n 
2 7   PRO n 
2 8   VAL n 
2 9   SER n 
2 10  GLU n 
2 11  MET n 
2 12  ILE n 
2 13  MET n 
2 14  GLU n 
2 15  ILE n 
2 16  LYS n 
2 17  LEU n 
2 18  ILE n 
2 19  LYS n 
2 20  GLY n 
2 21  PRO n 
2 22  LYS n 
2 23  GLY n 
2 24  LEU n 
2 25  GLY n 
2 26  PHE n 
2 27  SER n 
2 28  ILE n 
2 29  ALA n 
2 30  GLY n 
2 31  GLY n 
2 32  VAL n 
2 33  GLY n 
2 34  ASN n 
2 35  GLN n 
2 36  HIS n 
2 37  ILE n 
2 38  PRO n 
2 39  GLY n 
2 40  ASP n 
2 41  ASN n 
2 42  SER n 
2 43  ILE n 
2 44  TYR n 
2 45  VAL n 
2 46  THR n 
2 47  LYS n 
2 48  ILE n 
2 49  ILE n 
2 50  GLU n 
2 51  GLY n 
2 52  GLY n 
2 53  ALA n 
2 54  ALA n 
2 55  HIS n 
2 56  LYS n 
2 57  ASP n 
2 58  GLY n 
2 59  LYS n 
2 60  LEU n 
2 61  GLN n 
2 62  ILE n 
2 63  GLY n 
2 64  ASP n 
2 65  LYS n 
2 66  LEU n 
2 67  LEU n 
2 68  ALA n 
2 69  VAL n 
2 70  ASN n 
2 71  ASN n 
2 72  VAL n 
2 73  CYS n 
2 74  LEU n 
2 75  GLU n 
2 76  GLU n 
2 77  VAL n 
2 78  THR n 
2 79  HIS n 
2 80  GLU n 
2 81  GLU n 
2 82  ALA n 
2 83  VAL n 
2 84  THR n 
2 85  ALA n 
2 86  LEU n 
2 87  LYS n 
2 88  ASN n 
2 89  THR n 
2 90  SER n 
2 91  ASP n 
2 92  PHE n 
2 93  VAL n 
2 94  TYR n 
2 95  LEU n 
2 96  LYS n 
2 97  VAL n 
2 98  ALA n 
2 99  LYS n 
2 100 PRO n 
2 101 THR n 
2 102 SER n 
2 103 MET n 
2 104 TYR n 
2 105 MET n 
2 106 ASN n 
2 107 ASP n 
2 108 GLY n 
2 109 TYR n 
2 110 ALA n 
2 111 PRO n 
2 112 PRO n 
2 113 ASP n 
2 114 ILE n 
2 115 THR n 
2 116 ASN n 
2 117 SER n 
3 1   GLU n 
3 2   THR n 
3 3   GLU n 
3 4   VAL n 
# 
loop_
_entity_src_gen.entity_id 
_entity_src_gen.pdbx_src_id 
_entity_src_gen.pdbx_alt_source_flag 
_entity_src_gen.pdbx_seq_type 
_entity_src_gen.pdbx_beg_seq_num 
_entity_src_gen.pdbx_end_seq_num 
_entity_src_gen.gene_src_common_name 
_entity_src_gen.gene_src_genus 
_entity_src_gen.pdbx_gene_src_gene 
_entity_src_gen.gene_src_species 
_entity_src_gen.gene_src_strain 
_entity_src_gen.gene_src_tissue 
_entity_src_gen.gene_src_tissue_fraction 
_entity_src_gen.gene_src_details 
_entity_src_gen.pdbx_gene_src_fragment 
_entity_src_gen.pdbx_gene_src_scientific_name 
_entity_src_gen.pdbx_gene_src_ncbi_taxonomy_id 
_entity_src_gen.pdbx_gene_src_variant 
_entity_src_gen.pdbx_gene_src_cell_line 
_entity_src_gen.pdbx_gene_src_atcc 
_entity_src_gen.pdbx_gene_src_organ 
_entity_src_gen.pdbx_gene_src_organelle 
_entity_src_gen.pdbx_gene_src_cell 
_entity_src_gen.pdbx_gene_src_cellular_location 
_entity_src_gen.host_org_common_name 
_entity_src_gen.pdbx_host_org_scientific_name 
_entity_src_gen.pdbx_host_org_ncbi_taxonomy_id 
_entity_src_gen.host_org_genus 
_entity_src_gen.pdbx_host_org_gene 
_entity_src_gen.pdbx_host_org_organ 
_entity_src_gen.host_org_species 
_entity_src_gen.pdbx_host_org_tissue 
_entity_src_gen.pdbx_host_org_tissue_fraction 
_entity_src_gen.pdbx_host_org_strain 
_entity_src_gen.pdbx_host_org_variant 
_entity_src_gen.pdbx_host_org_cell_line 
_entity_src_gen.pdbx_host_org_atcc 
_entity_src_gen.pdbx_host_org_culture_collection 
_entity_src_gen.pdbx_host_org_cell 
_entity_src_gen.pdbx_host_org_organelle 
_entity_src_gen.pdbx_host_org_cellular_location 
_entity_src_gen.pdbx_host_org_vector_type 
_entity_src_gen.pdbx_host_org_vector 
_entity_src_gen.host_org_details 
_entity_src_gen.expression_system_id 
_entity_src_gen.plasmid_name 
_entity_src_gen.plasmid_details 
_entity_src_gen.pdbx_description 
1 1 sample 'Biological sequence' 1 117 human ? DLG1 ? ? ? ? ? ? 'Homo sapiens' 9606 ? ? ? ? ? ? ? ? 'Escherichia coli BL21(DE3)' 
469008 ? ? ? ? ? ? ? ? ? ? ? ? ? ? ? ? ? ? ? ? ? 
2 1 sample 'Biological sequence' 1 117 human ? DLG1 ? ? ? ? ? ? 'Homo sapiens' 9606 ? ? ? ? ? ? ? ? 'Escherichia coli BL21(DE3)' 
469008 ? ? ? ? ? ? ? ? ? ? ? ? ? ? ? ? ? ? ? ? ? 
# 
_pdbx_entity_src_syn.entity_id              3 
_pdbx_entity_src_syn.pdbx_src_id            1 
_pdbx_entity_src_syn.pdbx_alt_source_flag   sample 
_pdbx_entity_src_syn.pdbx_beg_seq_num       1 
_pdbx_entity_src_syn.pdbx_end_seq_num       4 
_pdbx_entity_src_syn.organism_scientific    'Human T-cell lymphotrophic virus type 1 (strain ATK)' 
_pdbx_entity_src_syn.organism_common_name   ? 
_pdbx_entity_src_syn.ncbi_taxonomy_id       11926 
_pdbx_entity_src_syn.details                ? 
# 
loop_
_chem_comp.id 
_chem_comp.type 
_chem_comp.mon_nstd_flag 
_chem_comp.name 
_chem_comp.pdbx_synonyms 
_chem_comp.formula 
_chem_comp.formula_weight 
ALA 'L-peptide linking' y ALANINE         ? 'C3 H7 N O2'     89.093  
ASN 'L-peptide linking' y ASPARAGINE      ? 'C4 H8 N2 O3'    132.118 
ASP 'L-peptide linking' y 'ASPARTIC ACID' ? 'C4 H7 N O4'     133.103 
CYS 'L-peptide linking' y CYSTEINE        ? 'C3 H7 N O2 S'   121.158 
GLN 'L-peptide linking' y GLUTAMINE       ? 'C5 H10 N2 O3'   146.144 
GLU 'L-peptide linking' y 'GLUTAMIC ACID' ? 'C5 H9 N O4'     147.129 
GLY 'peptide linking'   y GLYCINE         ? 'C2 H5 N O2'     75.067  
HIS 'L-peptide linking' y HISTIDINE       ? 'C6 H10 N3 O2 1' 156.162 
HOH non-polymer         . WATER           ? 'H2 O'           18.015  
ILE 'L-peptide linking' y ISOLEUCINE      ? 'C6 H13 N O2'    131.173 
LEU 'L-peptide linking' y LEUCINE         ? 'C6 H13 N O2'    131.173 
LYS 'L-peptide linking' y LYSINE          ? 'C6 H15 N2 O2 1' 147.195 
MET 'L-peptide linking' y METHIONINE      ? 'C5 H11 N O2 S'  149.211 
PHE 'L-peptide linking' y PHENYLALANINE   ? 'C9 H11 N O2'    165.189 
PRO 'L-peptide linking' y PROLINE         ? 'C5 H9 N O2'     115.130 
SER 'L-peptide linking' y SERINE          ? 'C3 H7 N O3'     105.093 
THR 'L-peptide linking' y THREONINE       ? 'C4 H9 N O3'     119.119 
TYR 'L-peptide linking' y TYROSINE        ? 'C9 H11 N O3'    181.189 
VAL 'L-peptide linking' y VALINE          ? 'C5 H11 N O2'    117.146 
# 
loop_
_pdbx_poly_seq_scheme.asym_id 
_pdbx_poly_seq_scheme.entity_id 
_pdbx_poly_seq_scheme.seq_id 
_pdbx_poly_seq_scheme.mon_id 
_pdbx_poly_seq_scheme.ndb_seq_num 
_pdbx_poly_seq_scheme.pdb_seq_num 
_pdbx_poly_seq_scheme.auth_seq_num 
_pdbx_poly_seq_scheme.pdb_mon_id 
_pdbx_poly_seq_scheme.auth_mon_id 
_pdbx_poly_seq_scheme.pdb_strand_id 
_pdbx_poly_seq_scheme.pdb_ins_code 
_pdbx_poly_seq_scheme.hetero 
A 1 1   GLY 1   1   ?   ?   ?   A . n 
A 1 2   PRO 2   2   ?   ?   ?   A . n 
A 1 3   LEU 3   3   ?   ?   ?   A . n 
A 1 4   GLY 4   4   ?   ?   ?   A . n 
A 1 5   SER 5   5   ?   ?   ?   A . n 
A 1 6   LYS 6   6   ?   ?   ?   A . n 
A 1 7   PRO 7   7   ?   ?   ?   A . n 
A 1 8   VAL 8   8   ?   ?   ?   A . n 
A 1 9   SER 9   9   ?   ?   ?   A . n 
A 1 10  GLU 10  10  ?   ?   ?   A . n 
A 1 11  LYS 11  11  ?   ?   ?   A . n 
A 1 12  ILE 12  12  12  ILE ILE A . n 
A 1 13  MET 13  13  13  MET MET A . n 
A 1 14  GLU 14  14  14  GLU GLU A . n 
A 1 15  ILE 15  15  15  ILE ILE A . n 
A 1 16  LYS 16  16  16  LYS LYS A . n 
A 1 17  LEU 17  17  17  LEU LEU A . n 
A 1 18  ILE 18  18  18  ILE ILE A . n 
A 1 19  LYS 19  19  19  LYS LYS A . n 
A 1 20  GLY 20  20  20  GLY GLY A . n 
A 1 21  PRO 21  21  21  PRO PRO A . n 
A 1 22  LYS 22  22  22  LYS LYS A . n 
A 1 23  GLY 23  23  23  GLY GLY A . n 
A 1 24  LEU 24  24  24  LEU LEU A . n 
A 1 25  GLY 25  25  25  GLY GLY A . n 
A 1 26  PHE 26  26  26  PHE PHE A . n 
A 1 27  SER 27  27  27  SER SER A . n 
A 1 28  ILE 28  28  28  ILE ILE A . n 
A 1 29  ALA 29  29  29  ALA ALA A . n 
A 1 30  GLY 30  30  30  GLY GLY A . n 
A 1 31  GLY 31  31  31  GLY GLY A . n 
A 1 32  VAL 32  32  32  VAL VAL A . n 
A 1 33  GLY 33  33  33  GLY GLY A . n 
A 1 34  ASN 34  34  34  ASN ASN A . n 
A 1 35  GLN 35  35  35  GLN GLN A . n 
A 1 36  HIS 36  36  36  HIS HIS A . n 
A 1 37  ILE 37  37  37  ILE ILE A . n 
A 1 38  PRO 38  38  38  PRO PRO A . n 
A 1 39  GLY 39  39  39  GLY GLY A . n 
A 1 40  ASP 40  40  40  ASP ASP A . n 
A 1 41  ASN 41  41  41  ASN ASN A . n 
A 1 42  SER 42  42  42  SER SER A . n 
A 1 43  ILE 43  43  43  ILE ILE A . n 
A 1 44  TYR 44  44  44  TYR TYR A . n 
A 1 45  VAL 45  45  45  VAL VAL A . n 
A 1 46  THR 46  46  46  THR THR A . n 
A 1 47  LYS 47  47  47  LYS LYS A . n 
A 1 48  ILE 48  48  48  ILE ILE A . n 
A 1 49  ILE 49  49  49  ILE ILE A . n 
A 1 50  GLU 50  50  50  GLU GLU A . n 
A 1 51  GLY 51  51  51  GLY GLY A . n 
A 1 52  GLY 52  52  52  GLY GLY A . n 
A 1 53  ALA 53  53  53  ALA ALA A . n 
A 1 54  ALA 54  54  54  ALA ALA A . n 
A 1 55  HIS 55  55  55  HIS HIS A . n 
A 1 56  LYS 56  56  56  LYS LYS A . n 
A 1 57  ASP 57  57  57  ASP ASP A . n 
A 1 58  GLY 58  58  58  GLY GLY A . n 
A 1 59  LYS 59  59  59  LYS LYS A . n 
A 1 60  LEU 60  60  60  LEU LEU A . n 
A 1 61  GLN 61  61  61  GLN GLN A . n 
A 1 62  ILE 62  62  62  ILE ILE A . n 
A 1 63  GLY 63  63  63  GLY GLY A . n 
A 1 64  ASP 64  64  64  ASP ASP A . n 
A 1 65  LYS 65  65  65  LYS LYS A . n 
A 1 66  LEU 66  66  66  LEU LEU A . n 
A 1 67  LEU 67  67  67  LEU LEU A . n 
A 1 68  ALA 68  68  68  ALA ALA A . n 
A 1 69  VAL 69  69  69  VAL VAL A . n 
A 1 70  ASN 70  70  70  ASN ASN A . n 
A 1 71  ASN 71  71  71  ASN ASN A . n 
A 1 72  VAL 72  72  72  VAL VAL A . n 
A 1 73  CYS 73  73  73  CYS CYS A . n 
A 1 74  LEU 74  74  74  LEU LEU A . n 
A 1 75  GLU 75  75  75  GLU GLU A . n 
A 1 76  GLU 76  76  76  GLU GLU A . n 
A 1 77  VAL 77  77  77  VAL VAL A . n 
A 1 78  THR 78  78  78  THR THR A . n 
A 1 79  HIS 79  79  79  HIS HIS A . n 
A 1 80  GLU 80  80  80  GLU GLU A . n 
A 1 81  GLU 81  81  81  GLU GLU A . n 
A 1 82  ALA 82  82  82  ALA ALA A . n 
A 1 83  VAL 83  83  83  VAL VAL A . n 
A 1 84  THR 84  84  84  THR THR A . n 
A 1 85  ALA 85  85  85  ALA ALA A . n 
A 1 86  LEU 86  86  86  LEU LEU A . n 
A 1 87  LYS 87  87  87  LYS LYS A . n 
A 1 88  ASN 88  88  88  ASN ASN A . n 
A 1 89  THR 89  89  89  THR THR A . n 
A 1 90  SER 90  90  90  SER SER A . n 
A 1 91  ASP 91  91  91  ASP ASP A . n 
A 1 92  PHE 92  92  92  PHE PHE A . n 
A 1 93  VAL 93  93  93  VAL VAL A . n 
A 1 94  TYR 94  94  94  TYR TYR A . n 
A 1 95  LEU 95  95  95  LEU LEU A . n 
A 1 96  LYS 96  96  96  LYS LYS A . n 
A 1 97  VAL 97  97  97  VAL VAL A . n 
A 1 98  ALA 98  98  98  ALA ALA A . n 
A 1 99  LYS 99  99  99  LYS LYS A . n 
A 1 100 PRO 100 100 100 PRO PRO A . n 
A 1 101 THR 101 101 101 THR THR A . n 
A 1 102 SER 102 102 ?   ?   ?   A . n 
A 1 103 MET 103 103 ?   ?   ?   A . n 
A 1 104 TYR 104 104 ?   ?   ?   A . n 
A 1 105 MET 105 105 ?   ?   ?   A . n 
A 1 106 ASN 106 106 ?   ?   ?   A . n 
A 1 107 ASP 107 107 ?   ?   ?   A . n 
A 1 108 GLY 108 108 ?   ?   ?   A . n 
A 1 109 TYR 109 109 ?   ?   ?   A . n 
A 1 110 ALA 110 110 ?   ?   ?   A . n 
A 1 111 PRO 111 111 ?   ?   ?   A . n 
A 1 112 PRO 112 112 ?   ?   ?   A . n 
A 1 113 ASP 113 113 ?   ?   ?   A . n 
A 1 114 ILE 114 114 ?   ?   ?   A . n 
A 1 115 THR 115 115 ?   ?   ?   A . n 
A 1 116 ASN 116 116 ?   ?   ?   A . n 
A 1 117 SER 117 117 ?   ?   ?   A . n 
B 2 1   GLY 1   1   ?   ?   ?   B . n 
B 2 2   PRO 2   2   ?   ?   ?   B . n 
B 2 3   LEU 3   3   ?   ?   ?   B . n 
B 2 4   GLY 4   4   ?   ?   ?   B . n 
B 2 5   SER 5   5   ?   ?   ?   B . n 
B 2 6   LYS 6   6   ?   ?   ?   B . n 
B 2 7   PRO 7   7   ?   ?   ?   B . n 
B 2 8   VAL 8   8   ?   ?   ?   B . n 
B 2 9   SER 9   9   ?   ?   ?   B . n 
B 2 10  GLU 10  10  ?   ?   ?   B . n 
B 2 11  MET 11  11  11  MET MET B . n 
B 2 12  ILE 12  12  12  ILE ILE B . n 
B 2 13  MET 13  13  13  MET MET B . n 
B 2 14  GLU 14  14  14  GLU GLU B . n 
B 2 15  ILE 15  15  15  ILE ILE B . n 
B 2 16  LYS 16  16  16  LYS LYS B . n 
B 2 17  LEU 17  17  17  LEU LEU B . n 
B 2 18  ILE 18  18  18  ILE ILE B . n 
B 2 19  LYS 19  19  19  LYS LYS B . n 
B 2 20  GLY 20  20  20  GLY GLY B . n 
B 2 21  PRO 21  21  21  PRO PRO B . n 
B 2 22  LYS 22  22  22  LYS LYS B . n 
B 2 23  GLY 23  23  23  GLY GLY B . n 
B 2 24  LEU 24  24  24  LEU LEU B . n 
B 2 25  GLY 25  25  25  GLY GLY B . n 
B 2 26  PHE 26  26  26  PHE PHE B . n 
B 2 27  SER 27  27  27  SER SER B . n 
B 2 28  ILE 28  28  28  ILE ILE B . n 
B 2 29  ALA 29  29  29  ALA ALA B . n 
B 2 30  GLY 30  30  30  GLY GLY B . n 
B 2 31  GLY 31  31  31  GLY GLY B . n 
B 2 32  VAL 32  32  32  VAL VAL B . n 
B 2 33  GLY 33  33  33  GLY GLY B . n 
B 2 34  ASN 34  34  34  ASN ASN B . n 
B 2 35  GLN 35  35  35  GLN GLN B . n 
B 2 36  HIS 36  36  36  HIS HIS B . n 
B 2 37  ILE 37  37  37  ILE ILE B . n 
B 2 38  PRO 38  38  38  PRO PRO B . n 
B 2 39  GLY 39  39  39  GLY GLY B . n 
B 2 40  ASP 40  40  40  ASP ASP B . n 
B 2 41  ASN 41  41  41  ASN ASN B . n 
B 2 42  SER 42  42  42  SER SER B . n 
B 2 43  ILE 43  43  43  ILE ILE B . n 
B 2 44  TYR 44  44  44  TYR TYR B . n 
B 2 45  VAL 45  45  45  VAL VAL B . n 
B 2 46  THR 46  46  46  THR THR B . n 
B 2 47  LYS 47  47  47  LYS LYS B . n 
B 2 48  ILE 48  48  48  ILE ILE B . n 
B 2 49  ILE 49  49  49  ILE ILE B . n 
B 2 50  GLU 50  50  50  GLU GLU B . n 
B 2 51  GLY 51  51  51  GLY GLY B . n 
B 2 52  GLY 52  52  52  GLY GLY B . n 
B 2 53  ALA 53  53  53  ALA ALA B . n 
B 2 54  ALA 54  54  54  ALA ALA B . n 
B 2 55  HIS 55  55  55  HIS HIS B . n 
B 2 56  LYS 56  56  56  LYS LYS B . n 
B 2 57  ASP 57  57  57  ASP ASP B . n 
B 2 58  GLY 58  58  58  GLY GLY B . n 
B 2 59  LYS 59  59  59  LYS LYS B . n 
B 2 60  LEU 60  60  60  LEU LEU B . n 
B 2 61  GLN 61  61  61  GLN GLN B . n 
B 2 62  ILE 62  62  62  ILE ILE B . n 
B 2 63  GLY 63  63  63  GLY GLY B . n 
B 2 64  ASP 64  64  64  ASP ASP B . n 
B 2 65  LYS 65  65  65  LYS LYS B . n 
B 2 66  LEU 66  66  66  LEU LEU B . n 
B 2 67  LEU 67  67  67  LEU LEU B . n 
B 2 68  ALA 68  68  68  ALA ALA B . n 
B 2 69  VAL 69  69  69  VAL VAL B . n 
B 2 70  ASN 70  70  70  ASN ASN B . n 
B 2 71  ASN 71  71  71  ASN ASN B . n 
B 2 72  VAL 72  72  72  VAL VAL B . n 
B 2 73  CYS 73  73  73  CYS CYS B . n 
B 2 74  LEU 74  74  74  LEU LEU B . n 
B 2 75  GLU 75  75  75  GLU GLU B . n 
B 2 76  GLU 76  76  76  GLU GLU B . n 
B 2 77  VAL 77  77  77  VAL VAL B . n 
B 2 78  THR 78  78  78  THR THR B . n 
B 2 79  HIS 79  79  79  HIS HIS B . n 
B 2 80  GLU 80  80  80  GLU GLU B . n 
B 2 81  GLU 81  81  81  GLU GLU B . n 
B 2 82  ALA 82  82  82  ALA ALA B . n 
B 2 83  VAL 83  83  83  VAL VAL B . n 
B 2 84  THR 84  84  84  THR THR B . n 
B 2 85  ALA 85  85  85  ALA ALA B . n 
B 2 86  LEU 86  86  86  LEU LEU B . n 
B 2 87  LYS 87  87  87  LYS LYS B . n 
B 2 88  ASN 88  88  88  ASN ASN B . n 
B 2 89  THR 89  89  89  THR THR B . n 
B 2 90  SER 90  90  90  SER SER B . n 
B 2 91  ASP 91  91  91  ASP ASP B . n 
B 2 92  PHE 92  92  92  PHE PHE B . n 
B 2 93  VAL 93  93  93  VAL VAL B . n 
B 2 94  TYR 94  94  94  TYR TYR B . n 
B 2 95  LEU 95  95  95  LEU LEU B . n 
B 2 96  LYS 96  96  96  LYS LYS B . n 
B 2 97  VAL 97  97  97  VAL VAL B . n 
B 2 98  ALA 98  98  98  ALA ALA B . n 
B 2 99  LYS 99  99  99  LYS LYS B . n 
B 2 100 PRO 100 100 ?   ?   ?   B . n 
B 2 101 THR 101 101 ?   ?   ?   B . n 
B 2 102 SER 102 102 ?   ?   ?   B . n 
B 2 103 MET 103 103 ?   ?   ?   B . n 
B 2 104 TYR 104 104 ?   ?   ?   B . n 
B 2 105 MET 105 105 ?   ?   ?   B . n 
B 2 106 ASN 106 106 ?   ?   ?   B . n 
B 2 107 ASP 107 107 ?   ?   ?   B . n 
B 2 108 GLY 108 108 ?   ?   ?   B . n 
B 2 109 TYR 109 109 ?   ?   ?   B . n 
B 2 110 ALA 110 110 ?   ?   ?   B . n 
B 2 111 PRO 111 111 ?   ?   ?   B . n 
B 2 112 PRO 112 112 ?   ?   ?   B . n 
B 2 113 ASP 113 113 ?   ?   ?   B . n 
B 2 114 ILE 114 114 ?   ?   ?   B . n 
B 2 115 THR 115 115 ?   ?   ?   B . n 
B 2 116 ASN 116 116 ?   ?   ?   B . n 
B 2 117 SER 117 117 ?   ?   ?   B . n 
C 3 1   GLU 1   208 208 GLU GLU C . n 
C 3 2   THR 2   209 209 THR THR C . n 
C 3 3   GLU 3   210 210 GLU GLU C . n 
C 3 4   VAL 4   211 211 VAL VAL C . n 
D 3 1   GLU 1   208 208 GLU GLU D . n 
D 3 2   THR 2   209 209 THR THR D . n 
D 3 3   GLU 3   210 210 GLU GLU D . n 
D 3 4   VAL 4   211 211 VAL VAL D . n 
# 
loop_
_pdbx_nonpoly_scheme.asym_id 
_pdbx_nonpoly_scheme.entity_id 
_pdbx_nonpoly_scheme.mon_id 
_pdbx_nonpoly_scheme.ndb_seq_num 
_pdbx_nonpoly_scheme.pdb_seq_num 
_pdbx_nonpoly_scheme.auth_seq_num 
_pdbx_nonpoly_scheme.pdb_mon_id 
_pdbx_nonpoly_scheme.auth_mon_id 
_pdbx_nonpoly_scheme.pdb_strand_id 
_pdbx_nonpoly_scheme.pdb_ins_code 
E 4 HOH 1  201 1  HOH HOH A . 
E 4 HOH 2  202 19 HOH HOH A . 
E 4 HOH 3  203 7  HOH HOH A . 
E 4 HOH 4  204 11 HOH HOH A . 
E 4 HOH 5  205 13 HOH HOH A . 
E 4 HOH 6  206 17 HOH HOH A . 
E 4 HOH 7  207 18 HOH HOH A . 
E 4 HOH 8  208 14 HOH HOH A . 
E 4 HOH 9  209 15 HOH HOH A . 
E 4 HOH 10 210 2  HOH HOH A . 
F 4 HOH 1  201 3  HOH HOH B . 
F 4 HOH 2  202 5  HOH HOH B . 
F 4 HOH 3  203 9  HOH HOH B . 
F 4 HOH 4  204 4  HOH HOH B . 
F 4 HOH 5  205 16 HOH HOH B . 
F 4 HOH 6  206 8  HOH HOH B . 
F 4 HOH 7  207 12 HOH HOH B . 
G 4 HOH 1  301 6  HOH HOH C . 
H 4 HOH 1  301 10 HOH HOH D . 
# 
loop_
_pdbx_unobs_or_zero_occ_atoms.id 
_pdbx_unobs_or_zero_occ_atoms.PDB_model_num 
_pdbx_unobs_or_zero_occ_atoms.polymer_flag 
_pdbx_unobs_or_zero_occ_atoms.occupancy_flag 
_pdbx_unobs_or_zero_occ_atoms.auth_asym_id 
_pdbx_unobs_or_zero_occ_atoms.auth_comp_id 
_pdbx_unobs_or_zero_occ_atoms.auth_seq_id 
_pdbx_unobs_or_zero_occ_atoms.PDB_ins_code 
_pdbx_unobs_or_zero_occ_atoms.auth_atom_id 
_pdbx_unobs_or_zero_occ_atoms.label_alt_id 
_pdbx_unobs_or_zero_occ_atoms.label_asym_id 
_pdbx_unobs_or_zero_occ_atoms.label_comp_id 
_pdbx_unobs_or_zero_occ_atoms.label_seq_id 
_pdbx_unobs_or_zero_occ_atoms.label_atom_id 
1  1 Y 1 A GLU 14 ? CG  ? A GLU 14 CG  
2  1 Y 1 A GLU 14 ? CD  ? A GLU 14 CD  
3  1 Y 1 A GLU 14 ? OE1 ? A GLU 14 OE1 
4  1 Y 1 A GLU 14 ? OE2 ? A GLU 14 OE2 
5  1 Y 1 A LYS 16 ? CG  ? A LYS 16 CG  
6  1 Y 1 A LYS 16 ? CD  ? A LYS 16 CD  
7  1 Y 1 A LYS 16 ? CE  ? A LYS 16 CE  
8  1 Y 1 A LYS 16 ? NZ  ? A LYS 16 NZ  
9  1 Y 1 A LYS 19 ? CG  ? A LYS 19 CG  
10 1 Y 1 A LYS 19 ? CD  ? A LYS 19 CD  
11 1 Y 1 A LYS 19 ? CE  ? A LYS 19 CE  
12 1 Y 1 A LYS 19 ? NZ  ? A LYS 19 NZ  
13 1 Y 1 A LYS 22 ? CB  ? A LYS 22 CB  
14 1 Y 1 A LYS 22 ? CG  ? A LYS 22 CG  
15 1 Y 1 A LYS 22 ? CD  ? A LYS 22 CD  
16 1 Y 1 A LYS 22 ? CE  ? A LYS 22 CE  
17 1 Y 1 A LYS 22 ? NZ  ? A LYS 22 NZ  
18 1 Y 1 A LYS 56 ? CG  ? A LYS 56 CG  
19 1 Y 1 A LYS 56 ? CD  ? A LYS 56 CD  
20 1 Y 1 A LYS 56 ? CE  ? A LYS 56 CE  
21 1 Y 1 A LYS 56 ? NZ  ? A LYS 56 NZ  
22 1 Y 1 A LYS 59 ? CG  ? A LYS 59 CG  
23 1 Y 1 A LYS 59 ? CD  ? A LYS 59 CD  
24 1 Y 1 A LYS 59 ? CE  ? A LYS 59 CE  
25 1 Y 1 A LYS 59 ? NZ  ? A LYS 59 NZ  
26 1 Y 1 A ASP 91 ? CG  ? A ASP 91 CG  
27 1 Y 1 A ASP 91 ? OD1 ? A ASP 91 OD1 
28 1 Y 1 A ASP 91 ? OD2 ? A ASP 91 OD2 
29 1 Y 1 A TYR 94 ? CG  ? A TYR 94 CG  
30 1 Y 1 A TYR 94 ? CD1 ? A TYR 94 CD1 
31 1 Y 1 A TYR 94 ? CD2 ? A TYR 94 CD2 
32 1 Y 1 A TYR 94 ? CE1 ? A TYR 94 CE1 
33 1 Y 1 A TYR 94 ? CE2 ? A TYR 94 CE2 
34 1 Y 1 A TYR 94 ? CZ  ? A TYR 94 CZ  
35 1 Y 1 A TYR 94 ? OH  ? A TYR 94 OH  
36 1 Y 1 B LYS 22 ? CB  ? B LYS 22 CB  
37 1 Y 1 B LYS 22 ? CG  ? B LYS 22 CG  
38 1 Y 1 B LYS 22 ? CD  ? B LYS 22 CD  
39 1 Y 1 B LYS 22 ? CE  ? B LYS 22 CE  
40 1 Y 1 B LYS 22 ? NZ  ? B LYS 22 NZ  
41 1 Y 1 B LYS 47 ? CG  ? B LYS 47 CG  
42 1 Y 1 B LYS 47 ? CD  ? B LYS 47 CD  
43 1 Y 1 B LYS 47 ? CE  ? B LYS 47 CE  
44 1 Y 1 B LYS 47 ? NZ  ? B LYS 47 NZ  
45 1 Y 1 B LYS 56 ? CG  ? B LYS 56 CG  
46 1 Y 1 B LYS 56 ? CD  ? B LYS 56 CD  
47 1 Y 1 B LYS 56 ? CE  ? B LYS 56 CE  
48 1 Y 1 B LYS 56 ? NZ  ? B LYS 56 NZ  
49 1 Y 1 B TYR 94 ? CG  ? B TYR 94 CG  
50 1 Y 1 B TYR 94 ? CD1 ? B TYR 94 CD1 
51 1 Y 1 B TYR 94 ? CD2 ? B TYR 94 CD2 
52 1 Y 1 B TYR 94 ? CE1 ? B TYR 94 CE1 
53 1 Y 1 B TYR 94 ? CE2 ? B TYR 94 CE2 
54 1 Y 1 B TYR 94 ? CZ  ? B TYR 94 CZ  
55 1 Y 1 B TYR 94 ? OH  ? B TYR 94 OH  
# 
loop_
_software.citation_id 
_software.classification 
_software.compiler_name 
_software.compiler_version 
_software.contact_author 
_software.contact_author_email 
_software.date 
_software.description 
_software.dependencies 
_software.hardware 
_software.language 
_software.location 
_software.mods 
_software.name 
_software.os 
_software.os_version 
_software.type 
_software.version 
_software.pdbx_ordinal 
? 'data reduction' ? ? ? ? ? ? ? ? ? ? ? XDS     ? ? ? . 1 
? 'data scaling'   ? ? ? ? ? ? ? ? ? ? ? Aimless ? ? ? . 2 
? phasing          ? ? ? ? ? ? ? ? ? ? ? PHASER  ? ? ? . 3 
? refinement       ? ? ? ? ? ? ? ? ? ? ? BUSTER  ? ? ? . 4 
? 'model building' ? ? ? ? ? ? ? ? ? ? ? Coot    ? ? ? . 5 
# 
_cell.angle_alpha                  90.000 
_cell.angle_alpha_esd              ? 
_cell.angle_beta                   93.330 
_cell.angle_beta_esd               ? 
_cell.angle_gamma                  90.000 
_cell.angle_gamma_esd              ? 
_cell.entry_id                     8CN3 
_cell.details                      ? 
_cell.formula_units_Z              ? 
_cell.length_a                     33.349 
_cell.length_a_esd                 ? 
_cell.length_b                     53.569 
_cell.length_b_esd                 ? 
_cell.length_c                     61.129 
_cell.length_c_esd                 ? 
_cell.volume                       109020.894 
_cell.volume_esd                   ? 
_cell.Z_PDB                        4 
_cell.reciprocal_angle_alpha       ? 
_cell.reciprocal_angle_beta        ? 
_cell.reciprocal_angle_gamma       ? 
_cell.reciprocal_angle_alpha_esd   ? 
_cell.reciprocal_angle_beta_esd    ? 
_cell.reciprocal_angle_gamma_esd   ? 
_cell.reciprocal_length_a          ? 
_cell.reciprocal_length_b          ? 
_cell.reciprocal_length_c          ? 
_cell.reciprocal_length_a_esd      ? 
_cell.reciprocal_length_b_esd      ? 
_cell.reciprocal_length_c_esd      ? 
_cell.pdbx_unique_axis             ? 
_cell.pdbx_esd_method              ? 
# 
_symmetry.entry_id                         8CN3 
_symmetry.cell_setting                     ? 
_symmetry.Int_Tables_number                4 
_symmetry.space_group_name_Hall            'P 2yb' 
_symmetry.space_group_name_H-M             'P 1 21 1' 
_symmetry.pdbx_full_space_group_name_H-M   ? 
# 
_exptl.absorpt_coefficient_mu     ? 
_exptl.absorpt_correction_T_max   ? 
_exptl.absorpt_correction_T_min   ? 
_exptl.absorpt_correction_type    ? 
_exptl.absorpt_process_details    ? 
_exptl.entry_id                   8CN3 
_exptl.crystals_number            1 
_exptl.details                    ? 
_exptl.method                     'X-RAY DIFFRACTION' 
_exptl.method_details             ? 
# 
_exptl_crystal.colour                       ? 
_exptl_crystal.density_diffrn               ? 
_exptl_crystal.density_Matthews             2.12 
_exptl_crystal.density_method               ? 
_exptl_crystal.density_percent_sol          41.97 
_exptl_crystal.description                  ? 
_exptl_crystal.F_000                        ? 
_exptl_crystal.id                           1 
_exptl_crystal.preparation                  ? 
_exptl_crystal.size_max                     ? 
_exptl_crystal.size_mid                     ? 
_exptl_crystal.size_min                     ? 
_exptl_crystal.size_rad                     ? 
_exptl_crystal.colour_lustre                ? 
_exptl_crystal.colour_modifier              ? 
_exptl_crystal.colour_primary               ? 
_exptl_crystal.density_meas                 ? 
_exptl_crystal.density_meas_esd             ? 
_exptl_crystal.density_meas_gt              ? 
_exptl_crystal.density_meas_lt              ? 
_exptl_crystal.density_meas_temp            ? 
_exptl_crystal.density_meas_temp_esd        ? 
_exptl_crystal.density_meas_temp_gt         ? 
_exptl_crystal.density_meas_temp_lt         ? 
_exptl_crystal.pdbx_crystal_image_url       ? 
_exptl_crystal.pdbx_crystal_image_format    ? 
_exptl_crystal.pdbx_mosaicity               ? 
_exptl_crystal.pdbx_mosaicity_esd           ? 
_exptl_crystal.pdbx_mosaic_method           ? 
_exptl_crystal.pdbx_mosaic_block_size       ? 
_exptl_crystal.pdbx_mosaic_block_size_esd   ? 
# 
_exptl_crystal_grow.apparatus       ? 
_exptl_crystal_grow.atmosphere      ? 
_exptl_crystal_grow.crystal_id      1 
_exptl_crystal_grow.details         ? 
_exptl_crystal_grow.method          'VAPOR DIFFUSION, SITTING DROP' 
_exptl_crystal_grow.method_ref      ? 
_exptl_crystal_grow.pH              ? 
_exptl_crystal_grow.pressure        ? 
_exptl_crystal_grow.pressure_esd    ? 
_exptl_crystal_grow.seeding         ? 
_exptl_crystal_grow.seeding_ref     ? 
_exptl_crystal_grow.temp_details    ? 
_exptl_crystal_grow.temp_esd        ? 
_exptl_crystal_grow.time            ? 
_exptl_crystal_grow.pdbx_details    '0.1 M Bis-Tris pH 5.5, 0.075M (NH4)2SO4, 24% PEG3350' 
_exptl_crystal_grow.pdbx_pH_range   ? 
_exptl_crystal_grow.temp            293.15 
# 
_diffrn.ambient_environment              ? 
_diffrn.ambient_temp                     100 
_diffrn.ambient_temp_details             ? 
_diffrn.ambient_temp_esd                 ? 
_diffrn.crystal_id                       1 
_diffrn.crystal_support                  ? 
_diffrn.crystal_treatment                ? 
_diffrn.details                          ? 
_diffrn.id                               1 
_diffrn.ambient_pressure                 ? 
_diffrn.ambient_pressure_esd             ? 
_diffrn.ambient_pressure_gt              ? 
_diffrn.ambient_pressure_lt              ? 
_diffrn.ambient_temp_gt                  ? 
_diffrn.ambient_temp_lt                  ? 
_diffrn.pdbx_serial_crystal_experiment   N 
# 
_diffrn_detector.details                      ? 
_diffrn_detector.detector                     PIXEL 
_diffrn_detector.diffrn_id                    1 
_diffrn_detector.type                         'DECTRIS EIGER X 16M' 
_diffrn_detector.area_resol_mean              ? 
_diffrn_detector.dtime                        ? 
_diffrn_detector.pdbx_frames_total            ? 
_diffrn_detector.pdbx_collection_time_total   ? 
_diffrn_detector.pdbx_collection_date         2021-09-15 
_diffrn_detector.pdbx_frequency               ? 
_diffrn_detector.id                           ? 
_diffrn_detector.number_of_axes               ? 
# 
_diffrn_radiation.collimation                      ? 
_diffrn_radiation.diffrn_id                        1 
_diffrn_radiation.filter_edge                      ? 
_diffrn_radiation.inhomogeneity                    ? 
_diffrn_radiation.monochromator                    ? 
_diffrn_radiation.polarisn_norm                    ? 
_diffrn_radiation.polarisn_ratio                   ? 
_diffrn_radiation.probe                            ? 
_diffrn_radiation.type                             ? 
_diffrn_radiation.xray_symbol                      ? 
_diffrn_radiation.wavelength_id                    1 
_diffrn_radiation.pdbx_monochromatic_or_laue_m_l   M 
_diffrn_radiation.pdbx_wavelength_list             ? 
_diffrn_radiation.pdbx_wavelength                  ? 
_diffrn_radiation.pdbx_diffrn_protocol             'SINGLE WAVELENGTH' 
_diffrn_radiation.pdbx_analyzer                    ? 
_diffrn_radiation.pdbx_scattering_type             x-ray 
# 
_diffrn_radiation_wavelength.id           1 
_diffrn_radiation_wavelength.wavelength   0.98011 
_diffrn_radiation_wavelength.wt           1.0 
# 
_diffrn_source.current                     ? 
_diffrn_source.details                     ? 
_diffrn_source.diffrn_id                   1 
_diffrn_source.power                       ? 
_diffrn_source.size                        ? 
_diffrn_source.source                      SYNCHROTRON 
_diffrn_source.target                      ? 
_diffrn_source.type                        'SOLEIL BEAMLINE PROXIMA 2' 
_diffrn_source.voltage                     ? 
_diffrn_source.take-off_angle              ? 
_diffrn_source.pdbx_wavelength_list        0.98011 
_diffrn_source.pdbx_wavelength             ? 
_diffrn_source.pdbx_synchrotron_beamline   'PROXIMA 2' 
_diffrn_source.pdbx_synchrotron_site       SOLEIL 
# 
_reflns.B_iso_Wilson_estimate                          33.15 
_reflns.entry_id                                       8CN3 
_reflns.data_reduction_details                         ? 
_reflns.data_reduction_method                          ? 
_reflns.d_resolution_high                              2.706 
_reflns.d_resolution_low                               40.26 
_reflns.details                                        ? 
_reflns.limit_h_max                                    ? 
_reflns.limit_h_min                                    ? 
_reflns.limit_k_max                                    ? 
_reflns.limit_k_min                                    ? 
_reflns.limit_l_max                                    ? 
_reflns.limit_l_min                                    ? 
_reflns.number_all                                     ? 
_reflns.number_obs                                     4059 
_reflns.observed_criterion                             ? 
_reflns.observed_criterion_F_max                       ? 
_reflns.observed_criterion_F_min                       ? 
_reflns.observed_criterion_I_max                       ? 
_reflns.observed_criterion_I_min                       ? 
_reflns.observed_criterion_sigma_F                     ? 
_reflns.observed_criterion_sigma_I                     ? 
_reflns.percent_possible_obs                           90.1 
_reflns.R_free_details                                 ? 
_reflns.Rmerge_F_all                                   ? 
_reflns.Rmerge_F_obs                                   ? 
_reflns.Friedel_coverage                               ? 
_reflns.number_gt                                      ? 
_reflns.threshold_expression                           ? 
_reflns.pdbx_redundancy                                6.7 
_reflns.pdbx_netI_over_av_sigmaI                       ? 
_reflns.pdbx_netI_over_sigmaI                          5.2 
_reflns.pdbx_res_netI_over_av_sigmaI_2                 ? 
_reflns.pdbx_res_netI_over_sigmaI_2                    ? 
_reflns.pdbx_chi_squared                               ? 
_reflns.pdbx_scaling_rejects                           ? 
_reflns.pdbx_d_res_high_opt                            ? 
_reflns.pdbx_d_res_low_opt                             ? 
_reflns.pdbx_d_res_opt_method                          ? 
_reflns.phase_calculation_details                      ? 
_reflns.pdbx_Rrim_I_all                                ? 
_reflns.pdbx_Rpim_I_all                                0.089 
_reflns.pdbx_d_opt                                     ? 
_reflns.pdbx_number_measured_all                       ? 
_reflns.pdbx_diffrn_id                                 1 
_reflns.pdbx_ordinal                                   1 
_reflns.pdbx_CC_half                                   0.990 
_reflns.pdbx_CC_star                                   ? 
_reflns.pdbx_R_split                                   ? 
_reflns.pdbx_Rmerge_I_obs                              ? 
_reflns.pdbx_Rmerge_I_all                              ? 
_reflns.pdbx_Rsym_value                                ? 
_reflns.pdbx_CC_split_method                           ? 
_reflns.pdbx_aniso_diffraction_limit_axis_1_ortho[1]   ? 
_reflns.pdbx_aniso_diffraction_limit_axis_1_ortho[2]   ? 
_reflns.pdbx_aniso_diffraction_limit_axis_1_ortho[3]   ? 
_reflns.pdbx_aniso_diffraction_limit_axis_2_ortho[1]   ? 
_reflns.pdbx_aniso_diffraction_limit_axis_2_ortho[2]   ? 
_reflns.pdbx_aniso_diffraction_limit_axis_2_ortho[3]   ? 
_reflns.pdbx_aniso_diffraction_limit_axis_3_ortho[1]   ? 
_reflns.pdbx_aniso_diffraction_limit_axis_3_ortho[2]   ? 
_reflns.pdbx_aniso_diffraction_limit_axis_3_ortho[3]   ? 
_reflns.pdbx_aniso_diffraction_limit_1                 ? 
_reflns.pdbx_aniso_diffraction_limit_2                 ? 
_reflns.pdbx_aniso_diffraction_limit_3                 ? 
_reflns.pdbx_aniso_B_tensor_eigenvector_1_ortho[1]     ? 
_reflns.pdbx_aniso_B_tensor_eigenvector_1_ortho[2]     ? 
_reflns.pdbx_aniso_B_tensor_eigenvector_1_ortho[3]     ? 
_reflns.pdbx_aniso_B_tensor_eigenvector_2_ortho[1]     ? 
_reflns.pdbx_aniso_B_tensor_eigenvector_2_ortho[2]     ? 
_reflns.pdbx_aniso_B_tensor_eigenvector_2_ortho[3]     ? 
_reflns.pdbx_aniso_B_tensor_eigenvector_3_ortho[1]     ? 
_reflns.pdbx_aniso_B_tensor_eigenvector_3_ortho[2]     ? 
_reflns.pdbx_aniso_B_tensor_eigenvector_3_ortho[3]     ? 
_reflns.pdbx_aniso_B_tensor_eigenvalue_1               ? 
_reflns.pdbx_aniso_B_tensor_eigenvalue_2               ? 
_reflns.pdbx_aniso_B_tensor_eigenvalue_3               ? 
_reflns.pdbx_orthogonalization_convention              ? 
_reflns.pdbx_percent_possible_ellipsoidal              ? 
_reflns.pdbx_percent_possible_spherical                ? 
_reflns.pdbx_percent_possible_ellipsoidal_anomalous    ? 
_reflns.pdbx_percent_possible_spherical_anomalous      ? 
_reflns.pdbx_redundancy_anomalous                      ? 
_reflns.pdbx_CC_half_anomalous                         ? 
_reflns.pdbx_absDiff_over_sigma_anomalous              ? 
_reflns.pdbx_percent_possible_anomalous                ? 
_reflns.pdbx_observed_signal_threshold                 ? 
_reflns.pdbx_signal_type                               ? 
_reflns.pdbx_signal_details                            ? 
_reflns.pdbx_signal_software_id                        ? 
# 
_reflns_shell.d_res_high                                    2.706 
_reflns_shell.d_res_low                                     2.824 
_reflns_shell.meanI_over_sigI_all                           ? 
_reflns_shell.meanI_over_sigI_obs                           ? 
_reflns_shell.number_measured_all                           ? 
_reflns_shell.number_measured_obs                           ? 
_reflns_shell.number_possible                               ? 
_reflns_shell.number_unique_all                             ? 
_reflns_shell.number_unique_obs                             203 
_reflns_shell.percent_possible_obs                          ? 
_reflns_shell.Rmerge_F_all                                  ? 
_reflns_shell.Rmerge_F_obs                                  ? 
_reflns_shell.meanI_over_sigI_gt                            ? 
_reflns_shell.meanI_over_uI_all                             ? 
_reflns_shell.meanI_over_uI_gt                              ? 
_reflns_shell.number_measured_gt                            ? 
_reflns_shell.number_unique_gt                              ? 
_reflns_shell.percent_possible_gt                           ? 
_reflns_shell.Rmerge_F_gt                                   ? 
_reflns_shell.Rmerge_I_gt                                   ? 
_reflns_shell.pdbx_redundancy                               ? 
_reflns_shell.pdbx_chi_squared                              ? 
_reflns_shell.pdbx_netI_over_sigmaI_all                     ? 
_reflns_shell.pdbx_netI_over_sigmaI_obs                     ? 
_reflns_shell.pdbx_Rrim_I_all                               ? 
_reflns_shell.pdbx_Rpim_I_all                               0.367 
_reflns_shell.pdbx_rejects                                  ? 
_reflns_shell.pdbx_ordinal                                  1 
_reflns_shell.pdbx_diffrn_id                                1 
_reflns_shell.pdbx_CC_half                                  0.803 
_reflns_shell.pdbx_CC_star                                  ? 
_reflns_shell.pdbx_R_split                                  ? 
_reflns_shell.percent_possible_all                          ? 
_reflns_shell.Rmerge_I_all                                  ? 
_reflns_shell.Rmerge_I_obs                                  ? 
_reflns_shell.pdbx_Rsym_value                               ? 
_reflns_shell.pdbx_percent_possible_ellipsoidal             ? 
_reflns_shell.pdbx_percent_possible_spherical               ? 
_reflns_shell.pdbx_percent_possible_ellipsoidal_anomalous   ? 
_reflns_shell.pdbx_percent_possible_spherical_anomalous     ? 
_reflns_shell.pdbx_redundancy_anomalous                     ? 
_reflns_shell.pdbx_CC_half_anomalous                        ? 
_reflns_shell.pdbx_absDiff_over_sigma_anomalous             ? 
_reflns_shell.pdbx_percent_possible_anomalous               ? 
# 
_refine.aniso_B[1][1]                            ? 
_refine.aniso_B[1][2]                            ? 
_refine.aniso_B[1][3]                            ? 
_refine.aniso_B[2][2]                            ? 
_refine.aniso_B[2][3]                            ? 
_refine.aniso_B[3][3]                            ? 
_refine.B_iso_max                                ? 
_refine.B_iso_mean                               30.08 
_refine.B_iso_min                                ? 
_refine.correlation_coeff_Fo_to_Fc               ? 
_refine.correlation_coeff_Fo_to_Fc_free          ? 
_refine.details                                  ? 
_refine.diff_density_max                         ? 
_refine.diff_density_max_esd                     ? 
_refine.diff_density_min                         ? 
_refine.diff_density_min_esd                     ? 
_refine.diff_density_rms                         ? 
_refine.diff_density_rms_esd                     ? 
_refine.entry_id                                 8CN3 
_refine.pdbx_refine_id                           'X-RAY DIFFRACTION' 
_refine.ls_abs_structure_details                 ? 
_refine.ls_abs_structure_Flack                   ? 
_refine.ls_abs_structure_Flack_esd               ? 
_refine.ls_abs_structure_Rogers                  ? 
_refine.ls_abs_structure_Rogers_esd              ? 
_refine.ls_d_res_high                            2.71 
_refine.ls_d_res_low                             40.26 
_refine.ls_extinction_coef                       ? 
_refine.ls_extinction_coef_esd                   ? 
_refine.ls_extinction_expression                 ? 
_refine.ls_extinction_method                     ? 
_refine.ls_goodness_of_fit_all                   ? 
_refine.ls_goodness_of_fit_all_esd               ? 
_refine.ls_goodness_of_fit_obs                   ? 
_refine.ls_goodness_of_fit_obs_esd               ? 
_refine.ls_hydrogen_treatment                    ? 
_refine.ls_matrix_type                           ? 
_refine.ls_number_constraints                    ? 
_refine.ls_number_parameters                     ? 
_refine.ls_number_reflns_all                     ? 
_refine.ls_number_reflns_obs                     4053 
_refine.ls_number_reflns_R_free                  197 
_refine.ls_number_reflns_R_work                  3856 
_refine.ls_number_restraints                     ? 
_refine.ls_percent_reflns_obs                    67.73 
_refine.ls_percent_reflns_R_free                 4.86 
_refine.ls_R_factor_all                          ? 
_refine.ls_R_factor_obs                          0.1901 
_refine.ls_R_factor_R_free                       0.2591 
_refine.ls_R_factor_R_free_error                 ? 
_refine.ls_R_factor_R_free_error_details         ? 
_refine.ls_R_factor_R_work                       0.1865 
_refine.ls_R_Fsqd_factor_obs                     ? 
_refine.ls_R_I_factor_obs                        ? 
_refine.ls_redundancy_reflns_all                 ? 
_refine.ls_redundancy_reflns_obs                 ? 
_refine.ls_restrained_S_all                      ? 
_refine.ls_restrained_S_obs                      ? 
_refine.ls_shift_over_esd_max                    ? 
_refine.ls_shift_over_esd_mean                   ? 
_refine.ls_structure_factor_coef                 ? 
_refine.ls_weighting_details                     ? 
_refine.ls_weighting_scheme                      ? 
_refine.ls_wR_factor_all                         ? 
_refine.ls_wR_factor_obs                         ? 
_refine.ls_wR_factor_R_free                      ? 
_refine.ls_wR_factor_R_work                      ? 
_refine.occupancy_max                            ? 
_refine.occupancy_min                            ? 
_refine.solvent_model_details                    'FLAT BULK SOLVENT MODEL' 
_refine.solvent_model_param_bsol                 ? 
_refine.solvent_model_param_ksol                 ? 
_refine.pdbx_R_complete                          ? 
_refine.ls_R_factor_gt                           ? 
_refine.ls_goodness_of_fit_gt                    ? 
_refine.ls_goodness_of_fit_ref                   ? 
_refine.ls_shift_over_su_max                     ? 
_refine.ls_shift_over_su_max_lt                  ? 
_refine.ls_shift_over_su_mean                    ? 
_refine.ls_shift_over_su_mean_lt                 ? 
_refine.pdbx_ls_sigma_I                          ? 
_refine.pdbx_ls_sigma_F                          1.35 
_refine.pdbx_ls_sigma_Fsqd                       ? 
_refine.pdbx_data_cutoff_high_absF               ? 
_refine.pdbx_data_cutoff_high_rms_absF           ? 
_refine.pdbx_data_cutoff_low_absF                ? 
_refine.pdbx_isotropic_thermal_model             ? 
_refine.pdbx_ls_cross_valid_method               'FREE R-VALUE' 
_refine.pdbx_method_to_determine_struct          'MOLECULAR REPLACEMENT' 
_refine.pdbx_starting_model                      ? 
_refine.pdbx_stereochemistry_target_values       'GeoStd + Monomer Library + CDL v1.2' 
_refine.pdbx_R_Free_selection_details            ? 
_refine.pdbx_stereochem_target_val_spec_case     ? 
_refine.pdbx_overall_ESU_R                       ? 
_refine.pdbx_overall_ESU_R_Free                  ? 
_refine.pdbx_solvent_vdw_probe_radii             1.1000 
_refine.pdbx_solvent_ion_probe_radii             ? 
_refine.pdbx_solvent_shrinkage_radii             0.9000 
_refine.pdbx_real_space_R                        ? 
_refine.pdbx_density_correlation                 ? 
_refine.pdbx_pd_number_of_powder_patterns        ? 
_refine.pdbx_pd_number_of_points                 ? 
_refine.pdbx_pd_meas_number_of_points            ? 
_refine.pdbx_pd_proc_ls_prof_R_factor            ? 
_refine.pdbx_pd_proc_ls_prof_wR_factor           ? 
_refine.pdbx_pd_Marquardt_correlation_coeff      ? 
_refine.pdbx_pd_Fsqrd_R_factor                   ? 
_refine.pdbx_pd_ls_matrix_band_width             ? 
_refine.pdbx_overall_phase_error                 17.3182 
_refine.pdbx_overall_SU_R_free_Cruickshank_DPI   ? 
_refine.pdbx_overall_SU_R_free_Blow_DPI          ? 
_refine.pdbx_overall_SU_R_Blow_DPI               ? 
_refine.pdbx_TLS_residual_ADP_flag               ? 
_refine.pdbx_diffrn_id                           1 
_refine.overall_SU_B                             ? 
_refine.overall_SU_ML                            0.2956 
_refine.overall_SU_R_Cruickshank_DPI             ? 
_refine.overall_SU_R_free                        ? 
_refine.overall_FOM_free_R_set                   ? 
_refine.overall_FOM_work_R_set                   ? 
_refine.pdbx_average_fsc_overall                 ? 
_refine.pdbx_average_fsc_work                    ? 
_refine.pdbx_average_fsc_free                    ? 
# 
_refine_hist.pdbx_refine_id                   'X-RAY DIFFRACTION' 
_refine_hist.cycle_id                         LAST 
_refine_hist.details                          ? 
_refine_hist.d_res_high                       2.71 
_refine_hist.d_res_low                        40.26 
_refine_hist.number_atoms_solvent             19 
_refine_hist.number_atoms_total               1362 
_refine_hist.number_reflns_all                ? 
_refine_hist.number_reflns_obs                ? 
_refine_hist.number_reflns_R_free             ? 
_refine_hist.number_reflns_R_work             ? 
_refine_hist.R_factor_all                     ? 
_refine_hist.R_factor_obs                     ? 
_refine_hist.R_factor_R_free                  ? 
_refine_hist.R_factor_R_work                  ? 
_refine_hist.pdbx_number_residues_total       ? 
_refine_hist.pdbx_B_iso_mean_ligand           ? 
_refine_hist.pdbx_B_iso_mean_solvent          ? 
_refine_hist.pdbx_number_atoms_protein        1343 
_refine_hist.pdbx_number_atoms_nucleic_acid   0 
_refine_hist.pdbx_number_atoms_ligand         0 
_refine_hist.pdbx_number_atoms_lipid          ? 
_refine_hist.pdbx_number_atoms_carb           ? 
_refine_hist.pdbx_pseudo_atom_details         ? 
# 
loop_
_refine_ls_restr.pdbx_refine_id 
_refine_ls_restr.criterion 
_refine_ls_restr.dev_ideal 
_refine_ls_restr.dev_ideal_target 
_refine_ls_restr.number 
_refine_ls_restr.rejects 
_refine_ls_restr.type 
_refine_ls_restr.weight 
_refine_ls_restr.pdbx_restraint_function 
'X-RAY DIFFRACTION' ? 0.0091 ? 1363 ? f_bond_d           ? ? 
'X-RAY DIFFRACTION' ? 1.2145 ? 1846 ? f_angle_d          ? ? 
'X-RAY DIFFRACTION' ? 0.0709 ? 227  ? f_chiral_restr     ? ? 
'X-RAY DIFFRACTION' ? 0.0058 ? 240  ? f_plane_restr      ? ? 
'X-RAY DIFFRACTION' ? 6.8820 ? 189  ? f_dihedral_angle_d ? ? 
# 
_struct.entry_id                     8CN3 
_struct.title                        'hDLG1-PDZ2 in complex with a TAX1 peptide from HTLV-1' 
_struct.pdbx_model_details           ? 
_struct.pdbx_formula_weight          ? 
_struct.pdbx_formula_weight_method   ? 
_struct.pdbx_model_type_details      ? 
_struct.pdbx_CASP_flag               N 
# 
_struct_keywords.entry_id        8CN3 
_struct_keywords.text            'HTLV-1; Tax-1; hDLG1; PBM, protein protein interaction, PROTEIN BINDING' 
_struct_keywords.pdbx_keywords   'PROTEIN BINDING' 
# 
loop_
_struct_asym.id 
_struct_asym.pdbx_blank_PDB_chainid_flag 
_struct_asym.pdbx_modified 
_struct_asym.entity_id 
_struct_asym.details 
A N N 1 ? 
B N N 2 ? 
C N N 3 ? 
D N N 3 ? 
E N N 4 ? 
F N N 4 ? 
G N N 4 ? 
H N N 4 ? 
# 
loop_
_struct_ref.id 
_struct_ref.db_name 
_struct_ref.db_code 
_struct_ref.pdbx_db_accession 
_struct_ref.pdbx_db_isoform 
_struct_ref.entity_id 
_struct_ref.pdbx_seq_one_letter_code 
_struct_ref.pdbx_align_begin 
1 UNP DLG1_HUMAN Q12959 Q12959-5 1 
;KPVSEKIMEIKLIKGPKGLGFSIAGGVGNQHIPGDNSIYVTKIIEGGAAHKDGKLQIGDKLLAVNNVCLEEVTHEEAVTA
LKNTSDFVYLKVAKPTSMYMNDGYAPPDITNS
;
260 
2 UNP DLG1_HUMAN Q12959 Q12959-9 2 
;KPVSEKIMEIKLIKGPKGLGFSIAGGVGNQHIPGDNSIYVTKIIEGGAAHKDGKLQIGDKLLAVNNVCLEEVTHEEAVTA
LKNTSDFVYLKVAKPTSMYMNDGYAPPDITNS
;
195 
3 PDB 8CN3       8CN3   ?        3 ? 1   
# 
loop_
_struct_ref_seq.align_id 
_struct_ref_seq.ref_id 
_struct_ref_seq.pdbx_PDB_id_code 
_struct_ref_seq.pdbx_strand_id 
_struct_ref_seq.seq_align_beg 
_struct_ref_seq.pdbx_seq_align_beg_ins_code 
_struct_ref_seq.seq_align_end 
_struct_ref_seq.pdbx_seq_align_end_ins_code 
_struct_ref_seq.pdbx_db_accession 
_struct_ref_seq.db_align_beg 
_struct_ref_seq.pdbx_db_align_beg_ins_code 
_struct_ref_seq.db_align_end 
_struct_ref_seq.pdbx_db_align_end_ins_code 
_struct_ref_seq.pdbx_auth_seq_align_beg 
_struct_ref_seq.pdbx_auth_seq_align_end 
1 1 8CN3 A 6 ? 117 ? Q12959 260 ? 371 ? 6   117 
2 2 8CN3 B 6 ? 117 ? Q12959 195 ? 306 ? 6   117 
3 3 8CN3 C 1 ? 4   ? 8CN3   208 ? 211 ? 208 211 
4 3 8CN3 D 1 ? 4   ? 8CN3   208 ? 211 ? 208 211 
# 
loop_
_struct_ref_seq_dif.align_id 
_struct_ref_seq_dif.pdbx_pdb_id_code 
_struct_ref_seq_dif.mon_id 
_struct_ref_seq_dif.pdbx_pdb_strand_id 
_struct_ref_seq_dif.seq_num 
_struct_ref_seq_dif.pdbx_pdb_ins_code 
_struct_ref_seq_dif.pdbx_seq_db_name 
_struct_ref_seq_dif.pdbx_seq_db_accession_code 
_struct_ref_seq_dif.db_mon_id 
_struct_ref_seq_dif.pdbx_seq_db_seq_num 
_struct_ref_seq_dif.details 
_struct_ref_seq_dif.pdbx_auth_seq_num 
_struct_ref_seq_dif.pdbx_ordinal 
1 8CN3 GLY A 1  ? UNP Q12959 ?   ?   'expression tag' 1  1  
1 8CN3 PRO A 2  ? UNP Q12959 ?   ?   'expression tag' 2  2  
1 8CN3 LEU A 3  ? UNP Q12959 ?   ?   'expression tag' 3  3  
1 8CN3 GLY A 4  ? UNP Q12959 ?   ?   'expression tag' 4  4  
1 8CN3 SER A 5  ? UNP Q12959 ?   ?   'expression tag' 5  5  
2 8CN3 GLY B 1  ? UNP Q12959 ?   ?   'expression tag' 1  6  
2 8CN3 PRO B 2  ? UNP Q12959 ?   ?   'expression tag' 2  7  
2 8CN3 LEU B 3  ? UNP Q12959 ?   ?   'expression tag' 3  8  
2 8CN3 GLY B 4  ? UNP Q12959 ?   ?   'expression tag' 4  9  
2 8CN3 SER B 5  ? UNP Q12959 ?   ?   'expression tag' 5  10 
2 8CN3 MET B 11 ? UNP Q12959 LYS 200 conflict         11 11 
# 
loop_
_pdbx_struct_assembly.id 
_pdbx_struct_assembly.details 
_pdbx_struct_assembly.method_details 
_pdbx_struct_assembly.oligomeric_details 
_pdbx_struct_assembly.oligomeric_count 
1 author_and_software_defined_assembly PISA dimeric 2 
2 author_and_software_defined_assembly PISA dimeric 2 
# 
loop_
_pdbx_struct_assembly_prop.biol_id 
_pdbx_struct_assembly_prop.type 
_pdbx_struct_assembly_prop.value 
_pdbx_struct_assembly_prop.details 
1 'ABSA (A^2)' 760  ? 
1 MORE         -2   ? 
1 'SSA (A^2)'  5090 ? 
2 'ABSA (A^2)' 730  ? 
2 MORE         -3   ? 
2 'SSA (A^2)'  4960 ? 
# 
loop_
_pdbx_struct_assembly_gen.assembly_id 
_pdbx_struct_assembly_gen.oper_expression 
_pdbx_struct_assembly_gen.asym_id_list 
1 1 A,C,E,G 
2 1 B,D,F,H 
# 
_pdbx_struct_assembly_auth_evidence.id                     1 
_pdbx_struct_assembly_auth_evidence.assembly_id            1 
_pdbx_struct_assembly_auth_evidence.experimental_support   none 
_pdbx_struct_assembly_auth_evidence.details                ? 
# 
_pdbx_struct_oper_list.id                   1 
_pdbx_struct_oper_list.type                 'identity operation' 
_pdbx_struct_oper_list.name                 1_555 
_pdbx_struct_oper_list.symmetry_operation   x,y,z 
_pdbx_struct_oper_list.matrix[1][1]         1.0000000000 
_pdbx_struct_oper_list.matrix[1][2]         0.0000000000 
_pdbx_struct_oper_list.matrix[1][3]         0.0000000000 
_pdbx_struct_oper_list.vector[1]            0.0000000000 
_pdbx_struct_oper_list.matrix[2][1]         0.0000000000 
_pdbx_struct_oper_list.matrix[2][2]         1.0000000000 
_pdbx_struct_oper_list.matrix[2][3]         0.0000000000 
_pdbx_struct_oper_list.vector[2]            0.0000000000 
_pdbx_struct_oper_list.matrix[3][1]         0.0000000000 
_pdbx_struct_oper_list.matrix[3][2]         0.0000000000 
_pdbx_struct_oper_list.matrix[3][3]         1.0000000000 
_pdbx_struct_oper_list.vector[3]            0.0000000000 
# 
loop_
_struct_conf.conf_type_id 
_struct_conf.id 
_struct_conf.pdbx_PDB_helix_id 
_struct_conf.beg_label_comp_id 
_struct_conf.beg_label_asym_id 
_struct_conf.beg_label_seq_id 
_struct_conf.pdbx_beg_PDB_ins_code 
_struct_conf.end_label_comp_id 
_struct_conf.end_label_asym_id 
_struct_conf.end_label_seq_id 
_struct_conf.pdbx_end_PDB_ins_code 
_struct_conf.beg_auth_comp_id 
_struct_conf.beg_auth_asym_id 
_struct_conf.beg_auth_seq_id 
_struct_conf.end_auth_comp_id 
_struct_conf.end_auth_asym_id 
_struct_conf.end_auth_seq_id 
_struct_conf.pdbx_PDB_helix_class 
_struct_conf.details 
_struct_conf.pdbx_PDB_helix_length 
HELX_P HELX_P1 AA1 GLY A 52 ? GLY A 58 ? GLY A 52 GLY A 58 1 ? 7  
HELX_P HELX_P2 AA2 THR A 78 ? ASN A 88 ? THR A 78 ASN A 88 1 ? 11 
HELX_P HELX_P3 AA3 GLY B 52 ? GLY B 58 ? GLY B 52 GLY B 58 1 ? 7  
HELX_P HELX_P4 AA4 THR B 78 ? ASN B 88 ? THR B 78 ASN B 88 1 ? 11 
# 
_struct_conf_type.id          HELX_P 
_struct_conf_type.criteria    ? 
_struct_conf_type.reference   ? 
# 
loop_
_struct_sheet.id 
_struct_sheet.type 
_struct_sheet.number_strands 
_struct_sheet.details 
AA1 ? 4 ? 
AA2 ? 3 ? 
AA3 ? 5 ? 
# 
loop_
_struct_sheet_order.sheet_id 
_struct_sheet_order.range_id_1 
_struct_sheet_order.range_id_2 
_struct_sheet_order.offset 
_struct_sheet_order.sense 
AA1 1 2 ? anti-parallel 
AA1 2 3 ? anti-parallel 
AA1 3 4 ? anti-parallel 
AA2 1 2 ? anti-parallel 
AA2 2 3 ? anti-parallel 
AA3 1 2 ? anti-parallel 
AA3 2 3 ? anti-parallel 
AA3 3 4 ? anti-parallel 
AA3 4 5 ? anti-parallel 
# 
loop_
_struct_sheet_range.sheet_id 
_struct_sheet_range.id 
_struct_sheet_range.beg_label_comp_id 
_struct_sheet_range.beg_label_asym_id 
_struct_sheet_range.beg_label_seq_id 
_struct_sheet_range.pdbx_beg_PDB_ins_code 
_struct_sheet_range.end_label_comp_id 
_struct_sheet_range.end_label_asym_id 
_struct_sheet_range.end_label_seq_id 
_struct_sheet_range.pdbx_end_PDB_ins_code 
_struct_sheet_range.beg_auth_comp_id 
_struct_sheet_range.beg_auth_asym_id 
_struct_sheet_range.beg_auth_seq_id 
_struct_sheet_range.end_auth_comp_id 
_struct_sheet_range.end_auth_asym_id 
_struct_sheet_range.end_auth_seq_id 
AA1 1 MET A 13 ? ILE A 18 ? MET A 13  ILE A 18  
AA1 2 PHE A 92 ? ALA A 98 ? PHE A 92  ALA A 98  
AA1 3 LYS A 65 ? VAL A 69 ? LYS A 65  VAL A 69  
AA1 4 VAL A 72 ? CYS A 73 ? VAL A 72  CYS A 73  
AA2 1 ILE A 43 ? ILE A 48 ? ILE A 43  ILE A 48  
AA2 2 PHE A 26 ? GLY A 30 ? PHE A 26  GLY A 30  
AA2 3 THR C 2  ? GLU C 3  ? THR C 209 GLU C 210 
AA3 1 ILE B 12 ? ILE B 18 ? ILE B 12  ILE B 18  
AA3 2 PHE B 92 ? ALA B 98 ? PHE B 92  ALA B 98  
AA3 3 LYS B 65 ? VAL B 69 ? LYS B 65  VAL B 69  
AA3 4 ILE B 43 ? ILE B 48 ? ILE B 43  ILE B 48  
AA3 5 PHE B 26 ? ALA B 29 ? PHE B 26  ALA B 29  
# 
loop_
_pdbx_struct_sheet_hbond.sheet_id 
_pdbx_struct_sheet_hbond.range_id_1 
_pdbx_struct_sheet_hbond.range_id_2 
_pdbx_struct_sheet_hbond.range_1_label_atom_id 
_pdbx_struct_sheet_hbond.range_1_label_comp_id 
_pdbx_struct_sheet_hbond.range_1_label_asym_id 
_pdbx_struct_sheet_hbond.range_1_label_seq_id 
_pdbx_struct_sheet_hbond.range_1_PDB_ins_code 
_pdbx_struct_sheet_hbond.range_1_auth_atom_id 
_pdbx_struct_sheet_hbond.range_1_auth_comp_id 
_pdbx_struct_sheet_hbond.range_1_auth_asym_id 
_pdbx_struct_sheet_hbond.range_1_auth_seq_id 
_pdbx_struct_sheet_hbond.range_2_label_atom_id 
_pdbx_struct_sheet_hbond.range_2_label_comp_id 
_pdbx_struct_sheet_hbond.range_2_label_asym_id 
_pdbx_struct_sheet_hbond.range_2_label_seq_id 
_pdbx_struct_sheet_hbond.range_2_PDB_ins_code 
_pdbx_struct_sheet_hbond.range_2_auth_atom_id 
_pdbx_struct_sheet_hbond.range_2_auth_comp_id 
_pdbx_struct_sheet_hbond.range_2_auth_asym_id 
_pdbx_struct_sheet_hbond.range_2_auth_seq_id 
AA1 1 2 N LEU A 17 ? N LEU A 17 O VAL A 93 ? O VAL A 93  
AA1 2 3 O LYS A 96 ? O LYS A 96 N LEU A 67 ? N LEU A 67  
AA1 3 4 N VAL A 69 ? N VAL A 69 O VAL A 72 ? O VAL A 72  
AA2 1 2 O THR A 46 ? O THR A 46 N SER A 27 ? N SER A 27  
AA2 2 3 N ILE A 28 ? N ILE A 28 O THR C 2  ? O THR C 209 
AA3 1 2 N ILE B 15 ? N ILE B 15 O LEU B 95 ? O LEU B 95  
AA3 2 3 O LYS B 96 ? O LYS B 96 N LEU B 67 ? N LEU B 67  
AA3 3 4 O LEU B 66 ? O LEU B 66 N ILE B 43 ? N ILE B 43  
AA3 4 5 O TYR B 44 ? O TYR B 44 N ALA B 29 ? N ALA B 29  
# 
_pdbx_validate_close_contact.id               1 
_pdbx_validate_close_contact.PDB_model_num    1 
_pdbx_validate_close_contact.auth_atom_id_1   NE2 
_pdbx_validate_close_contact.auth_asym_id_1   A 
_pdbx_validate_close_contact.auth_comp_id_1   HIS 
_pdbx_validate_close_contact.auth_seq_id_1    79 
_pdbx_validate_close_contact.PDB_ins_code_1   ? 
_pdbx_validate_close_contact.label_alt_id_1   ? 
_pdbx_validate_close_contact.auth_atom_id_2   OG1 
_pdbx_validate_close_contact.auth_asym_id_2   C 
_pdbx_validate_close_contact.auth_comp_id_2   THR 
_pdbx_validate_close_contact.auth_seq_id_2    209 
_pdbx_validate_close_contact.PDB_ins_code_2   ? 
_pdbx_validate_close_contact.label_alt_id_2   ? 
_pdbx_validate_close_contact.dist             2.18 
# 
loop_
_pdbx_validate_torsion.id 
_pdbx_validate_torsion.PDB_model_num 
_pdbx_validate_torsion.auth_comp_id 
_pdbx_validate_torsion.auth_asym_id 
_pdbx_validate_torsion.auth_seq_id 
_pdbx_validate_torsion.PDB_ins_code 
_pdbx_validate_torsion.label_alt_id 
_pdbx_validate_torsion.phi 
_pdbx_validate_torsion.psi 
1  1 ASN A 34  ? ? -143.75 51.37   
2  1 ASP A 40  ? ? -167.35 111.45  
3  1 LYS A 47  ? ? -166.75 105.13  
4  1 ASN A 70  ? ? 47.29   -109.25 
5  1 SER A 90  ? ? -68.94  -167.53 
6  1 ASP B 40  ? ? -161.64 79.31   
7  1 ASN B 41  ? ? -69.41  18.51   
8  1 GLU B 50  ? ? -56.74  109.32  
9  1 LYS B 56  ? ? -49.24  -73.46  
10 1 ILE B 62  ? ? -36.81  131.10  
11 1 ALA B 68  ? ? -170.88 148.24  
12 1 ASN B 70  ? ? 51.39   -99.65  
13 1 ASP B 91  ? ? -64.80  12.94   
14 1 THR D 209 ? ? -178.25 104.86  
# 
loop_
_space_group_symop.id 
_space_group_symop.operation_xyz 
1 x,y,z       
2 -x,y+1/2,-z 
# 
loop_
_pdbx_unobs_or_zero_occ_residues.id 
_pdbx_unobs_or_zero_occ_residues.PDB_model_num 
_pdbx_unobs_or_zero_occ_residues.polymer_flag 
_pdbx_unobs_or_zero_occ_residues.occupancy_flag 
_pdbx_unobs_or_zero_occ_residues.auth_asym_id 
_pdbx_unobs_or_zero_occ_residues.auth_comp_id 
_pdbx_unobs_or_zero_occ_residues.auth_seq_id 
_pdbx_unobs_or_zero_occ_residues.PDB_ins_code 
_pdbx_unobs_or_zero_occ_residues.label_asym_id 
_pdbx_unobs_or_zero_occ_residues.label_comp_id 
_pdbx_unobs_or_zero_occ_residues.label_seq_id 
1  1 Y 1 A GLY 1   ? A GLY 1   
2  1 Y 1 A PRO 2   ? A PRO 2   
3  1 Y 1 A LEU 3   ? A LEU 3   
4  1 Y 1 A GLY 4   ? A GLY 4   
5  1 Y 1 A SER 5   ? A SER 5   
6  1 Y 1 A LYS 6   ? A LYS 6   
7  1 Y 1 A PRO 7   ? A PRO 7   
8  1 Y 1 A VAL 8   ? A VAL 8   
9  1 Y 1 A SER 9   ? A SER 9   
10 1 Y 1 A GLU 10  ? A GLU 10  
11 1 Y 1 A LYS 11  ? A LYS 11  
12 1 Y 1 A SER 102 ? A SER 102 
13 1 Y 1 A MET 103 ? A MET 103 
14 1 Y 1 A TYR 104 ? A TYR 104 
15 1 Y 1 A MET 105 ? A MET 105 
16 1 Y 1 A ASN 106 ? A ASN 106 
17 1 Y 1 A ASP 107 ? A ASP 107 
18 1 Y 1 A GLY 108 ? A GLY 108 
19 1 Y 1 A TYR 109 ? A TYR 109 
20 1 Y 1 A ALA 110 ? A ALA 110 
21 1 Y 1 A PRO 111 ? A PRO 111 
22 1 Y 1 A PRO 112 ? A PRO 112 
23 1 Y 1 A ASP 113 ? A ASP 113 
24 1 Y 1 A ILE 114 ? A ILE 114 
25 1 Y 1 A THR 115 ? A THR 115 
26 1 Y 1 A ASN 116 ? A ASN 116 
27 1 Y 1 A SER 117 ? A SER 117 
28 1 Y 1 B GLY 1   ? B GLY 1   
29 1 Y 1 B PRO 2   ? B PRO 2   
30 1 Y 1 B LEU 3   ? B LEU 3   
31 1 Y 1 B GLY 4   ? B GLY 4   
32 1 Y 1 B SER 5   ? B SER 5   
33 1 Y 1 B LYS 6   ? B LYS 6   
34 1 Y 1 B PRO 7   ? B PRO 7   
35 1 Y 1 B VAL 8   ? B VAL 8   
36 1 Y 1 B SER 9   ? B SER 9   
37 1 Y 1 B GLU 10  ? B GLU 10  
38 1 Y 1 B PRO 100 ? B PRO 100 
39 1 Y 1 B THR 101 ? B THR 101 
40 1 Y 1 B SER 102 ? B SER 102 
41 1 Y 1 B MET 103 ? B MET 103 
42 1 Y 1 B TYR 104 ? B TYR 104 
43 1 Y 1 B MET 105 ? B MET 105 
44 1 Y 1 B ASN 106 ? B ASN 106 
45 1 Y 1 B ASP 107 ? B ASP 107 
46 1 Y 1 B GLY 108 ? B GLY 108 
47 1 Y 1 B TYR 109 ? B TYR 109 
48 1 Y 1 B ALA 110 ? B ALA 110 
49 1 Y 1 B PRO 111 ? B PRO 111 
50 1 Y 1 B PRO 112 ? B PRO 112 
51 1 Y 1 B ASP 113 ? B ASP 113 
52 1 Y 1 B ILE 114 ? B ILE 114 
53 1 Y 1 B THR 115 ? B THR 115 
54 1 Y 1 B ASN 116 ? B ASN 116 
55 1 Y 1 B SER 117 ? B SER 117 
# 
loop_
_chem_comp_atom.comp_id 
_chem_comp_atom.atom_id 
_chem_comp_atom.type_symbol 
_chem_comp_atom.pdbx_aromatic_flag 
_chem_comp_atom.pdbx_stereo_config 
_chem_comp_atom.pdbx_ordinal 
ALA N    N N N 1   
ALA CA   C N S 2   
ALA C    C N N 3   
ALA O    O N N 4   
ALA CB   C N N 5   
ALA OXT  O N N 6   
ALA H    H N N 7   
ALA H2   H N N 8   
ALA HA   H N N 9   
ALA HB1  H N N 10  
ALA HB2  H N N 11  
ALA HB3  H N N 12  
ALA HXT  H N N 13  
ASN N    N N N 14  
ASN CA   C N S 15  
ASN C    C N N 16  
ASN O    O N N 17  
ASN CB   C N N 18  
ASN CG   C N N 19  
ASN OD1  O N N 20  
ASN ND2  N N N 21  
ASN OXT  O N N 22  
ASN H    H N N 23  
ASN H2   H N N 24  
ASN HA   H N N 25  
ASN HB2  H N N 26  
ASN HB3  H N N 27  
ASN HD21 H N N 28  
ASN HD22 H N N 29  
ASN HXT  H N N 30  
ASP N    N N N 31  
ASP CA   C N S 32  
ASP C    C N N 33  
ASP O    O N N 34  
ASP CB   C N N 35  
ASP CG   C N N 36  
ASP OD1  O N N 37  
ASP OD2  O N N 38  
ASP OXT  O N N 39  
ASP H    H N N 40  
ASP H2   H N N 41  
ASP HA   H N N 42  
ASP HB2  H N N 43  
ASP HB3  H N N 44  
ASP HD2  H N N 45  
ASP HXT  H N N 46  
CYS N    N N N 47  
CYS CA   C N R 48  
CYS C    C N N 49  
CYS O    O N N 50  
CYS CB   C N N 51  
CYS SG   S N N 52  
CYS OXT  O N N 53  
CYS H    H N N 54  
CYS H2   H N N 55  
CYS HA   H N N 56  
CYS HB2  H N N 57  
CYS HB3  H N N 58  
CYS HG   H N N 59  
CYS HXT  H N N 60  
GLN N    N N N 61  
GLN CA   C N S 62  
GLN C    C N N 63  
GLN O    O N N 64  
GLN CB   C N N 65  
GLN CG   C N N 66  
GLN CD   C N N 67  
GLN OE1  O N N 68  
GLN NE2  N N N 69  
GLN OXT  O N N 70  
GLN H    H N N 71  
GLN H2   H N N 72  
GLN HA   H N N 73  
GLN HB2  H N N 74  
GLN HB3  H N N 75  
GLN HG2  H N N 76  
GLN HG3  H N N 77  
GLN HE21 H N N 78  
GLN HE22 H N N 79  
GLN HXT  H N N 80  
GLU N    N N N 81  
GLU CA   C N S 82  
GLU C    C N N 83  
GLU O    O N N 84  
GLU CB   C N N 85  
GLU CG   C N N 86  
GLU CD   C N N 87  
GLU OE1  O N N 88  
GLU OE2  O N N 89  
GLU OXT  O N N 90  
GLU H    H N N 91  
GLU H2   H N N 92  
GLU HA   H N N 93  
GLU HB2  H N N 94  
GLU HB3  H N N 95  
GLU HG2  H N N 96  
GLU HG3  H N N 97  
GLU HE2  H N N 98  
GLU HXT  H N N 99  
GLY N    N N N 100 
GLY CA   C N N 101 
GLY C    C N N 102 
GLY O    O N N 103 
GLY OXT  O N N 104 
GLY H    H N N 105 
GLY H2   H N N 106 
GLY HA2  H N N 107 
GLY HA3  H N N 108 
GLY HXT  H N N 109 
HIS N    N N N 110 
HIS CA   C N S 111 
HIS C    C N N 112 
HIS O    O N N 113 
HIS CB   C N N 114 
HIS CG   C Y N 115 
HIS ND1  N Y N 116 
HIS CD2  C Y N 117 
HIS CE1  C Y N 118 
HIS NE2  N Y N 119 
HIS OXT  O N N 120 
HIS H    H N N 121 
HIS H2   H N N 122 
HIS HA   H N N 123 
HIS HB2  H N N 124 
HIS HB3  H N N 125 
HIS HD1  H N N 126 
HIS HD2  H N N 127 
HIS HE1  H N N 128 
HIS HE2  H N N 129 
HIS HXT  H N N 130 
HOH O    O N N 131 
HOH H1   H N N 132 
HOH H2   H N N 133 
ILE N    N N N 134 
ILE CA   C N S 135 
ILE C    C N N 136 
ILE O    O N N 137 
ILE CB   C N S 138 
ILE CG1  C N N 139 
ILE CG2  C N N 140 
ILE CD1  C N N 141 
ILE OXT  O N N 142 
ILE H    H N N 143 
ILE H2   H N N 144 
ILE HA   H N N 145 
ILE HB   H N N 146 
ILE HG12 H N N 147 
ILE HG13 H N N 148 
ILE HG21 H N N 149 
ILE HG22 H N N 150 
ILE HG23 H N N 151 
ILE HD11 H N N 152 
ILE HD12 H N N 153 
ILE HD13 H N N 154 
ILE HXT  H N N 155 
LEU N    N N N 156 
LEU CA   C N S 157 
LEU C    C N N 158 
LEU O    O N N 159 
LEU CB   C N N 160 
LEU CG   C N N 161 
LEU CD1  C N N 162 
LEU CD2  C N N 163 
LEU OXT  O N N 164 
LEU H    H N N 165 
LEU H2   H N N 166 
LEU HA   H N N 167 
LEU HB2  H N N 168 
LEU HB3  H N N 169 
LEU HG   H N N 170 
LEU HD11 H N N 171 
LEU HD12 H N N 172 
LEU HD13 H N N 173 
LEU HD21 H N N 174 
LEU HD22 H N N 175 
LEU HD23 H N N 176 
LEU HXT  H N N 177 
LYS N    N N N 178 
LYS CA   C N S 179 
LYS C    C N N 180 
LYS O    O N N 181 
LYS CB   C N N 182 
LYS CG   C N N 183 
LYS CD   C N N 184 
LYS CE   C N N 185 
LYS NZ   N N N 186 
LYS OXT  O N N 187 
LYS H    H N N 188 
LYS H2   H N N 189 
LYS HA   H N N 190 
LYS HB2  H N N 191 
LYS HB3  H N N 192 
LYS HG2  H N N 193 
LYS HG3  H N N 194 
LYS HD2  H N N 195 
LYS HD3  H N N 196 
LYS HE2  H N N 197 
LYS HE3  H N N 198 
LYS HZ1  H N N 199 
LYS HZ2  H N N 200 
LYS HZ3  H N N 201 
LYS HXT  H N N 202 
MET N    N N N 203 
MET CA   C N S 204 
MET C    C N N 205 
MET O    O N N 206 
MET CB   C N N 207 
MET CG   C N N 208 
MET SD   S N N 209 
MET CE   C N N 210 
MET OXT  O N N 211 
MET H    H N N 212 
MET H2   H N N 213 
MET HA   H N N 214 
MET HB2  H N N 215 
MET HB3  H N N 216 
MET HG2  H N N 217 
MET HG3  H N N 218 
MET HE1  H N N 219 
MET HE2  H N N 220 
MET HE3  H N N 221 
MET HXT  H N N 222 
PHE N    N N N 223 
PHE CA   C N S 224 
PHE C    C N N 225 
PHE O    O N N 226 
PHE CB   C N N 227 
PHE CG   C Y N 228 
PHE CD1  C Y N 229 
PHE CD2  C Y N 230 
PHE CE1  C Y N 231 
PHE CE2  C Y N 232 
PHE CZ   C Y N 233 
PHE OXT  O N N 234 
PHE H    H N N 235 
PHE H2   H N N 236 
PHE HA   H N N 237 
PHE HB2  H N N 238 
PHE HB3  H N N 239 
PHE HD1  H N N 240 
PHE HD2  H N N 241 
PHE HE1  H N N 242 
PHE HE2  H N N 243 
PHE HZ   H N N 244 
PHE HXT  H N N 245 
PRO N    N N N 246 
PRO CA   C N S 247 
PRO C    C N N 248 
PRO O    O N N 249 
PRO CB   C N N 250 
PRO CG   C N N 251 
PRO CD   C N N 252 
PRO OXT  O N N 253 
PRO H    H N N 254 
PRO HA   H N N 255 
PRO HB2  H N N 256 
PRO HB3  H N N 257 
PRO HG2  H N N 258 
PRO HG3  H N N 259 
PRO HD2  H N N 260 
PRO HD3  H N N 261 
PRO HXT  H N N 262 
SER N    N N N 263 
SER CA   C N S 264 
SER C    C N N 265 
SER O    O N N 266 
SER CB   C N N 267 
SER OG   O N N 268 
SER OXT  O N N 269 
SER H    H N N 270 
SER H2   H N N 271 
SER HA   H N N 272 
SER HB2  H N N 273 
SER HB3  H N N 274 
SER HG   H N N 275 
SER HXT  H N N 276 
THR N    N N N 277 
THR CA   C N S 278 
THR C    C N N 279 
THR O    O N N 280 
THR CB   C N R 281 
THR OG1  O N N 282 
THR CG2  C N N 283 
THR OXT  O N N 284 
THR H    H N N 285 
THR H2   H N N 286 
THR HA   H N N 287 
THR HB   H N N 288 
THR HG1  H N N 289 
THR HG21 H N N 290 
THR HG22 H N N 291 
THR HG23 H N N 292 
THR HXT  H N N 293 
TYR N    N N N 294 
TYR CA   C N S 295 
TYR C    C N N 296 
TYR O    O N N 297 
TYR CB   C N N 298 
TYR CG   C Y N 299 
TYR CD1  C Y N 300 
TYR CD2  C Y N 301 
TYR CE1  C Y N 302 
TYR CE2  C Y N 303 
TYR CZ   C Y N 304 
TYR OH   O N N 305 
TYR OXT  O N N 306 
TYR H    H N N 307 
TYR H2   H N N 308 
TYR HA   H N N 309 
TYR HB2  H N N 310 
TYR HB3  H N N 311 
TYR HD1  H N N 312 
TYR HD2  H N N 313 
TYR HE1  H N N 314 
TYR HE2  H N N 315 
TYR HH   H N N 316 
TYR HXT  H N N 317 
VAL N    N N N 318 
VAL CA   C N S 319 
VAL C    C N N 320 
VAL O    O N N 321 
VAL CB   C N N 322 
VAL CG1  C N N 323 
VAL CG2  C N N 324 
VAL OXT  O N N 325 
VAL H    H N N 326 
VAL H2   H N N 327 
VAL HA   H N N 328 
VAL HB   H N N 329 
VAL HG11 H N N 330 
VAL HG12 H N N 331 
VAL HG13 H N N 332 
VAL HG21 H N N 333 
VAL HG22 H N N 334 
VAL HG23 H N N 335 
VAL HXT  H N N 336 
# 
loop_
_chem_comp_bond.comp_id 
_chem_comp_bond.atom_id_1 
_chem_comp_bond.atom_id_2 
_chem_comp_bond.value_order 
_chem_comp_bond.pdbx_aromatic_flag 
_chem_comp_bond.pdbx_stereo_config 
_chem_comp_bond.pdbx_ordinal 
ALA N   CA   sing N N 1   
ALA N   H    sing N N 2   
ALA N   H2   sing N N 3   
ALA CA  C    sing N N 4   
ALA CA  CB   sing N N 5   
ALA CA  HA   sing N N 6   
ALA C   O    doub N N 7   
ALA C   OXT  sing N N 8   
ALA CB  HB1  sing N N 9   
ALA CB  HB2  sing N N 10  
ALA CB  HB3  sing N N 11  
ALA OXT HXT  sing N N 12  
ASN N   CA   sing N N 13  
ASN N   H    sing N N 14  
ASN N   H2   sing N N 15  
ASN CA  C    sing N N 16  
ASN CA  CB   sing N N 17  
ASN CA  HA   sing N N 18  
ASN C   O    doub N N 19  
ASN C   OXT  sing N N 20  
ASN CB  CG   sing N N 21  
ASN CB  HB2  sing N N 22  
ASN CB  HB3  sing N N 23  
ASN CG  OD1  doub N N 24  
ASN CG  ND2  sing N N 25  
ASN ND2 HD21 sing N N 26  
ASN ND2 HD22 sing N N 27  
ASN OXT HXT  sing N N 28  
ASP N   CA   sing N N 29  
ASP N   H    sing N N 30  
ASP N   H2   sing N N 31  
ASP CA  C    sing N N 32  
ASP CA  CB   sing N N 33  
ASP CA  HA   sing N N 34  
ASP C   O    doub N N 35  
ASP C   OXT  sing N N 36  
ASP CB  CG   sing N N 37  
ASP CB  HB2  sing N N 38  
ASP CB  HB3  sing N N 39  
ASP CG  OD1  doub N N 40  
ASP CG  OD2  sing N N 41  
ASP OD2 HD2  sing N N 42  
ASP OXT HXT  sing N N 43  
CYS N   CA   sing N N 44  
CYS N   H    sing N N 45  
CYS N   H2   sing N N 46  
CYS CA  C    sing N N 47  
CYS CA  CB   sing N N 48  
CYS CA  HA   sing N N 49  
CYS C   O    doub N N 50  
CYS C   OXT  sing N N 51  
CYS CB  SG   sing N N 52  
CYS CB  HB2  sing N N 53  
CYS CB  HB3  sing N N 54  
CYS SG  HG   sing N N 55  
CYS OXT HXT  sing N N 56  
GLN N   CA   sing N N 57  
GLN N   H    sing N N 58  
GLN N   H2   sing N N 59  
GLN CA  C    sing N N 60  
GLN CA  CB   sing N N 61  
GLN CA  HA   sing N N 62  
GLN C   O    doub N N 63  
GLN C   OXT  sing N N 64  
GLN CB  CG   sing N N 65  
GLN CB  HB2  sing N N 66  
GLN CB  HB3  sing N N 67  
GLN CG  CD   sing N N 68  
GLN CG  HG2  sing N N 69  
GLN CG  HG3  sing N N 70  
GLN CD  OE1  doub N N 71  
GLN CD  NE2  sing N N 72  
GLN NE2 HE21 sing N N 73  
GLN NE2 HE22 sing N N 74  
GLN OXT HXT  sing N N 75  
GLU N   CA   sing N N 76  
GLU N   H    sing N N 77  
GLU N   H2   sing N N 78  
GLU CA  C    sing N N 79  
GLU CA  CB   sing N N 80  
GLU CA  HA   sing N N 81  
GLU C   O    doub N N 82  
GLU C   OXT  sing N N 83  
GLU CB  CG   sing N N 84  
GLU CB  HB2  sing N N 85  
GLU CB  HB3  sing N N 86  
GLU CG  CD   sing N N 87  
GLU CG  HG2  sing N N 88  
GLU CG  HG3  sing N N 89  
GLU CD  OE1  doub N N 90  
GLU CD  OE2  sing N N 91  
GLU OE2 HE2  sing N N 92  
GLU OXT HXT  sing N N 93  
GLY N   CA   sing N N 94  
GLY N   H    sing N N 95  
GLY N   H2   sing N N 96  
GLY CA  C    sing N N 97  
GLY CA  HA2  sing N N 98  
GLY CA  HA3  sing N N 99  
GLY C   O    doub N N 100 
GLY C   OXT  sing N N 101 
GLY OXT HXT  sing N N 102 
HIS N   CA   sing N N 103 
HIS N   H    sing N N 104 
HIS N   H2   sing N N 105 
HIS CA  C    sing N N 106 
HIS CA  CB   sing N N 107 
HIS CA  HA   sing N N 108 
HIS C   O    doub N N 109 
HIS C   OXT  sing N N 110 
HIS CB  CG   sing N N 111 
HIS CB  HB2  sing N N 112 
HIS CB  HB3  sing N N 113 
HIS CG  ND1  sing Y N 114 
HIS CG  CD2  doub Y N 115 
HIS ND1 CE1  doub Y N 116 
HIS ND1 HD1  sing N N 117 
HIS CD2 NE2  sing Y N 118 
HIS CD2 HD2  sing N N 119 
HIS CE1 NE2  sing Y N 120 
HIS CE1 HE1  sing N N 121 
HIS NE2 HE2  sing N N 122 
HIS OXT HXT  sing N N 123 
HOH O   H1   sing N N 124 
HOH O   H2   sing N N 125 
ILE N   CA   sing N N 126 
ILE N   H    sing N N 127 
ILE N   H2   sing N N 128 
ILE CA  C    sing N N 129 
ILE CA  CB   sing N N 130 
ILE CA  HA   sing N N 131 
ILE C   O    doub N N 132 
ILE C   OXT  sing N N 133 
ILE CB  CG1  sing N N 134 
ILE CB  CG2  sing N N 135 
ILE CB  HB   sing N N 136 
ILE CG1 CD1  sing N N 137 
ILE CG1 HG12 sing N N 138 
ILE CG1 HG13 sing N N 139 
ILE CG2 HG21 sing N N 140 
ILE CG2 HG22 sing N N 141 
ILE CG2 HG23 sing N N 142 
ILE CD1 HD11 sing N N 143 
ILE CD1 HD12 sing N N 144 
ILE CD1 HD13 sing N N 145 
ILE OXT HXT  sing N N 146 
LEU N   CA   sing N N 147 
LEU N   H    sing N N 148 
LEU N   H2   sing N N 149 
LEU CA  C    sing N N 150 
LEU CA  CB   sing N N 151 
LEU CA  HA   sing N N 152 
LEU C   O    doub N N 153 
LEU C   OXT  sing N N 154 
LEU CB  CG   sing N N 155 
LEU CB  HB2  sing N N 156 
LEU CB  HB3  sing N N 157 
LEU CG  CD1  sing N N 158 
LEU CG  CD2  sing N N 159 
LEU CG  HG   sing N N 160 
LEU CD1 HD11 sing N N 161 
LEU CD1 HD12 sing N N 162 
LEU CD1 HD13 sing N N 163 
LEU CD2 HD21 sing N N 164 
LEU CD2 HD22 sing N N 165 
LEU CD2 HD23 sing N N 166 
LEU OXT HXT  sing N N 167 
LYS N   CA   sing N N 168 
LYS N   H    sing N N 169 
LYS N   H2   sing N N 170 
LYS CA  C    sing N N 171 
LYS CA  CB   sing N N 172 
LYS CA  HA   sing N N 173 
LYS C   O    doub N N 174 
LYS C   OXT  sing N N 175 
LYS CB  CG   sing N N 176 
LYS CB  HB2  sing N N 177 
LYS CB  HB3  sing N N 178 
LYS CG  CD   sing N N 179 
LYS CG  HG2  sing N N 180 
LYS CG  HG3  sing N N 181 
LYS CD  CE   sing N N 182 
LYS CD  HD2  sing N N 183 
LYS CD  HD3  sing N N 184 
LYS CE  NZ   sing N N 185 
LYS CE  HE2  sing N N 186 
LYS CE  HE3  sing N N 187 
LYS NZ  HZ1  sing N N 188 
LYS NZ  HZ2  sing N N 189 
LYS NZ  HZ3  sing N N 190 
LYS OXT HXT  sing N N 191 
MET N   CA   sing N N 192 
MET N   H    sing N N 193 
MET N   H2   sing N N 194 
MET CA  C    sing N N 195 
MET CA  CB   sing N N 196 
MET CA  HA   sing N N 197 
MET C   O    doub N N 198 
MET C   OXT  sing N N 199 
MET CB  CG   sing N N 200 
MET CB  HB2  sing N N 201 
MET CB  HB3  sing N N 202 
MET CG  SD   sing N N 203 
MET CG  HG2  sing N N 204 
MET CG  HG3  sing N N 205 
MET SD  CE   sing N N 206 
MET CE  HE1  sing N N 207 
MET CE  HE2  sing N N 208 
MET CE  HE3  sing N N 209 
MET OXT HXT  sing N N 210 
PHE N   CA   sing N N 211 
PHE N   H    sing N N 212 
PHE N   H2   sing N N 213 
PHE CA  C    sing N N 214 
PHE CA  CB   sing N N 215 
PHE CA  HA   sing N N 216 
PHE C   O    doub N N 217 
PHE C   OXT  sing N N 218 
PHE CB  CG   sing N N 219 
PHE CB  HB2  sing N N 220 
PHE CB  HB3  sing N N 221 
PHE CG  CD1  doub Y N 222 
PHE CG  CD2  sing Y N 223 
PHE CD1 CE1  sing Y N 224 
PHE CD1 HD1  sing N N 225 
PHE CD2 CE2  doub Y N 226 
PHE CD2 HD2  sing N N 227 
PHE CE1 CZ   doub Y N 228 
PHE CE1 HE1  sing N N 229 
PHE CE2 CZ   sing Y N 230 
PHE CE2 HE2  sing N N 231 
PHE CZ  HZ   sing N N 232 
PHE OXT HXT  sing N N 233 
PRO N   CA   sing N N 234 
PRO N   CD   sing N N 235 
PRO N   H    sing N N 236 
PRO CA  C    sing N N 237 
PRO CA  CB   sing N N 238 
PRO CA  HA   sing N N 239 
PRO C   O    doub N N 240 
PRO C   OXT  sing N N 241 
PRO CB  CG   sing N N 242 
PRO CB  HB2  sing N N 243 
PRO CB  HB3  sing N N 244 
PRO CG  CD   sing N N 245 
PRO CG  HG2  sing N N 246 
PRO CG  HG3  sing N N 247 
PRO CD  HD2  sing N N 248 
PRO CD  HD3  sing N N 249 
PRO OXT HXT  sing N N 250 
SER N   CA   sing N N 251 
SER N   H    sing N N 252 
SER N   H2   sing N N 253 
SER CA  C    sing N N 254 
SER CA  CB   sing N N 255 
SER CA  HA   sing N N 256 
SER C   O    doub N N 257 
SER C   OXT  sing N N 258 
SER CB  OG   sing N N 259 
SER CB  HB2  sing N N 260 
SER CB  HB3  sing N N 261 
SER OG  HG   sing N N 262 
SER OXT HXT  sing N N 263 
THR N   CA   sing N N 264 
THR N   H    sing N N 265 
THR N   H2   sing N N 266 
THR CA  C    sing N N 267 
THR CA  CB   sing N N 268 
THR CA  HA   sing N N 269 
THR C   O    doub N N 270 
THR C   OXT  sing N N 271 
THR CB  OG1  sing N N 272 
THR CB  CG2  sing N N 273 
THR CB  HB   sing N N 274 
THR OG1 HG1  sing N N 275 
THR CG2 HG21 sing N N 276 
THR CG2 HG22 sing N N 277 
THR CG2 HG23 sing N N 278 
THR OXT HXT  sing N N 279 
TYR N   CA   sing N N 280 
TYR N   H    sing N N 281 
TYR N   H2   sing N N 282 
TYR CA  C    sing N N 283 
TYR CA  CB   sing N N 284 
TYR CA  HA   sing N N 285 
TYR C   O    doub N N 286 
TYR C   OXT  sing N N 287 
TYR CB  CG   sing N N 288 
TYR CB  HB2  sing N N 289 
TYR CB  HB3  sing N N 290 
TYR CG  CD1  doub Y N 291 
TYR CG  CD2  sing Y N 292 
TYR CD1 CE1  sing Y N 293 
TYR CD1 HD1  sing N N 294 
TYR CD2 CE2  doub Y N 295 
TYR CD2 HD2  sing N N 296 
TYR CE1 CZ   doub Y N 297 
TYR CE1 HE1  sing N N 298 
TYR CE2 CZ   sing Y N 299 
TYR CE2 HE2  sing N N 300 
TYR CZ  OH   sing N N 301 
TYR OH  HH   sing N N 302 
TYR OXT HXT  sing N N 303 
VAL N   CA   sing N N 304 
VAL N   H    sing N N 305 
VAL N   H2   sing N N 306 
VAL CA  C    sing N N 307 
VAL CA  CB   sing N N 308 
VAL CA  HA   sing N N 309 
VAL C   O    doub N N 310 
VAL C   OXT  sing N N 311 
VAL CB  CG1  sing N N 312 
VAL CB  CG2  sing N N 313 
VAL CB  HB   sing N N 314 
VAL CG1 HG11 sing N N 315 
VAL CG1 HG12 sing N N 316 
VAL CG1 HG13 sing N N 317 
VAL CG2 HG21 sing N N 318 
VAL CG2 HG22 sing N N 319 
VAL CG2 HG23 sing N N 320 
VAL OXT HXT  sing N N 321 
# 
_pdbx_audit_support.funding_organization   'Fonds National de la Recherche Scientifique (FNRS)' 
_pdbx_audit_support.country                Belgium 
_pdbx_audit_support.grant_number           40011260 
_pdbx_audit_support.ordinal                1 
# 
_pdbx_initial_refinement_model.id               1 
_pdbx_initial_refinement_model.entity_id_list   ? 
_pdbx_initial_refinement_model.type             'experimental model' 
_pdbx_initial_refinement_model.source_name      PDB 
_pdbx_initial_refinement_model.accession_code   3RL7 
_pdbx_initial_refinement_model.details          ? 
# 
_space_group.name_H-M_alt     'P 1 21 1' 
_space_group.name_Hall        'P 2yb' 
_space_group.IT_number        4 
_space_group.crystal_system   monoclinic 
_space_group.id               1 
# 
_atom_sites.entry_id                    8CN3 
_atom_sites.Cartn_transf_matrix[1][1]   ? 
_atom_sites.Cartn_transf_matrix[1][2]   ? 
_atom_sites.Cartn_transf_matrix[1][3]   ? 
_atom_sites.Cartn_transf_matrix[2][1]   ? 
_atom_sites.Cartn_transf_matrix[2][2]   ? 
_atom_sites.Cartn_transf_matrix[2][3]   ? 
_atom_sites.Cartn_transf_matrix[3][1]   ? 
_atom_sites.Cartn_transf_matrix[3][2]   ? 
_atom_sites.Cartn_transf_matrix[3][3]   ? 
_atom_sites.Cartn_transf_vector[1]      ? 
_atom_sites.Cartn_transf_vector[2]      ? 
_atom_sites.Cartn_transf_vector[3]      ? 
_atom_sites.fract_transf_matrix[1][1]   -0.00103491 
_atom_sites.fract_transf_matrix[1][2]   0.01374965 
_atom_sites.fract_transf_matrix[1][3]   0.02668485 
_atom_sites.fract_transf_matrix[2][1]   0.01153704 
_atom_sites.fract_transf_matrix[2][2]   0.01322358 
_atom_sites.fract_transf_matrix[2][3]   -0.00636615 
_atom_sites.fract_transf_matrix[3][1]   -0.01288164 
_atom_sites.fract_transf_matrix[3][2]   0.00922559 
_atom_sites.fract_transf_matrix[3][3]   -0.00418158 
_atom_sites.fract_transf_vector[1]      0.659373 
_atom_sites.fract_transf_vector[2]      0.013195 
_atom_sites.fract_transf_vector[3]      0.674518 
_atom_sites.solution_primary            ? 
_atom_sites.solution_secondary          ? 
_atom_sites.solution_hydrogens          ? 
_atom_sites.special_details             ? 
# 
loop_
_atom_type.symbol 
_atom_type.scat_dispersion_real 
_atom_type.scat_dispersion_imag 
_atom_type.scat_Cromer_Mann_a1 
_atom_type.scat_Cromer_Mann_a2 
_atom_type.scat_Cromer_Mann_a3 
_atom_type.scat_Cromer_Mann_a4 
_atom_type.scat_Cromer_Mann_b1 
_atom_type.scat_Cromer_Mann_b2 
_atom_type.scat_Cromer_Mann_b3 
_atom_type.scat_Cromer_Mann_b4 
_atom_type.scat_Cromer_Mann_c 
_atom_type.scat_source 
_atom_type.scat_dispersion_source 
C ? ? 3.54356 2.42580 ? ? 25.62398 1.50364  ? ? 0.0 
;2-Gaussian fit: Grosse-Kunstleve RW, Sauter NK, Adams PD: Newsletter of the IUCr Commission on Crystallographic Computing 2004, 3, 22-31.
;
? 
N ? ? 4.01032 2.96436 ? ? 19.97189 1.75589  ? ? 0.0 
;2-Gaussian fit: Grosse-Kunstleve RW, Sauter NK, Adams PD: Newsletter of the IUCr Commission on Crystallographic Computing 2004, 3, 22-31.
;
? 
O ? ? 7.96527 ?       ? ? 9.05267  ?        ? ? 0.0 
;1-Gaussian fit: Grosse-Kunstleve RW, Sauter NK, Adams PD: Newsletter of the IUCr Commission on Crystallographic Computing 2004, 3, 22-31.
;
? 
S ? ? 9.55732 6.39887 ? ? 1.23737  29.19336 ? ? 0.0 
;2-Gaussian fit: Grosse-Kunstleve RW, Sauter NK, Adams PD: Newsletter of the IUCr Commission on Crystallographic Computing 2004, 3, 22-31.
;
? 
# 
loop_
_atom_site.group_PDB 
_atom_site.id 
_atom_site.type_symbol 
_atom_site.label_atom_id 
_atom_site.label_alt_id 
_atom_site.label_comp_id 
_atom_site.label_asym_id 
_atom_site.label_entity_id 
_atom_site.label_seq_id 
_atom_site.pdbx_PDB_ins_code 
_atom_site.Cartn_x 
_atom_site.Cartn_y 
_atom_site.Cartn_z 
_atom_site.occupancy 
_atom_site.B_iso_or_equiv 
_atom_site.pdbx_formal_charge 
_atom_site.auth_seq_id 
_atom_site.auth_comp_id 
_atom_site.auth_asym_id 
_atom_site.auth_atom_id 
_atom_site.pdbx_PDB_model_num 
ATOM   1    N N   . ILE A 1 12  ? -18.48260 4.90815   -7.29105  1.000 27.91457 ? 12  ILE A N   1 
ATOM   2    C CA  . ILE A 1 12  ? -18.06518 4.15934   -6.10343  1.000 34.47781 ? 12  ILE A CA  1 
ATOM   3    C C   . ILE A 1 12  ? -16.73499 3.41968   -6.36024  1.000 39.59362 ? 12  ILE A C   1 
ATOM   4    O O   . ILE A 1 12  ? -16.55990 2.80362   -7.40626  1.000 48.62586 ? 12  ILE A O   1 
ATOM   5    C CB  . ILE A 1 12  ? -19.19175 3.20405   -5.65232  1.000 36.29143 ? 12  ILE A CB  1 
ATOM   6    C CG1 . ILE A 1 12  ? -18.85080 2.55895   -4.31272  1.000 33.41149 ? 12  ILE A CG1 1 
ATOM   7    C CG2 . ILE A 1 12  ? -19.52277 2.16057   -6.72178  1.000 31.13740 ? 12  ILE A CG2 1 
ATOM   8    C CD1 . ILE A 1 12  ? -20.05250 2.53610   -3.36012  1.000 23.52131 ? 12  ILE A CD1 1 
ATOM   9    N N   . MET A 1 13  ? -15.78975 3.49822   -5.42058  1.000 32.98306 ? 13  MET A N   1 
ATOM   10   C CA  . MET A 1 13  ? -14.41289 3.09595   -5.68803  1.000 32.90501 ? 13  MET A CA  1 
ATOM   11   C C   . MET A 1 13  ? -13.75595 2.49480   -4.44827  1.000 28.20647 ? 13  MET A C   1 
ATOM   12   O O   . MET A 1 13  ? -14.18390 2.69982   -3.31302  1.000 30.25551 ? 13  MET A O   1 
ATOM   13   C CB  . MET A 1 13  ? -13.56445 4.27634   -6.17624  1.000 36.22265 ? 13  MET A CB  1 
ATOM   14   C CG  . MET A 1 13  ? -13.45155 4.44924   -7.68337  1.000 47.75497 ? 13  MET A CG  1 
ATOM   15   S SD  . MET A 1 13  ? -12.16977 5.67414   -8.07734  1.000 61.00068 ? 13  MET A SD  1 
ATOM   16   C CE  . MET A 1 13  ? -11.80879 5.31557   -9.80638  1.000 53.79146 ? 13  MET A CE  1 
ATOM   17   N N   . GLU A 1 14  ? -12.68837 1.74931   -4.69031  1.000 28.38729 ? 14  GLU A N   1 
ATOM   18   C CA  . GLU A 1 14  ? -11.79839 1.26156   -3.65356  1.000 27.25145 ? 14  GLU A CA  1 
ATOM   19   C C   . GLU A 1 14  ? -10.41211 1.82506   -3.93832  1.000 38.86586 ? 14  GLU A C   1 
ATOM   20   O O   . GLU A 1 14  ? -9.94352  1.78348   -5.08278  1.000 40.08103 ? 14  GLU A O   1 
ATOM   21   C CB  . GLU A 1 14  ? -11.77433 -0.26600  -3.62532  1.000 29.34818 ? 14  GLU A CB  1 
ATOM   22   N N   . ILE A 1 15  ? -9.76586  2.38231   -2.91774  1.000 34.62390 ? 15  ILE A N   1 
ATOM   23   C CA  . ILE A 1 15  ? -8.44051  2.95938   -3.08767  1.000 32.49023 ? 15  ILE A CA  1 
ATOM   24   C C   . ILE A 1 15  ? -7.53002  2.41697   -1.98300  1.000 35.34455 ? 15  ILE A C   1 
ATOM   25   O O   . ILE A 1 15  ? -7.77106  2.64380   -0.79153  1.000 28.84673 ? 15  ILE A O   1 
ATOM   26   C CB  . ILE A 1 15  ? -8.47356  4.49493   -3.11045  1.000 28.49336 ? 15  ILE A CB  1 
ATOM   27   C CG1 . ILE A 1 15  ? -9.14650  4.96262   -4.39331  1.000 30.76981 ? 15  ILE A CG1 1 
ATOM   28   C CG2 . ILE A 1 15  ? -7.07397  5.06231   -3.11456  1.000 36.37251 ? 15  ILE A CG2 1 
ATOM   29   C CD1 . ILE A 1 15  ? -9.61847  6.38267   -4.38204  1.000 32.97541 ? 15  ILE A CD1 1 
ATOM   30   N N   . LYS A 1 16  ? -6.51997  1.65113   -2.38185  1.000 50.09927 ? 16  LYS A N   1 
ATOM   31   C CA  . LYS A 1 16  ? -5.53307  1.09678   -1.46663  1.000 47.61033 ? 16  LYS A CA  1 
ATOM   32   C C   . LYS A 1 16  ? -4.28075  1.96691   -1.53326  1.000 39.08980 ? 16  LYS A C   1 
ATOM   33   O O   . LYS A 1 16  ? -3.72897  2.18814   -2.61964  1.000 34.25181 ? 16  LYS A O   1 
ATOM   34   C CB  . LYS A 1 16  ? -5.22781  -0.35934  -1.83763  1.000 43.62102 ? 16  LYS A CB  1 
ATOM   35   N N   . LEU A 1 17  ? -3.84635  2.47446   -0.37775  1.000 36.78576 ? 17  LEU A N   1 
ATOM   36   C CA  . LEU A 1 17  ? -2.88252  3.56851   -0.34927  1.000 33.77316 ? 17  LEU A CA  1 
ATOM   37   C C   . LEU A 1 17  ? -1.77258  3.31083   0.66621   1.000 35.89721 ? 17  LEU A C   1 
ATOM   38   O O   . LEU A 1 17  ? -1.89866  2.48879   1.57855   1.000 36.93736 ? 17  LEU A O   1 
ATOM   39   C CB  . LEU A 1 17  ? -3.59263  4.88236   -0.03987  1.000 35.10565 ? 17  LEU A CB  1 
ATOM   40   C CG  . LEU A 1 17  ? -3.29904  6.09997   -0.90498  1.000 33.94744 ? 17  LEU A CG  1 
ATOM   41   C CD1 . LEU A 1 17  ? -3.24138  5.72495   -2.35756  1.000 32.12264 ? 17  LEU A CD1 1 
ATOM   42   C CD2 . LEU A 1 17  ? -4.43593  7.08536   -0.67710  1.000 41.15978 ? 17  LEU A CD2 1 
ATOM   43   N N   . ILE A 1 18  ? -0.67104  4.03207   0.48752   1.000 31.97261 ? 18  ILE A N   1 
ATOM   44   C CA  . ILE A 1 18  ? 0.47897   3.97568   1.38468   1.000 32.49704 ? 18  ILE A CA  1 
ATOM   45   C C   . ILE A 1 18  ? 0.80033   5.40387   1.82027   1.000 28.78793 ? 18  ILE A C   1 
ATOM   46   O O   . ILE A 1 18  ? 1.27509   6.21217   1.01367   1.000 26.35614 ? 18  ILE A O   1 
ATOM   47   C CB  . ILE A 1 18  ? 1.70490   3.29261   0.74096   1.000 29.89068 ? 18  ILE A CB  1 
ATOM   48   C CG1 . ILE A 1 18  ? 1.78641   3.60565   -0.76142  1.000 33.59602 ? 18  ILE A CG1 1 
ATOM   49   C CG2 . ILE A 1 18  ? 1.76282   1.78148   1.05681   1.000 31.72663 ? 18  ILE A CG2 1 
ATOM   50   C CD1 . ILE A 1 18  ? 3.02753   3.04245   -1.48131  1.000 27.12216 ? 18  ILE A CD1 1 
ATOM   51   N N   . LYS A 1 19  ? 0.53219   5.71749   3.08885   1.000 28.98085 ? 19  LYS A N   1 
ATOM   52   C CA  . LYS A 1 19  ? 0.80244   7.04995   3.61186   1.000 27.34361 ? 19  LYS A CA  1 
ATOM   53   C C   . LYS A 1 19  ? 2.30544   7.29462   3.66915   1.000 36.09837 ? 19  LYS A C   1 
ATOM   54   O O   . LYS A 1 19  ? 3.10481   6.36719   3.83392   1.000 44.18934 ? 19  LYS A O   1 
ATOM   55   C CB  . LYS A 1 19  ? 0.17458   7.21159   4.99915   1.000 30.83177 ? 19  LYS A CB  1 
ATOM   56   N N   . GLY A 1 20  ? 2.69441   8.55449   3.51884   1.000 38.31945 ? 20  GLY A N   1 
ATOM   57   C CA  . GLY A 1 20  ? 4.09107   8.87092   3.35519   1.000 33.85627 ? 20  GLY A CA  1 
ATOM   58   C C   . GLY A 1 20  ? 4.54495   10.08397  4.13182   1.000 32.15386 ? 20  GLY A C   1 
ATOM   59   O O   . GLY A 1 20  ? 3.87635   10.54709  5.06269   1.000 38.55844 ? 20  GLY A O   1 
ATOM   60   N N   . PRO A 1 21  ? 5.72613   10.60704  3.76726   1.000 38.91088 ? 21  PRO A N   1 
ATOM   61   C CA  . PRO A 1 21  ? 6.22140   11.85425  4.37699   1.000 44.43650 ? 21  PRO A CA  1 
ATOM   62   C C   . PRO A 1 21  ? 5.14225   12.90271  4.62023   1.000 34.62635 ? 21  PRO A C   1 
ATOM   63   O O   . PRO A 1 21  ? 4.97908   13.37769  5.75014   1.000 26.53272 ? 21  PRO A O   1 
ATOM   64   C CB  . PRO A 1 21  ? 7.26521   12.34137  3.36128   1.000 37.87664 ? 21  PRO A CB  1 
ATOM   65   C CG  . PRO A 1 21  ? 7.81183   11.05443  2.75817   1.000 38.98605 ? 21  PRO A CG  1 
ATOM   66   C CD  . PRO A 1 21  ? 6.68972   10.02730  2.80702   1.000 32.07327 ? 21  PRO A CD  1 
ATOM   67   N N   . LYS A 1 22  ? 4.36595   13.23897  3.58880   1.000 48.12645 ? 22  LYS A N   1 
ATOM   68   C CA  . LYS A 1 22  ? 3.32610   14.25873  3.70540   1.000 57.75792 ? 22  LYS A CA  1 
ATOM   69   C C   . LYS A 1 22  ? 1.94249   13.69916  4.07550   1.000 44.07597 ? 22  LYS A C   1 
ATOM   70   O O   . LYS A 1 22  ? 0.92771   14.35024  3.77447   1.000 51.93065 ? 22  LYS A O   1 
ATOM   71   N N   . GLY A 1 23  ? 1.86902   12.53175  4.73384   1.000 32.68508 ? 23  GLY A N   1 
ATOM   72   C CA  . GLY A 1 23  ? 0.57915   11.93826  5.06745   1.000 24.50942 ? 23  GLY A CA  1 
ATOM   73   C C   . GLY A 1 23  ? -0.03180  11.18679  3.89188   1.000 25.71524 ? 23  GLY A C   1 
ATOM   74   O O   . GLY A 1 23  ? 0.67003   10.60788  3.06134   1.000 31.55462 ? 23  GLY A O   1 
ATOM   75   N N   . LEU A 1 24  ? -1.36740  11.19467  3.82055   1.000 29.00736 ? 24  LEU A N   1 
ATOM   76   C CA  . LEU A 1 24  ? -2.02796  10.60863  2.64987   1.000 35.54663 ? 24  LEU A CA  1 
ATOM   77   C C   . LEU A 1 24  ? -2.03700  11.55575  1.45512   1.000 28.20690 ? 24  LEU A C   1 
ATOM   78   O O   . LEU A 1 24  ? -2.14671  11.09599  0.30876   1.000 23.13894 ? 24  LEU A O   1 
ATOM   79   C CB  . LEU A 1 24  ? -3.47202  10.20883  2.95845   1.000 28.85988 ? 24  LEU A CB  1 
ATOM   80   C CG  . LEU A 1 24  ? -3.70858  9.04239   3.89454   1.000 26.18108 ? 24  LEU A CG  1 
ATOM   81   C CD1 . LEU A 1 24  ? -4.22728  9.57423   5.22176   1.000 26.46079 ? 24  LEU A CD1 1 
ATOM   82   C CD2 . LEU A 1 24  ? -4.68077  8.07083   3.26410   1.000 31.32163 ? 24  LEU A CD2 1 
ATOM   83   N N   . GLY A 1 25  ? -1.97694  12.86642  1.70831   1.000 22.12696 ? 25  GLY A N   1 
ATOM   84   C CA  . GLY A 1 25  ? -1.82245  13.85225  0.65955   1.000 27.21729 ? 25  GLY A CA  1 
ATOM   85   C C   . GLY A 1 25  ? -3.10990  14.40251  0.08170   1.000 37.96562 ? 25  GLY A C   1 
ATOM   86   O O   . GLY A 1 25  ? -3.24392  14.47642  -1.14537  1.000 45.69109 ? 25  GLY A O   1 
ATOM   87   N N   . PHE A 1 26  ? -4.04875  14.80672  0.94217   1.000 33.19646 ? 26  PHE A N   1 
ATOM   88   C CA  . PHE A 1 26  ? -5.32875  15.36670  0.51943   1.000 29.35665 ? 26  PHE A CA  1 
ATOM   89   C C   . PHE A 1 26  ? -5.99483  15.87818  1.77645   1.000 24.94391 ? 26  PHE A C   1 
ATOM   90   O O   . PHE A 1 26  ? -5.55428  15.57059  2.88858   1.000 24.17775 ? 26  PHE A O   1 
ATOM   91   C CB  . PHE A 1 26  ? -6.18071  14.32780  -0.20756  1.000 25.24147 ? 26  PHE A CB  1 
ATOM   92   C CG  . PHE A 1 26  ? -6.67002  13.20248  0.67048   1.000 28.63438 ? 26  PHE A CG  1 
ATOM   93   C CD1 . PHE A 1 26  ? -6.10839  11.95428  0.57166   1.000 26.53113 ? 26  PHE A CD1 1 
ATOM   94   C CD2 . PHE A 1 26  ? -7.81602  13.33838  1.44844   1.000 33.60883 ? 26  PHE A CD2 1 
ATOM   95   C CE1 . PHE A 1 26  ? -6.57192  10.90369  1.34978   1.000 30.82273 ? 26  PHE A CE1 1 
ATOM   96   C CE2 . PHE A 1 26  ? -8.30067  12.27491  2.20564   1.000 27.46670 ? 26  PHE A CE2 1 
ATOM   97   C CZ  . PHE A 1 26  ? -7.67781  11.05829  2.15052   1.000 17.19491 ? 26  PHE A CZ  1 
ATOM   98   N N   . SER A 1 27  ? -7.07326  16.64011  1.58734   1.000 19.51009 ? 27  SER A N   1 
ATOM   99   C CA  . SER A 1 27  ? -7.74252  17.33426  2.68317   1.000 28.47948 ? 27  SER A CA  1 
ATOM   100  C C   . SER A 1 27  ? -9.25178  17.18442  2.56941   1.000 24.90563 ? 27  SER A C   1 
ATOM   101  O O   . SER A 1 27  ? -9.80905  17.35907  1.47992   1.000 30.31387 ? 27  SER A O   1 
ATOM   102  C CB  . SER A 1 27  ? -7.37727  18.82636  2.69325   1.000 34.54009 ? 27  SER A CB  1 
ATOM   103  O OG  . SER A 1 27  ? -6.00345  19.01399  2.99787   1.000 39.59278 ? 27  SER A OG  1 
ATOM   104  N N   . ILE A 1 28  ? -9.91312  16.90859  3.70022   1.000 21.73541 ? 28  ILE A N   1 
ATOM   105  C CA  . ILE A 1 28  ? -11.35124 16.65215  3.72612   1.000 25.40166 ? 28  ILE A CA  1 
ATOM   106  C C   . ILE A 1 28  ? -12.12235 17.85485  4.26237   1.000 22.07323 ? 28  ILE A C   1 
ATOM   107  O O   . ILE A 1 28  ? -11.57257 18.81683  4.80474   1.000 22.03663 ? 28  ILE A O   1 
ATOM   108  C CB  . ILE A 1 28  ? -11.70276 15.36930  4.52848   1.000 20.86288 ? 28  ILE A CB  1 
ATOM   109  C CG1 . ILE A 1 28  ? -11.01686 15.35109  5.90148   1.000 28.00309 ? 28  ILE A CG1 1 
ATOM   110  C CG2 . ILE A 1 28  ? -11.39354 14.11704  3.73067   1.000 30.38615 ? 28  ILE A CG2 1 
ATOM   111  C CD1 . ILE A 1 28  ? -11.82339 14.64731  6.97476   1.000 23.89299 ? 28  ILE A CD1 1 
ATOM   112  N N   . ALA A 1 29  ? -13.43216 17.80666  4.06750   1.000 20.62055 ? 29  ALA A N   1 
ATOM   113  C CA  . ALA A 1 29  ? -14.35554 18.75091  4.65819   1.000 17.70234 ? 29  ALA A CA  1 
ATOM   114  C C   . ALA A 1 29  ? -15.61257 17.98792  5.07066   1.000 20.69713 ? 29  ALA A C   1 
ATOM   115  O O   . ALA A 1 29  ? -15.81856 16.82963  4.69294   1.000 22.62445 ? 29  ALA A O   1 
ATOM   116  C CB  . ALA A 1 29  ? -14.67186 19.88057  3.68237   1.000 17.23618 ? 29  ALA A CB  1 
ATOM   117  N N   . GLY A 1 30  ? -16.43802 18.61971  5.88446   1.000 17.07246 ? 30  GLY A N   1 
ATOM   118  C CA  . GLY A 1 30  ? -17.78048 18.12533  6.08973   1.000 23.43728 ? 30  GLY A CA  1 
ATOM   119  C C   . GLY A 1 30  ? -17.96568 17.32003  7.36287   1.000 19.94649 ? 30  GLY A C   1 
ATOM   120  O O   . GLY A 1 30  ? -17.14248 17.31561  8.28972   1.000 12.96893 ? 30  GLY A O   1 
ATOM   121  N N   . GLY A 1 31  ? -19.10361 16.63688  7.38952   1.000 16.80416 ? 31  GLY A N   1 
ATOM   122  C CA  . GLY A 1 31  ? -19.53785 15.82609  8.50389   1.000 19.82468 ? 31  GLY A CA  1 
ATOM   123  C C   . GLY A 1 31  ? -20.67652 16.48378  9.26679   1.000 24.55396 ? 31  GLY A C   1 
ATOM   124  O O   . GLY A 1 31  ? -20.88218 17.69885  9.22340   1.000 32.16047 ? 31  GLY A O   1 
ATOM   125  N N   . VAL A 1 32  ? -21.42793 15.64296  9.97978   1.000 25.13244 ? 32  VAL A N   1 
ATOM   126  C CA  . VAL A 1 32  ? -22.53958 16.03932  10.83644  1.000 12.98108 ? 32  VAL A CA  1 
ATOM   127  C C   . VAL A 1 32  ? -22.16394 17.30747  11.57683  1.000 17.77413 ? 32  VAL A C   1 
ATOM   128  O O   . VAL A 1 32  ? -21.08448 17.38571  12.17277  1.000 21.51781 ? 32  VAL A O   1 
ATOM   129  C CB  . VAL A 1 32  ? -22.88482 14.91905  11.83568  1.000 17.72074 ? 32  VAL A CB  1 
ATOM   130  C CG1 . VAL A 1 32  ? -23.53681 15.49626  13.06654  1.000 22.31591 ? 32  VAL A CG1 1 
ATOM   131  C CG2 . VAL A 1 32  ? -23.74898 13.83923  11.19427  1.000 23.69576 ? 32  VAL A CG2 1 
ATOM   132  N N   . GLY A 1 33  ? -23.02647 18.32081  11.50718  1.000 22.29463 ? 33  GLY A N   1 
ATOM   133  C CA  . GLY A 1 33  ? -22.82695 19.56546  12.22060  1.000 15.37542 ? 33  GLY A CA  1 
ATOM   134  C C   . GLY A 1 33  ? -21.83867 20.52974  11.60508  1.000 15.47761 ? 33  GLY A C   1 
ATOM   135  O O   . GLY A 1 33  ? -21.60956 21.59095  12.20075  1.000 15.54666 ? 33  GLY A O   1 
ATOM   136  N N   . ASN A 1 34  ? -21.25266 20.20167  10.44608  1.000 17.29464 ? 34  ASN A N   1 
ATOM   137  C CA  . ASN A 1 34  ? -20.28348 21.06444  9.76009   1.000 19.23119 ? 34  ASN A CA  1 
ATOM   138  C C   . ASN A 1 34  ? -20.46446 20.96072  8.24178   1.000 19.67256 ? 34  ASN A C   1 
ATOM   139  O O   . ASN A 1 34  ? -19.51063 20.74804  7.48998   1.000 16.74604 ? 34  ASN A O   1 
ATOM   140  C CB  . ASN A 1 34  ? -18.85807 20.68963  10.16675  1.000 16.98779 ? 34  ASN A CB  1 
ATOM   141  C CG  . ASN A 1 34  ? -17.82295 21.69932  9.68001   1.000 27.63707 ? 34  ASN A CG  1 
ATOM   142  O OD1 . ASN A 1 34  ? -17.16111 21.50207  8.64676   1.000 22.15912 ? 34  ASN A OD1 1 
ATOM   143  N ND2 . ASN A 1 34  ? -17.65941 22.78041  10.43817  1.000 32.33866 ? 34  ASN A ND2 1 
ATOM   144  N N   . GLN A 1 35  ? -21.69714 21.13806  7.76476   1.000 15.83130 ? 35  GLN A N   1 
ATOM   145  C CA  . GLN A 1 35  ? -22.08164 20.68774  6.42892   1.000 14.58664 ? 35  GLN A CA  1 
ATOM   146  C C   . GLN A 1 35  ? -21.36900 21.36914  5.27448   1.000 13.62609 ? 35  GLN A C   1 
ATOM   147  O O   . GLN A 1 35  ? -21.62702 22.53534  4.97923   1.000 29.18211 ? 35  GLN A O   1 
ATOM   148  C CB  . GLN A 1 35  ? -23.57710 20.85439  6.25177   1.000 19.12309 ? 35  GLN A CB  1 
ATOM   149  C CG  . GLN A 1 35  ? -24.30485 20.46623  7.50061   1.000 26.72019 ? 35  GLN A CG  1 
ATOM   150  C CD  . GLN A 1 35  ? -25.67132 19.90509  7.23205   1.000 28.39444 ? 35  GLN A CD  1 
ATOM   151  O OE1 . GLN A 1 35  ? -26.44619 20.45550  6.43727   1.000 28.70188 ? 35  GLN A OE1 1 
ATOM   152  N NE2 . GLN A 1 35  ? -25.97628 18.78719  7.87994   1.000 24.54514 ? 35  GLN A NE2 1 
ATOM   153  N N   . HIS A 1 36  ? -20.51754 20.61412  4.58176   1.000 15.96832 ? 36  HIS A N   1 
ATOM   154  C CA  . HIS A 1 36  ? -19.80557 21.12891  3.41637   1.000 23.33760 ? 36  HIS A CA  1 
ATOM   155  C C   . HIS A 1 36  ? -20.74051 21.50590  2.26699   1.000 27.86105 ? 36  HIS A C   1 
ATOM   156  O O   . HIS A 1 36  ? -20.40455 22.38517  1.45141   1.000 21.24329 ? 36  HIS A O   1 
ATOM   157  C CB  . HIS A 1 36  ? -18.80586 20.10348  2.92615   1.000 20.29673 ? 36  HIS A CB  1 
ATOM   158  C CG  . HIS A 1 36  ? -18.11190 20.53185  1.68472   1.000 23.14709 ? 36  HIS A CG  1 
ATOM   159  N ND1 . HIS A 1 36  ? -17.28657 21.63424  1.65018   1.000 21.16420 ? 36  HIS A ND1 1 
ATOM   160  C CD2 . HIS A 1 36  ? -18.15127 20.04410  0.42160   1.000 30.93802 ? 36  HIS A CD2 1 
ATOM   161  C CE1 . HIS A 1 36  ? -16.81674 21.78784  0.42361   1.000 31.34577 ? 36  HIS A CE1 1 
ATOM   162  N NE2 . HIS A 1 36  ? -17.32724 20.83760  -0.34266  1.000 34.16596 ? 36  HIS A NE2 1 
ATOM   163  N N   . ILE A 1 37  ? -21.88529 20.83384  2.16183   1.000 25.69694 ? 37  ILE A N   1 
ATOM   164  C CA  . ILE A 1 37  ? -22.98369 21.23720  1.28350   1.000 22.74980 ? 37  ILE A CA  1 
ATOM   165  C C   . ILE A 1 37  ? -24.22315 21.29643  2.16787   1.000 21.80439 ? 37  ILE A C   1 
ATOM   166  O O   . ILE A 1 37  ? -24.33646 20.49608  3.10877   1.000 22.54457 ? 37  ILE A O   1 
ATOM   167  C CB  . ILE A 1 37  ? -23.14763 20.26659  0.09890   1.000 31.08612 ? 37  ILE A CB  1 
ATOM   168  C CG1 . ILE A 1 37  ? -22.18637 20.63243  -1.03036  1.000 28.83824 ? 37  ILE A CG1 1 
ATOM   169  C CG2 . ILE A 1 37  ? -24.57460 20.25066  -0.44004  1.000 29.32277 ? 37  ILE A CG2 1 
ATOM   170  C CD1 . ILE A 1 37  ? -22.45930 19.90287  -2.33045  1.000 24.91924 ? 37  ILE A CD1 1 
ATOM   171  N N   . PRO A 1 38  ? -25.15374 22.22351  1.94151   1.000 25.48969 ? 38  PRO A N   1 
ATOM   172  C CA  . PRO A 1 38  ? -26.29106 22.35351  2.86334   1.000 25.79976 ? 38  PRO A CA  1 
ATOM   173  C C   . PRO A 1 38  ? -27.17389 21.12106  2.82811   1.000 23.62167 ? 38  PRO A C   1 
ATOM   174  O O   . PRO A 1 38  ? -27.50302 20.60329  1.75859   1.000 20.58737 ? 38  PRO A O   1 
ATOM   175  C CB  . PRO A 1 38  ? -27.02773 23.59593  2.35657   1.000 22.01846 ? 38  PRO A CB  1 
ATOM   176  C CG  . PRO A 1 38  ? -25.99498 24.35430  1.62355   1.000 22.86199 ? 38  PRO A CG  1 
ATOM   177  C CD  . PRO A 1 38  ? -25.12745 23.32060  0.96648   1.000 22.43963 ? 38  PRO A CD  1 
ATOM   178  N N   . GLY A 1 39  ? -27.54378 20.65472  4.02129   1.000 22.44352 ? 39  GLY A N   1 
ATOM   179  C CA  . GLY A 1 39  ? -28.29455 19.43469  4.18078   1.000 17.44686 ? 39  GLY A CA  1 
ATOM   180  C C   . GLY A 1 39  ? -27.58057 18.20682  3.68427   1.000 18.95303 ? 39  GLY A C   1 
ATOM   181  O O   . GLY A 1 39  ? -28.17447 17.41418  2.94962   1.000 34.42366 ? 39  GLY A O   1 
ATOM   182  N N   . ASP A 1 40  ? -26.31912 18.02879  4.08797   1.000 27.31804 ? 40  ASP A N   1 
ATOM   183  C CA  . ASP A 1 40  ? -25.47561 16.92508  3.62301   1.000 26.17512 ? 40  ASP A CA  1 
ATOM   184  C C   . ASP A 1 40  ? -24.23333 16.83171  4.49566   1.000 21.29683 ? 40  ASP A C   1 
ATOM   185  O O   . ASP A 1 40  ? -23.37376 17.71282  4.44165   1.000 25.35883 ? 40  ASP A O   1 
ATOM   186  C CB  . ASP A 1 40  ? -25.10477 17.12444  2.13832   1.000 30.15416 ? 40  ASP A CB  1 
ATOM   187  C CG  . ASP A 1 40  ? -24.31276 15.95602  1.54249   1.000 30.34936 ? 40  ASP A CG  1 
ATOM   188  O OD1 . ASP A 1 40  ? -23.84851 15.07386  2.29649   1.000 34.58772 ? 40  ASP A OD1 1 
ATOM   189  O OD2 . ASP A 1 40  ? -24.16006 15.91380  0.30086   1.000 30.83476 ? 40  ASP A OD2 1 
ATOM   190  N N   . ASN A 1 41  ? -24.11152 15.77444  5.29404   1.000 20.52377 ? 41  ASN A N   1 
ATOM   191  C CA  . ASN A 1 41  ? -22.98352 15.65893  6.20298   1.000 20.56480 ? 41  ASN A CA  1 
ATOM   192  C C   . ASN A 1 41  ? -21.88899 14.75673  5.67253   1.000 20.48211 ? 41  ASN A C   1 
ATOM   193  O O   . ASN A 1 41  ? -21.16671 14.13616  6.46586   1.000 18.97124 ? 41  ASN A O   1 
ATOM   194  C CB  . ASN A 1 41  ? -23.43287 15.12378  7.54770   1.000 22.96147 ? 41  ASN A CB  1 
ATOM   195  C CG  . ASN A 1 41  ? -24.68053 15.75426  8.02782   1.000 21.70754 ? 41  ASN A CG  1 
ATOM   196  O OD1 . ASN A 1 41  ? -24.67715 16.90869  8.45207   1.000 24.10568 ? 41  ASN A OD1 1 
ATOM   197  N ND2 . ASN A 1 41  ? -25.76199 14.97989  8.03615   1.000 15.48004 ? 41  ASN A ND2 1 
ATOM   198  N N   . SER A 1 42  ? -21.76556 14.63106  4.36213   1.000 20.22963 ? 42  SER A N   1 
ATOM   199  C CA  . SER A 1 42  ? -20.73174 13.74409  3.86696   1.000 25.08307 ? 42  SER A CA  1 
ATOM   200  C C   . SER A 1 42  ? -19.34776 14.38965  4.00767   1.000 32.20879 ? 42  SER A C   1 
ATOM   201  O O   . SER A 1 42  ? -19.18827 15.62718  4.08957   1.000 21.07983 ? 42  SER A O   1 
ATOM   202  C CB  . SER A 1 42  ? -20.99286 13.37089  2.41330   1.000 23.79855 ? 42  SER A CB  1 
ATOM   203  O OG  . SER A 1 42  ? -22.36927 13.16370  2.20337   1.000 33.17878 ? 42  SER A OG  1 
ATOM   204  N N   . ILE A 1 43  ? -18.34193 13.51050  4.06626   1.000 32.25378 ? 43  ILE A N   1 
ATOM   205  C CA  . ILE A 1 43  ? -16.93830 13.89330  4.05711   1.000 24.40963 ? 43  ILE A CA  1 
ATOM   206  C C   . ILE A 1 43  ? -16.54289 14.06264  2.60371   1.000 18.65101 ? 43  ILE A C   1 
ATOM   207  O O   . ILE A 1 43  ? -16.88621 13.21887  1.77363   1.000 22.38411 ? 43  ILE A O   1 
ATOM   208  C CB  . ILE A 1 43  ? -16.08489 12.82496  4.76011   1.000 18.26519 ? 43  ILE A CB  1 
ATOM   209  C CG1 . ILE A 1 43  ? -16.53722 12.67363  6.21140   1.000 19.52748 ? 43  ILE A CG1 1 
ATOM   210  C CG2 . ILE A 1 43  ? -14.62580 13.16399  4.72014   1.000 25.15841 ? 43  ILE A CG2 1 
ATOM   211  C CD1 . ILE A 1 43  ? -16.56918 13.97062  6.99303   1.000 14.03903 ? 43  ILE A CD1 1 
ATOM   212  N N   . TYR A 1 44  ? -15.86622 15.16764  2.28117   1.000 21.06217 ? 44  TYR A N   1 
ATOM   213  C CA  . TYR A 1 44  ? -15.53405 15.51572  0.89910   1.000 24.06087 ? 44  TYR A CA  1 
ATOM   214  C C   . TYR A 1 44  ? -14.05705 15.84140  0.76321   1.000 26.91371 ? 44  TYR A C   1 
ATOM   215  O O   . TYR A 1 44  ? -13.51486 16.61997  1.55171   1.000 33.22482 ? 44  TYR A O   1 
ATOM   216  C CB  . TYR A 1 44  ? -16.35498 16.72854  0.39400   1.000 28.43472 ? 44  TYR A CB  1 
ATOM   217  C CG  . TYR A 1 44  ? -17.80357 16.38931  0.17826   1.000 28.53364 ? 44  TYR A CG  1 
ATOM   218  C CD1 . TYR A 1 44  ? -18.23392 15.81612  -1.01404  1.000 29.94418 ? 44  TYR A CD1 1 
ATOM   219  C CD2 . TYR A 1 44  ? -18.73694 16.60802  1.17586   1.000 27.96187 ? 44  TYR A CD2 1 
ATOM   220  C CE1 . TYR A 1 44  ? -19.55858 15.46785  -1.19855  1.000 31.54026 ? 44  TYR A CE1 1 
ATOM   221  C CE2 . TYR A 1 44  ? -20.05117 16.27543  0.99405   1.000 29.25117 ? 44  TYR A CE2 1 
ATOM   222  C CZ  . TYR A 1 44  ? -20.45930 15.70083  -0.19032  1.000 30.68862 ? 44  TYR A CZ  1 
ATOM   223  O OH  . TYR A 1 44  ? -21.78227 15.37017  -0.35735  1.000 40.12865 ? 44  TYR A OH  1 
ATOM   224  N N   . VAL A 1 45  ? -13.41330 15.27835  -0.25438  1.000 28.40632 ? 45  VAL A N   1 
ATOM   225  C CA  . VAL A 1 45  ? -12.01677 15.61153  -0.53018  1.000 28.25506 ? 45  VAL A CA  1 
ATOM   226  C C   . VAL A 1 45  ? -11.94896 16.96031  -1.23919  1.000 23.43854 ? 45  VAL A C   1 
ATOM   227  O O   . VAL A 1 45  ? -12.53785 17.15062  -2.30868  1.000 26.94324 ? 45  VAL A O   1 
ATOM   228  C CB  . VAL A 1 45  ? -11.33464 14.50734  -1.34528  1.000 23.87405 ? 45  VAL A CB  1 
ATOM   229  C CG1 . VAL A 1 45  ? -10.22289 15.07387  -2.17996  1.000 19.50660 ? 45  VAL A CG1 1 
ATOM   230  C CG2 . VAL A 1 45  ? -10.76982 13.44963  -0.39172  1.000 22.56041 ? 45  VAL A CG2 1 
ATOM   231  N N   . THR A 1 46  ? -11.23439 17.90500  -0.64113  1.000 20.60302 ? 46  THR A N   1 
ATOM   232  C CA  . THR A 1 46  ? -11.24137 19.27307  -1.13168  1.000 26.57296 ? 46  THR A CA  1 
ATOM   233  C C   . THR A 1 46  ? -9.93922  19.74336  -1.76004  1.000 29.28433 ? 46  THR A C   1 
ATOM   234  O O   . THR A 1 46  ? -9.92862  20.82505  -2.34972  1.000 33.65686 ? 46  THR A O   1 
ATOM   235  C CB  . THR A 1 46  ? -11.60097 20.23751  0.00024   1.000 27.27744 ? 46  THR A CB  1 
ATOM   236  O OG1 . THR A 1 46  ? -11.14567 19.69684  1.24430   1.000 28.54272 ? 46  THR A OG1 1 
ATOM   237  C CG2 . THR A 1 46  ? -13.10614 20.48121  0.04468   1.000 27.01302 ? 46  THR A CG2 1 
ATOM   238  N N   . LYS A 1 47  ? -8.85508  18.97481  -1.67718  1.000 33.46626 ? 47  LYS A N   1 
ATOM   239  C CA  . LYS A 1 47  ? -7.54353  19.48582  -2.08244  1.000 31.68174 ? 47  LYS A CA  1 
ATOM   240  C C   . LYS A 1 47  ? -6.59419  18.30054  -2.18665  1.000 42.44053 ? 47  LYS A C   1 
ATOM   241  O O   . LYS A 1 47  ? -6.15348  17.76985  -1.15639  1.000 40.69056 ? 47  LYS A O   1 
ATOM   242  C CB  . LYS A 1 47  ? -7.03340  20.49519  -1.05963  1.000 37.18039 ? 47  LYS A CB  1 
ATOM   243  C CG  . LYS A 1 47  ? -7.19687  21.96757  -1.38584  1.000 41.54716 ? 47  LYS A CG  1 
ATOM   244  C CD  . LYS A 1 47  ? -6.85924  22.78939  -0.14099  1.000 32.33915 ? 47  LYS A CD  1 
ATOM   245  C CE  . LYS A 1 47  ? -7.77894  23.98072  -0.03141  1.000 32.48483 ? 47  LYS A CE  1 
ATOM   246  N NZ  . LYS A 1 47  ? -8.19655  24.38913  -1.39079  1.000 28.87332 ? 47  LYS A NZ  1 
ATOM   247  N N   . ILE A 1 48  ? -6.27859  17.89034  -3.41227  1.000 50.15185 ? 48  ILE A N   1 
ATOM   248  C CA  . ILE A 1 48  ? -5.33064  16.80447  -3.64184  1.000 47.90229 ? 48  ILE A CA  1 
ATOM   249  C C   . ILE A 1 48  ? -3.93055  17.40369  -3.66102  1.000 48.77260 ? 48  ILE A C   1 
ATOM   250  O O   . ILE A 1 48  ? -3.63613  18.28567  -4.47595  1.000 51.95192 ? 48  ILE A O   1 
ATOM   251  C CB  . ILE A 1 48  ? -5.63293  16.06561  -4.94984  1.000 39.37698 ? 48  ILE A CB  1 
ATOM   252  C CG1 . ILE A 1 48  ? -6.96143  15.34547  -4.82279  1.000 24.16990 ? 48  ILE A CG1 1 
ATOM   253  C CG2 . ILE A 1 48  ? -4.50898  15.07988  -5.25814  1.000 37.55750 ? 48  ILE A CG2 1 
ATOM   254  C CD1 . ILE A 1 48  ? -6.98242  14.44167  -3.65729  1.000 32.47598 ? 48  ILE A CD1 1 
ATOM   255  N N   . ILE A 1 49  ? -3.06732  16.93053  -2.76708  1.000 45.73024 ? 49  ILE A N   1 
ATOM   256  C CA  . ILE A 1 49  ? -1.78313  17.58692  -2.54348  1.000 47.27899 ? 49  ILE A CA  1 
ATOM   257  C C   . ILE A 1 49  ? -0.80624  17.19470  -3.64252  1.000 43.27700 ? 49  ILE A C   1 
ATOM   258  O O   . ILE A 1 49  ? -0.68805  16.01213  -3.99377  1.000 34.84334 ? 49  ILE A O   1 
ATOM   259  C CB  . ILE A 1 49  ? -1.23311  17.24947  -1.15146  1.000 35.59516 ? 49  ILE A CB  1 
ATOM   260  C CG1 . ILE A 1 49  ? -2.19396  17.79089  -0.09962  1.000 36.89723 ? 49  ILE A CG1 1 
ATOM   261  C CG2 . ILE A 1 49  ? 0.13993   17.86177  -0.96983  1.000 37.77353 ? 49  ILE A CG2 1 
ATOM   262  C CD1 . ILE A 1 49  ? -2.63364  19.24928  -0.38045  1.000 48.26062 ? 49  ILE A CD1 1 
ATOM   263  N N   . GLU A 1 50  ? -0.11078  18.19955  -4.18604  1.000 32.68403 ? 50  GLU A N   1 
ATOM   264  C CA  . GLU A 1 50  ? 0.80360   18.00309  -5.30134  1.000 37.61116 ? 50  GLU A CA  1 
ATOM   265  C C   . GLU A 1 50  ? 1.93025   17.04397  -4.92793  1.000 34.35410 ? 50  GLU A C   1 
ATOM   266  O O   . GLU A 1 50  ? 2.55515   17.17557  -3.87278  1.000 31.26900 ? 50  GLU A O   1 
ATOM   267  C CB  . GLU A 1 50  ? 1.37452   19.35151  -5.72067  1.000 38.08157 ? 50  GLU A CB  1 
ATOM   268  C CG  . GLU A 1 50  ? 2.32907   19.30031  -6.87910  1.000 31.63018 ? 50  GLU A CG  1 
ATOM   269  C CD  . GLU A 1 50  ? 1.62630   19.53796  -8.18219  1.000 35.53789 ? 50  GLU A CD  1 
ATOM   270  O OE1 . GLU A 1 50  ? 1.95617   20.53153  -8.85157  1.000 30.69618 ? 50  GLU A OE1 1 
ATOM   271  O OE2 . GLU A 1 50  ? 0.73090   18.73645  -8.52194  1.000 44.46901 ? 50  GLU A OE2 1 
ATOM   272  N N   . GLY A 1 51  ? 2.18498   16.07263  -5.79750  1.000 36.73161 ? 51  GLY A N   1 
ATOM   273  C CA  . GLY A 1 51  ? 3.21141   15.07826  -5.52461  1.000 47.42506 ? 51  GLY A CA  1 
ATOM   274  C C   . GLY A 1 51  ? 3.02062   14.25177  -4.26365  1.000 44.00295 ? 51  GLY A C   1 
ATOM   275  O O   . GLY A 1 51  ? 4.00454   13.76740  -3.69659  1.000 50.98890 ? 51  GLY A O   1 
ATOM   276  N N   . GLY A 1 52  ? 1.78240   14.06794  -3.80582  1.000 37.92964 ? 52  GLY A N   1 
ATOM   277  C CA  . GLY A 1 52  ? 1.51529   13.26467  -2.63072  1.000 39.70273 ? 52  GLY A CA  1 
ATOM   278  C C   . GLY A 1 52  ? 1.08348   11.84371  -2.96834  1.000 33.99430 ? 52  GLY A C   1 
ATOM   279  O O   . GLY A 1 52  ? 1.00322   11.42974  -4.12455  1.000 34.38546 ? 52  GLY A O   1 
ATOM   280  N N   . ALA A 1 53  ? 0.81937   11.07711  -1.91258  1.000 36.48923 ? 53  ALA A N   1 
ATOM   281  C CA  . ALA A 1 53  ? 0.52743   9.65688   -2.09344  1.000 38.50264 ? 53  ALA A CA  1 
ATOM   282  C C   . ALA A 1 53  ? -0.70338  9.45530   -2.96585  1.000 41.15451 ? 53  ALA A C   1 
ATOM   283  O O   . ALA A 1 53  ? -0.69966  8.61686   -3.87345  1.000 42.68018 ? 53  ALA A O   1 
ATOM   284  C CB  . ALA A 1 53  ? 0.34287   8.98241   -0.73552  1.000 24.92180 ? 53  ALA A CB  1 
ATOM   285  N N   . ALA A 1 54  ? -1.75704  10.23535  -2.71925  1.000 43.85655 ? 54  ALA A N   1 
ATOM   286  C CA  . ALA A 1 54  ? -2.95790  10.15337  -3.53988  1.000 43.31542 ? 54  ALA A CA  1 
ATOM   287  C C   . ALA A 1 54  ? -2.70663  10.70024  -4.93909  1.000 43.73788 ? 54  ALA A C   1 
ATOM   288  O O   . ALA A 1 54  ? -3.13751  10.09810  -5.93287  1.000 42.89031 ? 54  ALA A O   1 
ATOM   289  C CB  . ALA A 1 54  ? -4.09712  10.90951  -2.85891  1.000 42.87701 ? 54  ALA A CB  1 
ATOM   290  N N   . HIS A 1 55  ? -2.02265  11.84940  -5.03227  1.000 36.87253 ? 55  HIS A N   1 
ATOM   291  C CA  . HIS A 1 55  ? -1.68384  12.41696  -6.33522  1.000 39.34919 ? 55  HIS A CA  1 
ATOM   292  C C   . HIS A 1 55  ? -0.80135  11.46710  -7.13780  1.000 40.23480 ? 55  HIS A C   1 
ATOM   293  O O   . HIS A 1 55  ? -0.91343  11.40382  -8.36853  1.000 36.39673 ? 55  HIS A O   1 
ATOM   294  C CB  . HIS A 1 55  ? -1.00201  13.77437  -6.14316  1.000 38.43416 ? 55  HIS A CB  1 
ATOM   295  C CG  . HIS A 1 55  ? -0.64584  14.47655  -7.41938  1.000 44.75253 ? 55  HIS A CG  1 
ATOM   296  N ND1 . HIS A 1 55  ? 0.65820   14.67940  -7.81908  1.000 48.41005 ? 55  HIS A ND1 1 
ATOM   297  C CD2 . HIS A 1 55  ? -1.42210  15.03928  -8.37734  1.000 54.36461 ? 55  HIS A CD2 1 
ATOM   298  C CE1 . HIS A 1 55  ? 0.67039   15.33927  -8.96458  1.000 46.12268 ? 55  HIS A CE1 1 
ATOM   299  N NE2 . HIS A 1 55  ? -0.57984  15.56448  -9.32830  1.000 45.74173 ? 55  HIS A NE2 1 
ATOM   300  N N   . LYS A 1 56  ? 0.07209   10.71484  -6.46023  1.000 34.25452 ? 56  LYS A N   1 
ATOM   301  C CA  . LYS A 1 56  ? 0.83465   9.68206   -7.14942  1.000 40.38338 ? 56  LYS A CA  1 
ATOM   302  C C   . LYS A 1 56  ? -0.07212  8.53469   -7.56162  1.000 47.04706 ? 56  LYS A C   1 
ATOM   303  O O   . LYS A 1 56  ? -0.01499  8.06890   -8.70544  1.000 60.02079 ? 56  LYS A O   1 
ATOM   304  C CB  . LYS A 1 56  ? 1.97330   9.17113   -6.26185  1.000 47.26483 ? 56  LYS A CB  1 
ATOM   305  N N   . ASP A 1 57  ? -0.91636  8.06921   -6.63990  1.000 42.43734 ? 57  ASP A N   1 
ATOM   306  C CA  . ASP A 1 57  ? -1.85724  7.00095   -6.95528  1.000 36.67755 ? 57  ASP A CA  1 
ATOM   307  C C   . ASP A 1 57  ? -2.79579  7.42437   -8.07256  1.000 36.98487 ? 57  ASP A C   1 
ATOM   308  O O   . ASP A 1 57  ? -2.99479  6.68612   -9.04335  1.000 45.38650 ? 57  ASP A O   1 
ATOM   309  C CB  . ASP A 1 57  ? -2.64456  6.62960   -5.70663  1.000 35.62562 ? 57  ASP A CB  1 
ATOM   310  C CG  . ASP A 1 57  ? -3.67054  5.57091   -5.96105  1.000 31.07429 ? 57  ASP A CG  1 
ATOM   311  O OD1 . ASP A 1 57  ? -3.29243  4.37898   -5.97933  1.000 34.26551 ? 57  ASP A OD1 1 
ATOM   312  O OD2 . ASP A 1 57  ? -4.85399  5.93509   -6.14125  1.000 33.78175 ? 57  ASP A OD2 1 
ATOM   313  N N   . GLY A 1 58  ? -3.37964  8.61913   -7.95187  1.000 28.54033 ? 58  GLY A N   1 
ATOM   314  C CA  . GLY A 1 58  ? -4.13050  9.24004   -9.01657  1.000 30.28187 ? 58  GLY A CA  1 
ATOM   315  C C   . GLY A 1 58  ? -5.62854  9.01874   -8.96666  1.000 38.74961 ? 58  GLY A C   1 
ATOM   316  O O   . GLY A 1 58  ? -6.36726  9.71773   -9.66878  1.000 42.46188 ? 58  GLY A O   1 
ATOM   317  N N   . LYS A 1 59  ? -6.09665  8.06547   -8.16700  1.000 32.21253 ? 59  LYS A N   1 
ATOM   318  C CA  . LYS A 1 59  ? -7.52129  7.78675   -8.12506  1.000 29.97453 ? 59  LYS A CA  1 
ATOM   319  C C   . LYS A 1 59  ? -8.28556  8.92243   -7.44733  1.000 41.17185 ? 59  LYS A C   1 
ATOM   320  O O   . LYS A 1 59  ? -9.24943  9.46250   -8.00809  1.000 41.23809 ? 59  LYS A O   1 
ATOM   321  C CB  . LYS A 1 59  ? -7.75898  6.46060   -7.40922  1.000 31.56727 ? 59  LYS A CB  1 
ATOM   322  N N   . LEU A 1 60  ? -7.86691  9.30718   -6.24603  1.000 34.64248 ? 60  LEU A N   1 
ATOM   323  C CA  . LEU A 1 60  ? -8.66911  10.22425  -5.44635  1.000 41.78958 ? 60  LEU A CA  1 
ATOM   324  C C   . LEU A 1 60  ? -8.80328  11.58907  -6.12681  1.000 44.74302 ? 60  LEU A C   1 
ATOM   325  O O   . LEU A 1 60  ? -7.81184  12.29740  -6.32804  1.000 42.52772 ? 60  LEU A O   1 
ATOM   326  C CB  . LEU A 1 60  ? -8.07336  10.35976  -4.04114  1.000 33.93398 ? 60  LEU A CB  1 
ATOM   327  C CG  . LEU A 1 60  ? -9.11452  10.83433  -3.01608  1.000 38.66374 ? 60  LEU A CG  1 
ATOM   328  C CD1 . LEU A 1 60  ? -10.39192 9.97719   -3.09079  1.000 30.39519 ? 60  LEU A CD1 1 
ATOM   329  C CD2 . LEU A 1 60  ? -8.53249  10.85837  -1.61038  1.000 24.48228 ? 60  LEU A CD2 1 
ATOM   330  N N   . GLN A 1 61  ? -10.04186 11.94395  -6.48163  1.000 45.98239 ? 61  GLN A N   1 
ATOM   331  C CA  . GLN A 1 61  ? -10.39501 13.15063  -7.21940  1.000 42.07691 ? 61  GLN A CA  1 
ATOM   332  C C   . GLN A 1 61  ? -11.06370 14.17356  -6.30459  1.000 35.08091 ? 61  GLN A C   1 
ATOM   333  O O   . GLN A 1 61  ? -11.56963 13.84615  -5.22996  1.000 39.27966 ? 61  GLN A O   1 
ATOM   334  C CB  . GLN A 1 61  ? -11.34035 12.80950  -8.37418  1.000 48.29938 ? 61  GLN A CB  1 
ATOM   335  C CG  . GLN A 1 61  ? -10.68571 12.13084  -9.56595  1.000 46.21688 ? 61  GLN A CG  1 
ATOM   336  C CD  . GLN A 1 61  ? -11.53125 12.28672  -10.81546 1.000 64.19694 ? 61  GLN A CD  1 
ATOM   337  O OE1 . GLN A 1 61  ? -12.59306 11.67049  -10.93726 1.000 74.75782 ? 61  GLN A OE1 1 
ATOM   338  N NE2 . GLN A 1 61  ? -11.09028 13.14920  -11.73221 1.000 54.97518 ? 61  GLN A NE2 1 
ATOM   339  N N   . ILE A 1 62  ? -11.07583 15.43427  -6.72745  1.000 30.37525 ? 62  ILE A N   1 
ATOM   340  C CA  . ILE A 1 62  ? -11.69264 16.43443  -5.86920  1.000 34.49465 ? 62  ILE A CA  1 
ATOM   341  C C   . ILE A 1 62  ? -13.20098 16.30949  -5.98183  1.000 35.68226 ? 62  ILE A C   1 
ATOM   342  O O   . ILE A 1 62  ? -13.74499 16.11156  -7.07640  1.000 39.04387 ? 62  ILE A O   1 
ATOM   343  C CB  . ILE A 1 62  ? -11.21789 17.85256  -6.21198  1.000 28.63839 ? 62  ILE A CB  1 
ATOM   344  C CG1 . ILE A 1 62  ? -9.94587  18.17888  -5.42862  1.000 27.63159 ? 62  ILE A CG1 1 
ATOM   345  C CG2 . ILE A 1 62  ? -12.26983 18.84177  -5.81505  1.000 27.76908 ? 62  ILE A CG2 1 
ATOM   346  C CD1 . ILE A 1 62  ? -9.39184  19.56584  -5.70435  1.000 25.97743 ? 62  ILE A CD1 1 
ATOM   347  N N   . GLY A 1 63  ? -13.88502 16.40321  -4.84185  1.000 34.62008 ? 63  GLY A N   1 
ATOM   348  C CA  . GLY A 1 63  ? -15.31452 16.20530  -4.78839  1.000 22.47011 ? 63  GLY A CA  1 
ATOM   349  C C   . GLY A 1 63  ? -15.72854 14.78136  -4.51919  1.000 42.41969 ? 63  GLY A C   1 
ATOM   350  O O   . GLY A 1 63  ? -16.93835 14.49409  -4.47522  1.000 44.64169 ? 63  GLY A O   1 
ATOM   351  N N   . ASP A 1 64  ? -14.76868 13.88054  -4.33671  1.000 37.13804 ? 64  ASP A N   1 
ATOM   352  C CA  . ASP A 1 64  ? -15.08663 12.51840  -3.95312  1.000 27.28694 ? 64  ASP A CA  1 
ATOM   353  C C   . ASP A 1 64  ? -15.64442 12.47422  -2.52932  1.000 23.92874 ? 64  ASP A C   1 
ATOM   354  O O   . ASP A 1 64  ? -15.33902 13.32796  -1.68724  1.000 20.96190 ? 64  ASP A O   1 
ATOM   355  C CB  . ASP A 1 64  ? -13.83763 11.65504  -4.08529  1.000 28.50706 ? 64  ASP A CB  1 
ATOM   356  C CG  . ASP A 1 64  ? -13.27870 11.67814  -5.48959  1.000 37.19976 ? 64  ASP A CG  1 
ATOM   357  O OD1 . ASP A 1 64  ? -13.78919 12.48316  -6.30028  1.000 41.31559 ? 64  ASP A OD1 1 
ATOM   358  O OD2 . ASP A 1 64  ? -12.33382 10.91131  -5.78641  1.000 40.62512 ? 64  ASP A OD2 1 
ATOM   359  N N   . LYS A 1 65  ? -16.48617 11.47556  -2.26696  1.000 20.46440 ? 65  LYS A N   1 
ATOM   360  C CA  . LYS A 1 65  ? -17.03281 11.25206  -0.93261  1.000 27.13125 ? 65  LYS A CA  1 
ATOM   361  C C   . LYS A 1 65  ? -16.36748 10.03807  -0.30113  1.000 18.29705 ? 65  LYS A C   1 
ATOM   362  O O   . LYS A 1 65  ? -16.54374 8.92617   -0.79164  1.000 22.58442 ? 65  LYS A O   1 
ATOM   363  C CB  . LYS A 1 65  ? -18.54848 11.05084  -0.97391  1.000 20.76415 ? 65  LYS A CB  1 
ATOM   364  C CG  . LYS A 1 65  ? -19.28703 12.14055  -1.69165  1.000 29.41049 ? 65  LYS A CG  1 
ATOM   365  C CD  . LYS A 1 65  ? -20.79820 11.84581  -1.84617  1.000 53.98283 ? 65  LYS A CD  1 
ATOM   366  C CE  . LYS A 1 65  ? -21.53990 11.53043  -0.54240  1.000 40.12244 ? 65  LYS A CE  1 
ATOM   367  N NZ  . LYS A 1 65  ? -23.02216 11.48040  -0.76296  1.000 29.01440 ? 65  LYS A NZ  1 
ATOM   368  N N   . LEU A 1 66  ? -15.61809 10.24921  0.78611   1.000 16.17050 ? 66  LEU A N   1 
ATOM   369  C CA  . LEU A 1 66  ? -15.12022 9.14211   1.60502   1.000 20.61108 ? 66  LEU A CA  1 
ATOM   370  C C   . LEU A 1 66  ? -16.30107 8.43714   2.24288   1.000 23.98091 ? 66  LEU A C   1 
ATOM   371  O O   . LEU A 1 66  ? -16.90478 8.96539   3.17200   1.000 24.01544 ? 66  LEU A O   1 
ATOM   372  C CB  . LEU A 1 66  ? -14.18792 9.61682   2.71632   1.000 15.34571 ? 66  LEU A CB  1 
ATOM   373  C CG  . LEU A 1 66  ? -12.78515 10.14062  2.48958   1.000 22.46952 ? 66  LEU A CG  1 
ATOM   374  C CD1 . LEU A 1 66  ? -11.98231 9.18502   1.63782   1.000 25.62145 ? 66  LEU A CD1 1 
ATOM   375  C CD2 . LEU A 1 66  ? -12.83553 11.51390  1.85988   1.000 23.67609 ? 66  LEU A CD2 1 
ATOM   376  N N   . LEU A 1 67  ? -16.61789 7.23539   1.79464   1.000 24.38210 ? 67  LEU A N   1 
ATOM   377  C CA  . LEU A 1 67  ? -17.63701 6.48602   2.50442   1.000 20.51987 ? 67  LEU A CA  1 
ATOM   378  C C   . LEU A 1 67  ? -17.09069 5.81792   3.75989   1.000 24.89798 ? 67  LEU A C   1 
ATOM   379  O O   . LEU A 1 67  ? -17.83526 5.66040   4.73466   1.000 29.06443 ? 67  LEU A O   1 
ATOM   380  C CB  . LEU A 1 67  ? -18.26371 5.44993   1.57335   1.000 34.64105 ? 67  LEU A CB  1 
ATOM   381  C CG  . LEU A 1 67  ? -18.77728 5.98749   0.23743   1.000 35.41042 ? 67  LEU A CG  1 
ATOM   382  C CD1 . LEU A 1 67  ? -19.36933 4.87705   -0.65055  1.000 30.60591 ? 67  LEU A CD1 1 
ATOM   383  C CD2 . LEU A 1 67  ? -19.80417 7.07035   0.52589   1.000 32.32518 ? 67  LEU A CD2 1 
ATOM   384  N N   . ALA A 1 68  ? -15.81206 5.44106   3.76811   1.000 20.82719 ? 68  ALA A N   1 
ATOM   385  C CA  . ALA A 1 68  ? -15.25552 4.61931   4.83713   1.000 26.70955 ? 68  ALA A CA  1 
ATOM   386  C C   . ALA A 1 68  ? -13.73273 4.57617   4.71885   1.000 30.62166 ? 68  ALA A C   1 
ATOM   387  O O   . ALA A 1 68  ? -13.16224 4.80204   3.64846   1.000 27.14441 ? 68  ALA A O   1 
ATOM   388  C CB  . ALA A 1 68  ? -15.83084 3.20175   4.81140   1.000 10.42299 ? 68  ALA A CB  1 
ATOM   389  N N   . VAL A 1 69  ? -13.08134 4.27134   5.83711   1.000 25.20092 ? 69  VAL A N   1 
ATOM   390  C CA  . VAL A 1 69  ? -11.62966 4.24357   5.88594   1.000 29.38684 ? 69  VAL A CA  1 
ATOM   391  C C   . VAL A 1 69  ? -11.18658 3.00551   6.65955   1.000 36.45586 ? 69  VAL A C   1 
ATOM   392  O O   . VAL A 1 69  ? -11.46308 2.86885   7.85664   1.000 34.22774 ? 69  VAL A O   1 
ATOM   393  C CB  . VAL A 1 69  ? -11.04676 5.54489   6.46534   1.000 32.19256 ? 69  VAL A CB  1 
ATOM   394  C CG1 . VAL A 1 69  ? -11.08863 5.60539   7.98792   1.000 34.72239 ? 69  VAL A CG1 1 
ATOM   395  C CG2 . VAL A 1 69  ? -9.64441  5.67553   5.99966   1.000 34.19769 ? 69  VAL A CG2 1 
ATOM   396  N N   . ASN A 1 70  ? -10.52963 2.08444   5.95565   1.000 36.51209 ? 70  ASN A N   1 
ATOM   397  C CA  . ASN A 1 70  ? -10.34042 0.72156   6.43944   1.000 38.27725 ? 70  ASN A CA  1 
ATOM   398  C C   . ASN A 1 70  ? -11.65168 0.13637   6.97093   1.000 39.77325 ? 70  ASN A C   1 
ATOM   399  O O   . ASN A 1 70  ? -12.57289 -0.14245  6.19304   1.000 41.73433 ? 70  ASN A O   1 
ATOM   400  C CB  . ASN A 1 70  ? -9.24169  0.69086   7.49881   1.000 33.10111 ? 70  ASN A CB  1 
ATOM   401  C CG  . ASN A 1 70  ? -7.89821  1.05071   6.92751   1.000 32.84653 ? 70  ASN A CG  1 
ATOM   402  O OD1 . ASN A 1 70  ? -7.70147  1.02952   5.70623   1.000 30.51577 ? 70  ASN A OD1 1 
ATOM   403  N ND2 . ASN A 1 70  ? -6.95563  1.38530   7.80223   1.000 47.07803 ? 70  ASN A ND2 1 
ATOM   404  N N   . ASN A 1 71  ? -11.75261 -0.03555  8.29043   1.000 35.93622 ? 71  ASN A N   1 
ATOM   405  C CA  . ASN A 1 71  ? -12.95554 -0.55070  8.93138   1.000 35.68323 ? 71  ASN A CA  1 
ATOM   406  C C   . ASN A 1 71  ? -13.91768 0.54493   9.37504   1.000 37.03906 ? 71  ASN A C   1 
ATOM   407  O O   . ASN A 1 71  ? -15.05685 0.23480   9.74260   1.000 36.15460 ? 71  ASN A O   1 
ATOM   408  C CB  . ASN A 1 71  ? -12.57522 -1.39362  10.15176  1.000 38.25810 ? 71  ASN A CB  1 
ATOM   409  C CG  . ASN A 1 71  ? -11.62623 -0.65022  11.08428  1.000 47.93999 ? 71  ASN A CG  1 
ATOM   410  O OD1 . ASN A 1 71  ? -10.58203 -0.14478  10.65335  1.000 43.69357 ? 71  ASN A OD1 1 
ATOM   411  N ND2 . ASN A 1 71  ? -11.99847 -0.55012  12.35785  1.000 56.13811 ? 71  ASN A ND2 1 
ATOM   412  N N   . VAL A 1 72  ? -13.49287 1.80437   9.34637   1.000 40.31758 ? 72  VAL A N   1 
ATOM   413  C CA  . VAL A 1 72  ? -14.20653 2.91188   9.97917   1.000 40.56676 ? 72  VAL A CA  1 
ATOM   414  C C   . VAL A 1 72  ? -15.10192 3.58156   8.94709   1.000 36.13823 ? 72  VAL A C   1 
ATOM   415  O O   . VAL A 1 72  ? -14.60597 4.19574   7.99841   1.000 40.81175 ? 72  VAL A O   1 
ATOM   416  C CB  . VAL A 1 72  ? -13.23191 3.93132   10.58541  1.000 44.99291 ? 72  VAL A CB  1 
ATOM   417  C CG1 . VAL A 1 72  ? -13.99802 4.94535   11.42528  1.000 25.88145 ? 72  VAL A CG1 1 
ATOM   418  C CG2 . VAL A 1 72  ? -12.10865 3.21867   11.39066  1.000 36.04374 ? 72  VAL A CG2 1 
ATOM   419  N N   . CYS A 1 73  ? -16.41809 3.51631   9.15219   1.000 38.02401 ? 73  CYS A N   1 
ATOM   420  C CA  . CYS A 1 73  ? -17.35892 4.12610   8.22004   1.000 41.07480 ? 73  CYS A CA  1 
ATOM   421  C C   . CYS A 1 73  ? -17.56076 5.60687   8.54787   1.000 38.72413 ? 73  CYS A C   1 
ATOM   422  O O   . CYS A 1 73  ? -17.85873 5.96409   9.69343   1.000 41.55461 ? 73  CYS A O   1 
ATOM   423  C CB  . CYS A 1 73  ? -18.68991 3.37630   8.24677   1.000 36.46259 ? 73  CYS A CB  1 
ATOM   424  S SG  . CYS A 1 73  ? -19.98340 4.20193   7.31061   1.000 26.97194 ? 73  CYS A SG  1 
ATOM   425  N N   . LEU A 1 74  ? -17.39738 6.46248   7.53081   1.000 30.42474 ? 74  LEU A N   1 
ATOM   426  C CA  . LEU A 1 74  ? -17.49740 7.91468   7.64238   1.000 21.26893 ? 74  LEU A CA  1 
ATOM   427  C C   . LEU A 1 74  ? -18.83730 8.44991   7.13345   1.000 22.50922 ? 74  LEU A C   1 
ATOM   428  O O   . LEU A 1 74  ? -18.91410 9.56608   6.58042   1.000 12.20633 ? 74  LEU A O   1 
ATOM   429  C CB  . LEU A 1 74  ? -16.34402 8.55861   6.88475   1.000 19.94158 ? 74  LEU A CB  1 
ATOM   430  C CG  . LEU A 1 74  ? -14.94001 8.07756   7.23863   1.000 25.04968 ? 74  LEU A CG  1 
ATOM   431  C CD1 . LEU A 1 74  ? -13.91547 8.89610   6.44010   1.000 24.48966 ? 74  LEU A CD1 1 
ATOM   432  C CD2 . LEU A 1 74  ? -14.71241 8.24381   8.72851   1.000 23.19238 ? 74  LEU A CD2 1 
ATOM   433  N N   . GLU A 1 75  ? -19.89512 7.65826   7.30835   1.000 23.18553 ? 75  GLU A N   1 
ATOM   434  C CA  . GLU A 1 75  ? -21.25666 8.06151   6.98000   1.000 23.41793 ? 75  GLU A CA  1 
ATOM   435  C C   . GLU A 1 75  ? -21.92711 8.57369   8.25220   1.000 24.53662 ? 75  GLU A C   1 
ATOM   436  O O   . GLU A 1 75  ? -22.14198 7.80601   9.20092   1.000 23.60805 ? 75  GLU A O   1 
ATOM   437  C CB  . GLU A 1 75  ? -22.02259 6.89264   6.37358   1.000 25.11428 ? 75  GLU A CB  1 
ATOM   438  C CG  . GLU A 1 75  ? -21.36421 6.34327   5.12271   1.000 37.48968 ? 75  GLU A CG  1 
ATOM   439  C CD  . GLU A 1 75  ? -22.32446 5.57016   4.24886   1.000 52.11255 ? 75  GLU A CD  1 
ATOM   440  O OE1 . GLU A 1 75  ? -22.17606 5.63845   3.00774   1.000 58.37977 ? 75  GLU A OE1 1 
ATOM   441  O OE2 . GLU A 1 75  ? -23.23357 4.90575   4.80302   1.000 53.31779 ? 75  GLU A OE2 1 
ATOM   442  N N   . GLU A 1 76  ? -22.23255 9.87899   8.27519   1.000 20.56834 ? 76  GLU A N   1 
ATOM   443  C CA  . GLU A 1 76  ? -22.89890 10.53411  9.40126   1.000 24.12618 ? 76  GLU A CA  1 
ATOM   444  C C   . GLU A 1 76  ? -22.02825 10.53584  10.65887  1.000 26.78534 ? 76  GLU A C   1 
ATOM   445  O O   . GLU A 1 76  ? -22.41954 10.04667  11.72035  1.000 24.54186 ? 76  GLU A O   1 
ATOM   446  C CB  . GLU A 1 76  ? -24.25000 9.88254   9.66362   1.000 28.15822 ? 76  GLU A CB  1 
ATOM   447  C CG  . GLU A 1 76  ? -25.23168 10.27155  8.63858   1.000 24.33636 ? 76  GLU A CG  1 
ATOM   448  C CD  . GLU A 1 76  ? -25.64119 11.68074  8.85600   1.000 28.58799 ? 76  GLU A CD  1 
ATOM   449  O OE1 . GLU A 1 76  ? -26.15418 11.96518  9.96468   1.000 33.58749 ? 76  GLU A OE1 1 
ATOM   450  O OE2 . GLU A 1 76  ? -25.43366 12.50078  7.94010   1.000 33.27657 ? 76  GLU A OE2 1 
ATOM   451  N N   . VAL A 1 77  ? -20.83593 11.12517  10.51398  1.000 26.39255 ? 77  VAL A N   1 
ATOM   452  C CA  . VAL A 1 77  ? -19.83291 11.22700  11.56564  1.000 22.40400 ? 77  VAL A CA  1 
ATOM   453  C C   . VAL A 1 77  ? -19.47638 12.69241  11.71174  1.000 25.45206 ? 77  VAL A C   1 
ATOM   454  O O   . VAL A 1 77  ? -19.64042 13.48427  10.78035  1.000 26.22023 ? 77  VAL A O   1 
ATOM   455  C CB  . VAL A 1 77  ? -18.54871 10.44080  11.23911  1.000 33.19703 ? 77  VAL A CB  1 
ATOM   456  C CG1 . VAL A 1 77  ? -18.81707 8.92328   11.15366  1.000 23.70896 ? 77  VAL A CG1 1 
ATOM   457  C CG2 . VAL A 1 77  ? -17.87583 11.01688  9.95945   1.000 21.50952 ? 77  VAL A CG2 1 
ATOM   458  N N   . THR A 1 78  ? -18.94116 13.04629  12.88031  1.000 33.29987 ? 78  THR A N   1 
ATOM   459  C CA  . THR A 1 78  ? -18.48289 14.41857  13.07232  1.000 31.90477 ? 78  THR A CA  1 
ATOM   460  C C   . THR A 1 78  ? -17.14417 14.59549  12.37881  1.000 30.93627 ? 78  THR A C   1 
ATOM   461  O O   . THR A 1 78  ? -16.41497 13.62958  12.13073  1.000 36.52600 ? 78  THR A O   1 
ATOM   462  C CB  . THR A 1 78  ? -18.34309 14.76682  14.56018  1.000 40.54242 ? 78  THR A CB  1 
ATOM   463  O OG1 . THR A 1 78  ? -17.28382 14.00069  15.15608  1.000 39.01130 ? 78  THR A OG1 1 
ATOM   464  C CG2 . THR A 1 78  ? -19.64144 14.43932  15.30316  1.000 41.24893 ? 78  THR A CG2 1 
ATOM   465  N N   . HIS A 1 79  ? -16.82766 15.84668  12.05360  1.000 31.61950 ? 79  HIS A N   1 
ATOM   466  C CA  . HIS A 1 79  ? -15.56459 16.13758  11.38545  1.000 26.53057 ? 79  HIS A CA  1 
ATOM   467  C C   . HIS A 1 79  ? -14.38677 15.54060  12.15175  1.000 32.75870 ? 79  HIS A C   1 
ATOM   468  O O   . HIS A 1 79  ? -13.58393 14.78577  11.59266  1.000 29.37148 ? 79  HIS A O   1 
ATOM   469  C CB  . HIS A 1 79  ? -15.40472 17.64311  11.24147  1.000 22.50345 ? 79  HIS A CB  1 
ATOM   470  C CG  . HIS A 1 79  ? -14.34679 18.05128  10.27177  1.000 21.95545 ? 79  HIS A CG  1 
ATOM   471  N ND1 . HIS A 1 79  ? -14.51595 17.96158  8.90903   1.000 23.04686 ? 79  HIS A ND1 1 
ATOM   472  C CD2 . HIS A 1 79  ? -13.11383 18.57440  10.46496  1.000 27.58510 ? 79  HIS A CD2 1 
ATOM   473  C CE1 . HIS A 1 79  ? -13.42828 18.40835  8.30423   1.000 26.27368 ? 79  HIS A CE1 1 
ATOM   474  N NE2 . HIS A 1 79  ? -12.56214 18.78634  9.22583   1.000 22.78200 ? 79  HIS A NE2 1 
ATOM   475  N N   . GLU A 1 80  ? -14.28702 15.84799  13.44988  1.000 40.14817 ? 80  GLU A N   1 
ATOM   476  C CA  . GLU A 1 80  ? -13.19278 15.31004  14.25701  1.000 46.32174 ? 80  GLU A CA  1 
ATOM   477  C C   . GLU A 1 80  ? -13.20926 13.78706  14.25930  1.000 45.09351 ? 80  GLU A C   1 
ATOM   478  O O   . GLU A 1 80  ? -12.14972 13.14460  14.26921  1.000 39.06477 ? 80  GLU A O   1 
ATOM   479  C CB  . GLU A 1 80  ? -13.27453 15.83618  15.69130  1.000 46.99776 ? 80  GLU A CB  1 
ATOM   480  C CG  . GLU A 1 80  ? -13.38830 17.33835  15.79746  1.000 55.77269 ? 80  GLU A CG  1 
ATOM   481  C CD  . GLU A 1 80  ? -14.76086 17.75562  16.28150  1.000 61.92518 ? 80  GLU A CD  1 
ATOM   482  O OE1 . GLU A 1 80  ? -15.75124 17.08986  15.89779  1.000 43.34304 ? 80  GLU A OE1 1 
ATOM   483  O OE2 . GLU A 1 80  ? -14.84512 18.74199  17.04745  1.000 69.13398 ? 80  GLU A OE2 1 
ATOM   484  N N   . GLU A 1 81  ? -14.40611 13.19257  14.27475  1.000 40.24638 ? 81  GLU A N   1 
ATOM   485  C CA  . GLU A 1 81  ? -14.51065 11.74851  14.10581  1.000 37.79531 ? 81  GLU A CA  1 
ATOM   486  C C   . GLU A 1 81  ? -13.87792 11.30537  12.79037  1.000 37.18602 ? 81  GLU A C   1 
ATOM   487  O O   . GLU A 1 81  ? -13.06988 10.37074  12.76751  1.000 40.10810 ? 81  GLU A O   1 
ATOM   488  C CB  . GLU A 1 81  ? -15.97781 11.32539  14.19010  1.000 36.16856 ? 81  GLU A CB  1 
ATOM   489  C CG  . GLU A 1 81  ? -16.36064 10.74294  15.54450  1.000 40.07263 ? 81  GLU A CG  1 
ATOM   490  C CD  . GLU A 1 81  ? -17.83021 10.95975  15.88558  1.000 56.42429 ? 81  GLU A CD  1 
ATOM   491  O OE1 . GLU A 1 81  ? -18.71296 10.60553  15.06386  1.000 61.86039 ? 81  GLU A OE1 1 
ATOM   492  O OE2 . GLU A 1 81  ? -18.09687 11.51311  16.97827  1.000 58.95114 ? 81  GLU A OE2 1 
ATOM   493  N N   . ALA A 1 82  ? -14.20691 11.98449  11.68892  1.000 36.92791 ? 82  ALA A N   1 
ATOM   494  C CA  . ALA A 1 82  ? -13.62073 11.62455  10.40397  1.000 30.76778 ? 82  ALA A CA  1 
ATOM   495  C C   . ALA A 1 82  ? -12.11011 11.76950  10.43749  1.000 26.50117 ? 82  ALA A C   1 
ATOM   496  O O   . ALA A 1 82  ? -11.37578 10.84688  10.07186  1.000 25.25366 ? 82  ALA A O   1 
ATOM   497  C CB  . ALA A 1 82  ? -14.21181 12.48708  9.29055   1.000 20.69526 ? 82  ALA A CB  1 
ATOM   498  N N   . VAL A 1 83  ? -11.62871 12.92307  10.88673  1.000 25.58767 ? 83  VAL A N   1 
ATOM   499  C CA  . VAL A 1 83  ? -10.20162 13.19993  10.82046  1.000 32.86232 ? 83  VAL A CA  1 
ATOM   500  C C   . VAL A 1 83  ? -9.42467  12.24115  11.72070  1.000 39.59862 ? 83  VAL A C   1 
ATOM   501  O O   . VAL A 1 83  ? -8.33043  11.78947  11.36947  1.000 37.83541 ? 83  VAL A O   1 
ATOM   502  C CB  . VAL A 1 83  ? -9.94268  14.67126  11.18137  1.000 31.57502 ? 83  VAL A CB  1 
ATOM   503  C CG1 . VAL A 1 83  ? -8.49487  14.87344  11.66767  1.000 32.68973 ? 83  VAL A CG1 1 
ATOM   504  C CG2 . VAL A 1 83  ? -10.28110 15.55070  10.00762  1.000 30.55563 ? 83  VAL A CG2 1 
ATOM   505  N N   . THR A 1 84  ? -9.97376  11.91441  12.89186  1.000 41.56743 ? 84  THR A N   1 
ATOM   506  C CA  . THR A 1 84  ? -9.40371  10.84758  13.70437  1.000 33.13767 ? 84  THR A CA  1 
ATOM   507  C C   . THR A 1 84  ? -9.20203  9.58983   12.87168  1.000 39.95195 ? 84  THR A C   1 
ATOM   508  O O   . THR A 1 84  ? -8.08667  9.06449   12.77435  1.000 44.08761 ? 84  THR A O   1 
ATOM   509  C CB  . THR A 1 84  ? -10.31301 10.57079  14.90418  1.000 39.32994 ? 84  THR A CB  1 
ATOM   510  O OG1 . THR A 1 84  ? -9.99257  11.47950  15.96886  1.000 51.60246 ? 84  THR A OG1 1 
ATOM   511  C CG2 . THR A 1 84  ? -10.19869 9.11529   15.37044  1.000 41.02127 ? 84  THR A CG2 1 
ATOM   512  N N   . ALA A 1 85  ? -10.26872 9.13403   12.20980  1.000 40.62835 ? 85  ALA A N   1 
ATOM   513  C CA  . ALA A 1 85  ? -10.23363 7.87009   11.47561  1.000 41.97434 ? 85  ALA A CA  1 
ATOM   514  C C   . ALA A 1 85  ? -9.16106  7.86574   10.38896  1.000 43.63400 ? 85  ALA A C   1 
ATOM   515  O O   . ALA A 1 85  ? -8.52593  6.83191   10.14015  1.000 41.43392 ? 85  ALA A O   1 
ATOM   516  C CB  . ALA A 1 85  ? -11.60511 7.59811   10.86113  1.000 42.12353 ? 85  ALA A CB  1 
ATOM   517  N N   . LEU A 1 86  ? -8.96679  9.00601   9.71228   1.000 41.01916 ? 86  LEU A N   1 
ATOM   518  C CA  . LEU A 1 86  ? -7.94031  9.14634   8.68969   1.000 26.33908 ? 86  LEU A CA  1 
ATOM   519  C C   . LEU A 1 86  ? -6.56743  9.39895   9.26961   1.000 30.26533 ? 86  LEU A C   1 
ATOM   520  O O   . LEU A 1 86  ? -5.58120  9.31508   8.53344   1.000 41.31952 ? 86  LEU A O   1 
ATOM   521  C CB  . LEU A 1 86  ? -8.25977  10.29704  7.75265   1.000 19.26060 ? 86  LEU A CB  1 
ATOM   522  C CG  . LEU A 1 86  ? -9.50765  10.11639  6.93290   1.000 20.25348 ? 86  LEU A CG  1 
ATOM   523  C CD1 . LEU A 1 86  ? -9.86611  11.46105  6.34866   1.000 21.14481 ? 86  LEU A CD1 1 
ATOM   524  C CD2 . LEU A 1 86  ? -9.25526  9.09149   5.88232   1.000 19.67907 ? 86  LEU A CD2 1 
ATOM   525  N N   . LYS A 1 87  ? -6.47307  9.73243   10.55388  1.000 35.23830 ? 87  LYS A N   1 
ATOM   526  C CA  . LYS A 1 87  ? -5.17734  9.97135   11.16591  1.000 44.71404 ? 87  LYS A CA  1 
ATOM   527  C C   . LYS A 1 87  ? -4.74020  8.84386   12.09070  1.000 42.22209 ? 87  LYS A C   1 
ATOM   528  O O   . LYS A 1 87  ? -3.54637  8.71784   12.35332  1.000 41.84701 ? 87  LYS A O   1 
ATOM   529  C CB  . LYS A 1 87  ? -5.19535  11.31093  11.91730  1.000 31.18759 ? 87  LYS A CB  1 
ATOM   530  C CG  . LYS A 1 87  ? -4.69148  12.48599  11.07179  1.000 25.61925 ? 87  LYS A CG  1 
ATOM   531  C CD  . LYS A 1 87  ? -5.12254  13.82315  11.67380  1.000 28.52487 ? 87  LYS A CD  1 
ATOM   532  C CE  . LYS A 1 87  ? -4.71875  14.99642  10.81074  1.000 31.86211 ? 87  LYS A CE  1 
ATOM   533  N NZ  . LYS A 1 87  ? -3.37971  14.80227  10.21287  1.000 47.87619 ? 87  LYS A NZ  1 
ATOM   534  N N   . ASN A 1 88  ? -5.66147  7.99680   12.54477  1.000 40.09709 ? 88  ASN A N   1 
ATOM   535  C CA  . ASN A 1 88  ? -5.30323  6.80168   13.30936  1.000 49.40973 ? 88  ASN A CA  1 
ATOM   536  C C   . ASN A 1 88  ? -5.30994  5.57224   12.39845  1.000 51.10956 ? 88  ASN A C   1 
ATOM   537  O O   . ASN A 1 88  ? -6.17632  4.69341   12.46789  1.000 38.56429 ? 88  ASN A O   1 
ATOM   538  C CB  . ASN A 1 88  ? -6.24110  6.63154   14.49400  1.000 50.55862 ? 88  ASN A CB  1 
ATOM   539  C CG  . ASN A 1 88  ? -6.40554  7.91099   15.27530  1.000 62.56257 ? 88  ASN A CG  1 
ATOM   540  O OD1 . ASN A 1 88  ? -5.82022  8.94683   14.91760  1.000 50.82661 ? 88  ASN A OD1 1 
ATOM   541  N ND2 . ASN A 1 88  ? -7.18668  7.85438   16.35762  1.000 61.04959 ? 88  ASN A ND2 1 
ATOM   542  N N   . THR A 1 89  ? -4.28892  5.51484   11.54188  1.000 49.16451 ? 89  THR A N   1 
ATOM   543  C CA  . THR A 1 89  ? -4.18199  4.45274   10.55018  1.000 52.37156 ? 89  THR A CA  1 
ATOM   544  C C   . THR A 1 89  ? -2.72704  4.26454   10.15923  1.000 47.34053 ? 89  THR A C   1 
ATOM   545  O O   . THR A 1 89  ? -1.98284  5.24485   10.04097  1.000 58.00965 ? 89  THR A O   1 
ATOM   546  C CB  . THR A 1 89  ? -5.01919  4.75962   9.29974   1.000 52.76671 ? 89  THR A CB  1 
ATOM   547  O OG1 . THR A 1 89  ? -4.98007  3.63338   8.40867   1.000 45.43259 ? 89  THR A OG1 1 
ATOM   548  C CG2 . THR A 1 89  ? -4.49547  6.02187   8.59081   1.000 46.21691 ? 89  THR A CG2 1 
ATOM   549  N N   . SER A 1 90  ? -2.33820  3.00576   9.94597   1.000 44.00056 ? 90  SER A N   1 
ATOM   550  C CA  . SER A 1 90  ? -0.95527  2.65108   9.62633   1.000 49.88752 ? 90  SER A CA  1 
ATOM   551  C C   . SER A 1 90  ? -0.59487  3.15955   8.23602   1.000 47.06577 ? 90  SER A C   1 
ATOM   552  O O   . SER A 1 90  ? -1.32144  3.93597   7.61037   1.000 60.98817 ? 90  SER A O   1 
ATOM   553  C CB  . SER A 1 90  ? -0.74861  1.14677   9.67300   1.000 42.90727 ? 90  SER A CB  1 
ATOM   554  O OG  . SER A 1 90  ? -1.21315  0.58092   8.45973   1.000 43.96568 ? 90  SER A OG  1 
ATOM   555  N N   . ASP A 1 91  ? 0.53353   2.69179   7.71464   1.000 41.27398 ? 91  ASP A N   1 
ATOM   556  C CA  . ASP A 1 91  ? 0.90806   3.10584   6.37027   1.000 44.79655 ? 91  ASP A CA  1 
ATOM   557  C C   . ASP A 1 91  ? -0.01529  2.51082   5.30726   1.000 33.31209 ? 91  ASP A C   1 
ATOM   558  O O   . ASP A 1 91  ? -0.14497  3.07565   4.21932   1.000 36.80517 ? 91  ASP A O   1 
ATOM   559  C CB  . ASP A 1 91  ? 2.37274   2.74431   6.10426   1.000 38.69247 ? 91  ASP A CB  1 
ATOM   560  N N   . PHE A 1 92  ? -0.69474  1.42118   5.60043   1.000 25.87417 ? 92  PHE A N   1 
ATOM   561  C CA  . PHE A 1 92  ? -1.64109  0.85530   4.65394   1.000 35.84920 ? 92  PHE A CA  1 
ATOM   562  C C   . PHE A 1 92  ? -3.04386  1.34648   4.99652   1.000 41.73541 ? 92  PHE A C   1 
ATOM   563  O O   . PHE A 1 92  ? -3.53742  1.07683   6.10165   1.000 43.20961 ? 92  PHE A O   1 
ATOM   564  C CB  . PHE A 1 92  ? -1.56509  -0.67053  4.69037   1.000 35.47414 ? 92  PHE A CB  1 
ATOM   565  C CG  . PHE A 1 92  ? -0.19586  -1.21608  4.36066   1.000 34.62242 ? 92  PHE A CG  1 
ATOM   566  C CD1 . PHE A 1 92  ? 0.48784   -0.78708  3.23170   1.000 33.69392 ? 92  PHE A CD1 1 
ATOM   567  C CD2 . PHE A 1 92  ? 0.40364   -2.15607  5.17171   1.000 39.51507 ? 92  PHE A CD2 1 
ATOM   568  C CE1 . PHE A 1 92  ? 1.73824   -1.28401  2.92460   1.000 34.62640 ? 92  PHE A CE1 1 
ATOM   569  C CE2 . PHE A 1 92  ? 1.65919   -2.65781  4.86432   1.000 43.08978 ? 92  PHE A CE2 1 
ATOM   570  C CZ  . PHE A 1 92  ? 2.32267   -2.21903  3.74029   1.000 32.28866 ? 92  PHE A CZ  1 
ATOM   571  N N   . VAL A 1 93  ? -3.68725  2.07173   4.06429   1.000 37.94481 ? 93  VAL A N   1 
ATOM   572  C CA  . VAL A 1 93  ? -5.08758  2.47767   4.22992   1.000 36.06418 ? 93  VAL A CA  1 
ATOM   573  C C   . VAL A 1 93  ? -5.90489  2.07819   3.00805   1.000 30.72031 ? 93  VAL A C   1 
ATOM   574  O O   . VAL A 1 93  ? -5.56533  2.44528   1.87537   1.000 31.71271 ? 93  VAL A O   1 
ATOM   575  C CB  . VAL A 1 93  ? -5.26588  3.99043   4.45863   1.000 36.74464 ? 93  VAL A CB  1 
ATOM   576  C CG1 . VAL A 1 93  ? -6.59691  4.21868   5.13475   1.000 34.48148 ? 93  VAL A CG1 1 
ATOM   577  C CG2 . VAL A 1 93  ? -4.11585  4.61032   5.23618   1.000 40.89647 ? 93  VAL A CG2 1 
ATOM   578  N N   . TYR A 1 94  ? -6.99879  1.36830   3.23947   1.000 20.35222 ? 94  TYR A N   1 
ATOM   579  C CA  . TYR A 1 94  ? -8.02193  1.18817   2.22044   1.000 34.90705 ? 94  TYR A CA  1 
ATOM   580  C C   . TYR A 1 94  ? -9.09141  2.28439   2.35699   1.000 38.37211 ? 94  TYR A C   1 
ATOM   581  O O   . TYR A 1 94  ? -9.37335  2.76249   3.46756   1.000 26.58288 ? 94  TYR A O   1 
ATOM   582  C CB  . TYR A 1 94  ? -8.65316  -0.20680  2.32208   1.000 20.17376 ? 94  TYR A CB  1 
ATOM   583  N N   . LEU A 1 95  ? -9.67669  2.69217   1.21432   1.000 25.58382 ? 95  LEU A N   1 
ATOM   584  C CA  . LEU A 1 95  ? -10.67205 3.75544   1.16466   1.000 26.97128 ? 95  LEU A CA  1 
ATOM   585  C C   . LEU A 1 95  ? -11.84912 3.29350   0.33296   1.000 31.99810 ? 95  LEU A C   1 
ATOM   586  O O   . LEU A 1 95  ? -11.66564 2.72105   -0.74444  1.000 36.57685 ? 95  LEU A O   1 
ATOM   587  C CB  . LEU A 1 95  ? -10.14078 5.05372   0.53675   1.000 17.83829 ? 95  LEU A CB  1 
ATOM   588  C CG  . LEU A 1 95  ? -9.20528  5.97143   1.31660   1.000 14.44501 ? 95  LEU A CG  1 
ATOM   589  C CD1 . LEU A 1 95  ? -8.63974  7.02653   0.37909   1.000 12.54581 ? 95  LEU A CD1 1 
ATOM   590  C CD2 . LEU A 1 95  ? -9.86850  6.58750   2.51615   1.000 17.09660 ? 95  LEU A CD2 1 
ATOM   591  N N   . LYS A 1 96  ? -13.04848 3.54599   0.84337   1.000 17.40253 ? 96  LYS A N   1 
ATOM   592  C CA  . LYS A 1 96  ? -14.28388 3.41092   0.09460   1.000 13.29617 ? 96  LYS A CA  1 
ATOM   593  C C   . LYS A 1 96  ? -14.69085 4.81423   -0.29703  1.000 26.33308 ? 96  LYS A C   1 
ATOM   594  O O   . LYS A 1 96  ? -14.85813 5.66863   0.57544   1.000 35.57481 ? 96  LYS A O   1 
ATOM   595  C CB  . LYS A 1 96  ? -15.35572 2.77544   0.96934   1.000 25.51501 ? 96  LYS A CB  1 
ATOM   596  C CG  . LYS A 1 96  ? -16.67647 2.49424   0.32223   1.000 21.99299 ? 96  LYS A CG  1 
ATOM   597  C CD  . LYS A 1 96  ? -16.93915 1.00966   0.36202   1.000 36.38440 ? 96  LYS A CD  1 
ATOM   598  C CE  . LYS A 1 96  ? -18.43393 0.69728   0.55327   1.000 62.71043 ? 96  LYS A CE  1 
ATOM   599  N NZ  . LYS A 1 96  ? -18.76241 -0.77665  0.67152   1.000 53.96506 ? 96  LYS A NZ  1 
ATOM   600  N N   . VAL A 1 97  ? -14.79937 5.09048   -1.58774  1.000 29.19285 ? 97  VAL A N   1 
ATOM   601  C CA  . VAL A 1 97  ? -15.22350 6.42825   -1.96521  1.000 22.16136 ? 97  VAL A CA  1 
ATOM   602  C C   . VAL A 1 97  ? -16.40559 6.31474   -2.91248  1.000 32.53427 ? 97  VAL A C   1 
ATOM   603  O O   . VAL A 1 97  ? -16.74410 5.23534   -3.39999  1.000 34.96992 ? 97  VAL A O   1 
ATOM   604  C CB  . VAL A 1 97  ? -14.10903 7.27703   -2.60421  1.000 26.26656 ? 97  VAL A CB  1 
ATOM   605  C CG1 . VAL A 1 97  ? -12.80472 7.11192   -1.84788  1.000 30.14438 ? 97  VAL A CG1 1 
ATOM   606  C CG2 . VAL A 1 97  ? -13.98655 7.02954   -4.09934  1.000 41.86217 ? 97  VAL A CG2 1 
ATOM   607  N N   . ALA A 1 98  ? -17.05779 7.44754   -3.13944  1.000 26.23219 ? 98  ALA A N   1 
ATOM   608  C CA  . ALA A 1 98  ? -18.16647 7.53752   -4.06945  1.000 23.21369 ? 98  ALA A CA  1 
ATOM   609  C C   . ALA A 1 98  ? -17.83494 8.66130   -5.02252  1.000 30.15340 ? 98  ALA A C   1 
ATOM   610  O O   . ALA A 1 98  ? -17.64302 9.79701   -4.58249  1.000 29.07375 ? 98  ALA A O   1 
ATOM   611  C CB  . ALA A 1 98  ? -19.47911 7.80964   -3.34559  1.000 21.20814 ? 98  ALA A CB  1 
ATOM   612  N N   . LYS A 1 99  ? -17.72742 8.33922   -6.31265  1.000 43.31213 ? 99  LYS A N   1 
ATOM   613  C CA  . LYS A 1 99  ? -17.35889 9.33022   -7.32240  1.000 48.98088 ? 99  LYS A CA  1 
ATOM   614  C C   . LYS A 1 99  ? -18.60784 9.96523   -7.90931  1.000 47.42098 ? 99  LYS A C   1 
ATOM   615  O O   . LYS A 1 99  ? -19.41031 9.26187   -8.53704  1.000 63.74597 ? 99  LYS A O   1 
ATOM   616  C CB  . LYS A 1 99  ? -16.54627 8.69457   -8.43447  1.000 58.90917 ? 99  LYS A CB  1 
ATOM   617  C CG  . LYS A 1 99  ? -15.68342 9.68659   -9.21680  1.000 51.24333 ? 99  LYS A CG  1 
ATOM   618  C CD  . LYS A 1 99  ? -14.42023 10.03778  -8.44430  1.000 50.03254 ? 99  LYS A CD  1 
ATOM   619  C CE  . LYS A 1 99  ? -13.65802 8.77152   -8.05909  1.000 43.95879 ? 99  LYS A CE  1 
ATOM   620  N NZ  . LYS A 1 99  ? -12.25757 9.04330   -7.63312  1.000 44.04046 ? 99  LYS A NZ  1 
ATOM   621  N N   . PRO A 1 100 ? -18.80245 11.27488  -7.76134  1.000 50.36029 ? 100 PRO A N   1 
ATOM   622  C CA  . PRO A 1 100 ? -20.05538 11.89127  -8.20589  1.000 46.06577 ? 100 PRO A CA  1 
ATOM   623  C C   . PRO A 1 100 ? -20.27165 11.72256  -9.70505  1.000 57.44720 ? 100 PRO A C   1 
ATOM   624  O O   . PRO A 1 100 ? -19.34007 11.48599  -10.47862 1.000 63.28609 ? 100 PRO A O   1 
ATOM   625  C CB  . PRO A 1 100 ? -19.87967 13.36668  -7.82502  1.000 48.40856 ? 100 PRO A CB  1 
ATOM   626  C CG  . PRO A 1 100 ? -18.40696 13.56924  -7.69310  1.000 45.94183 ? 100 PRO A CG  1 
ATOM   627  C CD  . PRO A 1 100 ? -17.86316 12.26109  -7.19860  1.000 59.01268 ? 100 PRO A CD  1 
ATOM   628  N N   . THR A 1 101 ? -21.53352 11.83798  -10.10918 1.000 63.04593 ? 101 THR A N   1 
ATOM   629  C CA  . THR A 1 101 ? -21.91615 11.57060  -11.48821 1.000 56.99302 ? 101 THR A CA  1 
ATOM   630  C C   . THR A 1 101 ? -22.97543 12.56624  -11.94586 1.000 57.44866 ? 101 THR A C   1 
ATOM   631  O O   . THR A 1 101 ? -22.99820 13.71287  -11.48801 1.000 57.06661 ? 101 THR A O   1 
ATOM   632  C CB  . THR A 1 101 ? -22.44183 10.12417  -11.64895 1.000 60.73551 ? 101 THR A CB  1 
ATOM   633  O OG1 . THR A 1 101 ? -22.59653 9.82502   -13.04045 1.000 69.24109 ? 101 THR A OG1 1 
ATOM   634  C CG2 . THR A 1 101 ? -23.78626 9.94273   -10.91502 1.000 44.95625 ? 101 THR A CG2 1 
ATOM   635  N N   . MET B 2 11  ? 21.78867  -1.21364  4.73636   1.000 38.31760 ? 11  MET B N   1 
ATOM   636  C CA  . MET B 2 11  ? 21.77642  -2.57035  4.23734   1.000 27.24570 ? 11  MET B CA  1 
ATOM   637  C C   . MET B 2 11  ? 20.37310  -3.20348  4.42934   1.000 40.49562 ? 11  MET B C   1 
ATOM   638  O O   . MET B 2 11  ? 19.82394  -3.77927  3.49008   1.000 38.77887 ? 11  MET B O   1 
ATOM   639  C CB  . MET B 2 11  ? 22.87697  -3.37605  4.93767   1.000 30.40030 ? 11  MET B CB  1 
ATOM   640  C CG  . MET B 2 11  ? 23.07693  -4.79133  4.42515   1.000 43.26210 ? 11  MET B CG  1 
ATOM   641  S SD  . MET B 2 11  ? 24.20761  -5.05352  3.01712   1.000 72.36584 ? 11  MET B SD  1 
ATOM   642  C CE  . MET B 2 11  ? 24.31915  -6.86883  3.03945   1.000 34.77029 ? 11  MET B CE  1 
ATOM   643  N N   . ILE B 2 12  ? 19.78244  -3.06914  5.62648   1.000 36.50225 ? 12  ILE B N   1 
ATOM   644  C CA  . ILE B 2 12  ? 18.45835  -3.61843  5.92535   1.000 32.61176 ? 12  ILE B CA  1 
ATOM   645  C C   . ILE B 2 12  ? 17.37814  -2.59666  5.59855   1.000 39.26100 ? 12  ILE B C   1 
ATOM   646  O O   . ILE B 2 12  ? 17.44438  -1.44498  6.04276   1.000 45.98723 ? 12  ILE B O   1 
ATOM   647  C CB  . ILE B 2 12  ? 18.36632  -4.05745  7.39398   1.000 33.95370 ? 12  ILE B CB  1 
ATOM   648  C CG1 . ILE B 2 12  ? 19.43061  -5.10034  7.67641   1.000 32.97966 ? 12  ILE B CG1 1 
ATOM   649  C CG2 . ILE B 2 12  ? 16.97325  -4.56025  7.73360   1.000 31.97355 ? 12  ILE B CG2 1 
ATOM   650  C CD1 . ILE B 2 12  ? 19.35257  -6.23856  6.72025   1.000 34.65921 ? 12  ILE B CD1 1 
ATOM   651  N N   . MET B 2 13  ? 16.36085  -3.02219  4.84771   1.000 36.70628 ? 13  MET B N   1 
ATOM   652  C CA  . MET B 2 13  ? 15.31581  -2.11557  4.39143   1.000 35.07570 ? 13  MET B CA  1 
ATOM   653  C C   . MET B 2 13  ? 13.95140  -2.73659  4.62370   1.000 35.42026 ? 13  MET B C   1 
ATOM   654  O O   . MET B 2 13  ? 13.80572  -3.95959  4.63653   1.000 44.52104 ? 13  MET B O   1 
ATOM   655  C CB  . MET B 2 13  ? 15.45929  -1.78042  2.90427   1.000 24.85633 ? 13  MET B CB  1 
ATOM   656  C CG  . MET B 2 13  ? 16.55130  -0.79331  2.60572   1.000 34.26040 ? 13  MET B CG  1 
ATOM   657  S SD  . MET B 2 13  ? 15.97006  0.54239   1.56336   1.000 56.46111 ? 13  MET B SD  1 
ATOM   658  C CE  . MET B 2 13  ? 15.11293  1.59565   2.74769   1.000 41.11602 ? 13  MET B CE  1 
ATOM   659  N N   . GLU B 2 14  ? 12.96635  -1.87029  4.83089   1.000 33.26513 ? 14  GLU B N   1 
ATOM   660  C CA  A GLU B 2 14  ? 11.55152  -2.22584  4.87080   0.676 32.47581 ? 14  GLU B CA  1 
ATOM   661  C CA  B GLU B 2 14  ? 11.56173  -2.24449  4.85417   0.324 33.11137 ? 14  GLU B CA  1 
ATOM   662  C C   . GLU B 2 14  ? 10.89319  -1.60041  3.65233   1.000 28.08361 ? 14  GLU B C   1 
ATOM   663  O O   . GLU B 2 14  ? 11.05155  -0.40052  3.41739   1.000 34.40113 ? 14  GLU B O   1 
ATOM   664  C CB  A GLU B 2 14  ? 10.89896  -1.71444  6.16180   0.676 36.91080 ? 14  GLU B CB  1 
ATOM   665  C CB  B GLU B 2 14  ? 10.90325  -1.79891  6.16001   0.324 40.05348 ? 14  GLU B CB  1 
ATOM   666  C CG  A GLU B 2 14  ? 9.45770   -2.16539  6.44144   0.676 39.97275 ? 14  GLU B CG  1 
ATOM   667  C CG  B GLU B 2 14  ? 11.41015  -0.45411  6.65137   0.324 39.64316 ? 14  GLU B CG  1 
ATOM   668  C CD  A GLU B 2 14  ? 9.36579   -3.50855  7.15304   0.676 38.71855 ? 14  GLU B CD  1 
ATOM   669  C CD  B GLU B 2 14  ? 10.38061  0.30736   7.45610   0.324 41.76621 ? 14  GLU B CD  1 
ATOM   670  O OE1 A GLU B 2 14  ? 10.40958  -3.99518  7.64227   0.676 35.44365 ? 14  GLU B OE1 1 
ATOM   671  O OE1 B GLU B 2 14  ? 9.57569   -0.33183  8.16998   0.324 40.65972 ? 14  GLU B OE1 1 
ATOM   672  O OE2 A GLU B 2 14  ? 8.24125   -4.06512  7.25202   0.676 38.89901 ? 14  GLU B OE2 1 
ATOM   673  O OE2 B GLU B 2 14  ? 10.35686  1.55088   7.35388   0.324 41.22783 ? 14  GLU B OE2 1 
ATOM   674  N N   . ILE B 2 15  ? 10.17993  -2.40189  2.86337   1.000 27.66894 ? 15  ILE B N   1 
ATOM   675  C CA  . ILE B 2 15  ? 9.55326   -1.92746  1.62625   1.000 28.18144 ? 15  ILE B CA  1 
ATOM   676  C C   . ILE B 2 15  ? 8.06473   -2.28570  1.62443   1.000 31.23894 ? 15  ILE B C   1 
ATOM   677  O O   . ILE B 2 15  ? 7.69790   -3.42197  1.30606   1.000 28.86854 ? 15  ILE B O   1 
ATOM   678  C CB  . ILE B 2 15  ? 10.24479  -2.48457  0.37838   1.000 17.62340 ? 15  ILE B CB  1 
ATOM   679  C CG1 . ILE B 2 15  ? 11.74696  -2.27528  0.42799   1.000 25.76769 ? 15  ILE B CG1 1 
ATOM   680  C CG2 . ILE B 2 15  ? 9.71990   -1.82948  -0.83852  1.000 29.94303 ? 15  ILE B CG2 1 
ATOM   681  C CD1 . ILE B 2 15  ? 12.44133  -2.76892  -0.81593  1.000 21.77259 ? 15  ILE B CD1 1 
ATOM   682  N N   . LYS B 2 16  ? 7.19867   -1.31480  1.94420   1.000 31.75787 ? 16  LYS B N   1 
ATOM   683  C CA  . LYS B 2 16  ? 5.75147   -1.49543  1.80847   1.000 29.13415 ? 16  LYS B CA  1 
ATOM   684  C C   . LYS B 2 16  ? 5.32636   -1.48451  0.34073   1.000 31.66414 ? 16  LYS B C   1 
ATOM   685  O O   . LYS B 2 16  ? 5.68128   -0.57392  -0.41345  1.000 35.69941 ? 16  LYS B O   1 
ATOM   686  C CB  . LYS B 2 16  ? 4.96647   -0.39706  2.52919   1.000 34.80216 ? 16  LYS B CB  1 
ATOM   687  C CG  . LYS B 2 16  ? 5.18580   -0.20016  4.02208   1.000 39.02412 ? 16  LYS B CG  1 
ATOM   688  C CD  . LYS B 2 16  ? 6.41787   0.60304   4.30126   1.000 40.33301 ? 16  LYS B CD  1 
ATOM   689  C CE  . LYS B 2 16  ? 6.48404   0.98332   5.75921   1.000 46.04975 ? 16  LYS B CE  1 
ATOM   690  N NZ  . LYS B 2 16  ? 7.89351   0.93912   6.21245   1.000 58.07718 ? 16  LYS B NZ  1 
ATOM   691  N N   . LEU B 2 17  ? 4.51295   -2.45560  -0.05138  1.000 27.90550 ? 17  LEU B N   1 
ATOM   692  C CA  . LEU B 2 17  ? 4.03132   -2.54181  -1.42193  1.000 28.66983 ? 17  LEU B CA  1 
ATOM   693  C C   . LEU B 2 17  ? 2.54568   -2.83834  -1.41538  1.000 30.64299 ? 17  LEU B C   1 
ATOM   694  O O   . LEU B 2 17  ? 2.03886   -3.48424  -0.49583  1.000 25.24249 ? 17  LEU B O   1 
ATOM   695  C CB  . LEU B 2 17  ? 4.73804   -3.62712  -2.23372  1.000 28.13363 ? 17  LEU B CB  1 
ATOM   696  C CG  . LEU B 2 17  ? 5.89665   -3.32538  -3.17452  1.000 34.66045 ? 17  LEU B CG  1 
ATOM   697  C CD1 . LEU B 2 17  ? 6.89655   -2.34136  -2.61611  1.000 28.20673 ? 17  LEU B CD1 1 
ATOM   698  C CD2 . LEU B 2 17  ? 6.56333   -4.65321  -3.50330  1.000 40.47565 ? 17  LEU B CD2 1 
ATOM   699  N N   . ILE B 2 18  ? 1.86314   -2.35115  -2.45650  1.000 35.72343 ? 18  ILE B N   1 
ATOM   700  C CA  . ILE B 2 18  ? 0.45514   -2.62999  -2.71524  1.000 26.39038 ? 18  ILE B CA  1 
ATOM   701  C C   . ILE B 2 18  ? 0.39133   -3.59967  -3.88703  1.000 26.81253 ? 18  ILE B C   1 
ATOM   702  O O   . ILE B 2 18  ? 0.88282   -3.30817  -4.98369  1.000 27.55947 ? 18  ILE B O   1 
ATOM   703  C CB  . ILE B 2 18  ? -0.34519  -1.34704  -2.99200  1.000 33.34913 ? 18  ILE B CB  1 
ATOM   704  C CG1 . ILE B 2 18  ? -1.07237  -0.88605  -1.72130  1.000 37.11250 ? 18  ILE B CG1 1 
ATOM   705  C CG2 . ILE B 2 18  ? -1.36076  -1.55397  -4.10244  1.000 36.69827 ? 18  ILE B CG2 1 
ATOM   706  C CD1 . ILE B 2 18  ? -0.15723  -0.74064  -0.53270  1.000 36.20369 ? 18  ILE B CD1 1 
ATOM   707  N N   . LYS B 2 19  ? -0.17927  -4.76792  -3.64209  1.000 30.70244 ? 19  LYS B N   1 
ATOM   708  C CA  . LYS B 2 19  ? -0.22337  -5.79817  -4.66247  1.000 26.79046 ? 19  LYS B CA  1 
ATOM   709  C C   . LYS B 2 19  ? -1.12517  -5.34246  -5.80328  1.000 36.21972 ? 19  LYS B C   1 
ATOM   710  O O   . LYS B 2 19  ? -2.26765  -4.93685  -5.57388  1.000 45.83016 ? 19  LYS B O   1 
ATOM   711  C CB  . LYS B 2 19  ? -0.72420  -7.10147  -4.04295  1.000 26.62924 ? 19  LYS B CB  1 
ATOM   712  C CG  . LYS B 2 19  ? -0.22074  -8.38632  -4.70174  1.000 28.81489 ? 19  LYS B CG  1 
ATOM   713  C CD  . LYS B 2 19  ? -0.30997  -9.53684  -3.71578  1.000 22.02145 ? 19  LYS B CD  1 
ATOM   714  C CE  . LYS B 2 19  ? -0.64774  -10.84280 -4.36190  1.000 25.35343 ? 19  LYS B CE  1 
ATOM   715  N NZ  . LYS B 2 19  ? 0.16562   -11.94637 -3.74418  1.000 35.81266 ? 19  LYS B NZ  1 
ATOM   716  N N   . GLY B 2 20  ? -0.59872  -5.37075  -7.02733  1.000 39.69889 ? 20  GLY B N   1 
ATOM   717  C CA  . GLY B 2 20  ? -1.38031  -5.10315  -8.21351  1.000 35.22613 ? 20  GLY B CA  1 
ATOM   718  C C   . GLY B 2 20  ? -1.98426  -6.37688  -8.78282  1.000 30.86250 ? 20  GLY B C   1 
ATOM   719  O O   . GLY B 2 20  ? -1.82891  -7.46092  -8.21504  1.000 30.19685 ? 20  GLY B O   1 
ATOM   720  N N   . PRO B 2 21  ? -2.67692  -6.28031  -9.92851  1.000 42.81017 ? 21  PRO B N   1 
ATOM   721  C CA  . PRO B 2 21  ? -3.37596  -7.48197  -10.43267 1.000 40.91502 ? 21  PRO B CA  1 
ATOM   722  C C   . PRO B 2 21  ? -2.42907  -8.59188  -10.85340 1.000 32.58428 ? 21  PRO B C   1 
ATOM   723  O O   . PRO B 2 21  ? -2.62247  -9.74584  -10.45945 1.000 37.24525 ? 21  PRO B O   1 
ATOM   724  C CB  . PRO B 2 21  ? -4.20469  -6.95779  -11.61936 1.000 37.50492 ? 21  PRO B CB  1 
ATOM   725  C CG  . PRO B 2 21  ? -3.52864  -5.68219  -12.04578 1.000 43.79358 ? 21  PRO B CG  1 
ATOM   726  C CD  . PRO B 2 21  ? -2.79838  -5.12247  -10.84691 1.000 48.72658 ? 21  PRO B CD  1 
ATOM   727  N N   . LYS B 2 22  ? -1.39811  -8.28050  -11.63205 1.000 36.40822 ? 22  LYS B N   1 
ATOM   728  C CA  . LYS B 2 22  ? -0.45994  -9.29881  -12.08086 1.000 25.95202 ? 22  LYS B CA  1 
ATOM   729  C C   . LYS B 2 22  ? 0.43555   -9.82211  -10.96924 1.000 33.60994 ? 22  LYS B C   1 
ATOM   730  O O   . LYS B 2 22  ? 1.22694   -10.72664 -11.24235 1.000 50.09377 ? 22  LYS B O   1 
ATOM   731  N N   . GLY B 2 23  ? 0.34874   -9.29584  -9.74965  1.000 30.07073 ? 23  GLY B N   1 
ATOM   732  C CA  . GLY B 2 23  ? 1.18010   -9.72542  -8.64042  1.000 31.43595 ? 23  GLY B CA  1 
ATOM   733  C C   . GLY B 2 23  ? 2.08170   -8.62413  -8.11717  1.000 29.24046 ? 23  GLY B C   1 
ATOM   734  O O   . GLY B 2 23  ? 1.85560   -7.43042  -8.33284  1.000 30.08212 ? 23  GLY B O   1 
ATOM   735  N N   . LEU B 2 24  ? 3.13486   -9.03395  -7.39962  1.000 22.21402 ? 24  LEU B N   1 
ATOM   736  C CA  . LEU B 2 24  ? 3.91403   -8.02436  -6.69132  1.000 21.64035 ? 24  LEU B CA  1 
ATOM   737  C C   . LEU B 2 24  ? 4.94269   -7.38511  -7.59496  1.000 25.67614 ? 24  LEU B C   1 
ATOM   738  O O   . LEU B 2 24  ? 5.37405   -6.25919  -7.32373  1.000 19.59725 ? 24  LEU B O   1 
ATOM   739  C CB  . LEU B 2 24  ? 4.60824   -8.59095  -5.45098  1.000 17.41538 ? 24  LEU B CB  1 
ATOM   740  C CG  . LEU B 2 24  ? 3.83004   -8.81973  -4.15690  1.000 19.15106 ? 24  LEU B CG  1 
ATOM   741  C CD1 . LEU B 2 24  ? 4.73381   -9.43743  -3.14305  1.000 17.82122 ? 24  LEU B CD1 1 
ATOM   742  C CD2 . LEU B 2 24  ? 3.27393   -7.54788  -3.60544  1.000 11.88491 ? 24  LEU B CD2 1 
ATOM   743  N N   . GLY B 2 25  ? 5.34916   -8.09162  -8.65157  1.000 30.40070 ? 25  GLY B N   1 
ATOM   744  C CA  . GLY B 2 25  ? 6.13378   -7.51086  -9.72535  1.000 26.33109 ? 25  GLY B CA  1 
ATOM   745  C C   . GLY B 2 25  ? 7.60882   -7.84650  -9.76109  1.000 22.21165 ? 25  GLY B C   1 
ATOM   746  O O   . GLY B 2 25  ? 8.42247   -6.96782  -10.06194 1.000 26.24649 ? 25  GLY B O   1 
ATOM   747  N N   . PHE B 2 26  ? 7.97030   -9.09910  -9.48048  1.000 30.11900 ? 26  PHE B N   1 
ATOM   748  C CA  . PHE B 2 26  ? 9.36686   -9.51814  -9.54962  1.000 23.58427 ? 26  PHE B CA  1 
ATOM   749  C C   . PHE B 2 26  ? 9.46095   -11.04273 -9.54952  1.000 22.85107 ? 26  PHE B C   1 
ATOM   750  O O   . PHE B 2 26  ? 8.50584   -11.74357 -9.20426  1.000 24.85995 ? 26  PHE B O   1 
ATOM   751  C CB  . PHE B 2 26  ? 10.20557  -8.87797  -8.41762  1.000 17.75978 ? 26  PHE B CB  1 
ATOM   752  C CG  . PHE B 2 26  ? 9.76841   -9.22214  -7.03076  1.000 15.96228 ? 26  PHE B CG  1 
ATOM   753  C CD1 . PHE B 2 26  ? 10.29967  -10.33419 -6.37143  1.000 22.69888 ? 26  PHE B CD1 1 
ATOM   754  C CD2 . PHE B 2 26  ? 8.87038   -8.42493  -6.36480  1.000 15.28437 ? 26  PHE B CD2 1 
ATOM   755  C CE1 . PHE B 2 26  ? 9.92487   -10.64862 -5.06569  1.000 20.23382 ? 26  PHE B CE1 1 
ATOM   756  C CE2 . PHE B 2 26  ? 8.46272   -8.73411  -5.07320  1.000 17.75149 ? 26  PHE B CE2 1 
ATOM   757  C CZ  . PHE B 2 26  ? 8.99120   -9.85502  -4.41790  1.000 22.19100 ? 26  PHE B CZ  1 
ATOM   758  N N   . SER B 2 27  ? 10.61587  -11.55026 -9.98337  1.000 21.63469 ? 27  SER B N   1 
ATOM   759  C CA  . SER B 2 27  ? 10.92283  -12.97453 -9.91215  1.000 23.59877 ? 27  SER B CA  1 
ATOM   760  C C   . SER B 2 27  ? 12.01991  -13.20884 -8.88355  1.000 22.62439 ? 27  SER B C   1 
ATOM   761  O O   . SER B 2 27  ? 12.83454  -12.31670 -8.62186  1.000 19.57914 ? 27  SER B O   1 
ATOM   762  C CB  . SER B 2 27  ? 11.37253  -13.52497 -11.26328 1.000 29.72706 ? 27  SER B CB  1 
ATOM   763  O OG  . SER B 2 27  ? 10.36534  -13.39922 -12.24397 1.000 45.37597 ? 27  SER B OG  1 
ATOM   764  N N   . ILE B 2 28  ? 12.05334  -14.42234 -8.31239  1.000 17.39347 ? 28  ILE B N   1 
ATOM   765  C CA  . ILE B 2 28  ? 12.95200  -14.72965 -7.20329  1.000 18.51947 ? 28  ILE B CA  1 
ATOM   766  C C   . ILE B 2 28  ? 13.68249  -16.03648 -7.46920  1.000 17.12681 ? 28  ILE B C   1 
ATOM   767  O O   . ILE B 2 28  ? 13.15256  -16.93758 -8.11973  1.000 25.28236 ? 28  ILE B O   1 
ATOM   768  C CB  . ILE B 2 28  ? 12.20120  -14.85245 -5.87071  1.000 10.28572 ? 28  ILE B CB  1 
ATOM   769  C CG1 . ILE B 2 28  ? 11.11001  -15.88310 -6.00926  1.000 9.19223  ? 28  ILE B CG1 1 
ATOM   770  C CG2 . ILE B 2 28  ? 11.57444  -13.55618 -5.50782  1.000 13.27878 ? 28  ILE B CG2 1 
ATOM   771  C CD1 . ILE B 2 28  ? 11.12734  -16.85417 -4.88229  1.000 19.28490 ? 28  ILE B CD1 1 
ATOM   772  N N   . ALA B 2 29  ? 14.87871  -16.16920 -6.89918  1.000 15.37763 ? 29  ALA B N   1 
ATOM   773  C CA  . ALA B 2 29  ? 15.65222  -17.39625 -7.03367  1.000 9.59009  ? 29  ALA B CA  1 
ATOM   774  C C   . ALA B 2 29  ? 16.26450  -17.77292 -5.69521  1.000 7.67241  ? 29  ALA B C   1 
ATOM   775  O O   . ALA B 2 29  ? 16.29885  -16.97461 -4.76208  1.000 11.96309 ? 29  ALA B O   1 
ATOM   776  C CB  . ALA B 2 29  ? 16.73624  -17.22960 -8.07600  1.000 9.22243  ? 29  ALA B CB  1 
ATOM   777  N N   . GLY B 2 30  ? 16.76418  -18.99895 -5.60789  1.000 10.19037 ? 30  GLY B N   1 
ATOM   778  C CA  . GLY B 2 30  ? 17.48139  -19.46223 -4.44074  1.000 7.26527  ? 30  GLY B CA  1 
ATOM   779  C C   . GLY B 2 30  ? 16.58418  -20.24736 -3.50522  1.000 9.90765  ? 30  GLY B C   1 
ATOM   780  O O   . GLY B 2 30  ? 15.37047  -20.34951 -3.69239  1.000 10.39017 ? 30  GLY B O   1 
ATOM   781  N N   . GLY B 2 31  ? 17.19643  -20.82022 -2.48759  1.000 11.74929 ? 31  GLY B N   1 
ATOM   782  C CA  . GLY B 2 31  ? 16.47995  -21.59912 -1.49686  1.000 14.08723 ? 31  GLY B CA  1 
ATOM   783  C C   . GLY B 2 31  ? 17.23337  -22.83788 -1.04742  1.000 14.36566 ? 31  GLY B C   1 
ATOM   784  O O   . GLY B 2 31  ? 18.06948  -23.38987 -1.76226  1.000 14.09430 ? 31  GLY B O   1 
ATOM   785  N N   . VAL B 2 32  ? 16.91165  -23.29666 0.16596   1.000 22.54875 ? 32  VAL B N   1 
ATOM   786  C CA  . VAL B 2 32  ? 17.47148  -24.53421 0.70543   1.000 23.75644 ? 32  VAL B CA  1 
ATOM   787  C C   . VAL B 2 32  ? 17.21270  -25.64159 -0.30254  1.000 17.76643 ? 32  VAL B C   1 
ATOM   788  O O   . VAL B 2 32  ? 16.06778  -26.00704 -0.55637  1.000 15.25249 ? 32  VAL B O   1 
ATOM   789  C CB  . VAL B 2 32  ? 16.89042  -24.86195 2.09614   1.000 18.77340 ? 32  VAL B CB  1 
ATOM   790  C CG1 . VAL B 2 32  ? 16.89266  -26.34265 2.35200   1.000 21.12382 ? 32  VAL B CG1 1 
ATOM   791  C CG2 . VAL B 2 32  ? 17.71636  -24.18210 3.18682   1.000 26.99920 ? 32  VAL B CG2 1 
ATOM   792  N N   . GLY B 2 33  ? 18.27144  -26.11643 -0.94589  1.000 20.10807 ? 33  GLY B N   1 
ATOM   793  C CA  . GLY B 2 33  ? 18.15306  -27.04410 -2.04663  1.000 22.26145 ? 33  GLY B CA  1 
ATOM   794  C C   . GLY B 2 33  ? 18.17395  -26.42617 -3.43594  1.000 20.56051 ? 33  GLY B C   1 
ATOM   795  O O   . GLY B 2 33  ? 18.30668  -27.16355 -4.41424  1.000 23.17017 ? 33  GLY B O   1 
ATOM   796  N N   . ASN B 2 34  ? 18.04463  -25.11242 -3.56478  1.000 21.85905 ? 34  ASN B N   1 
ATOM   797  C CA  . ASN B 2 34  ? 18.02854  -24.49277 -4.88439  1.000 25.67691 ? 34  ASN B CA  1 
ATOM   798  C C   . ASN B 2 34  ? 18.92687  -23.24853 -4.90022  1.000 22.75515 ? 34  ASN B C   1 
ATOM   799  O O   . ASN B 2 34  ? 18.60062  -22.23471 -5.53075  1.000 26.98616 ? 34  ASN B O   1 
ATOM   800  C CB  . ASN B 2 34  ? 16.57931  -24.19385 -5.30803  1.000 21.30098 ? 34  ASN B CB  1 
ATOM   801  C CG  . ASN B 2 34  ? 16.46049  -23.54323 -6.71451  1.000 31.85600 ? 34  ASN B CG  1 
ATOM   802  O OD1 . ASN B 2 34  ? 16.77878  -24.15358 -7.73998  1.000 35.72889 ? 34  ASN B OD1 1 
ATOM   803  N ND2 . ASN B 2 34  ? 15.97125  -22.30115 -6.74812  1.000 24.64469 ? 34  ASN B ND2 1 
ATOM   804  N N   . GLN B 2 35  ? 20.09073  -23.32414 -4.23014  1.000 22.23390 ? 35  GLN B N   1 
ATOM   805  C CA  . GLN B 2 35  ? 20.91785  -22.13866 -3.96512  1.000 18.33374 ? 35  GLN B CA  1 
ATOM   806  C C   . GLN B 2 35  ? 21.19627  -21.34544 -5.23864  1.000 16.00789 ? 35  GLN B C   1 
ATOM   807  O O   . GLN B 2 35  ? 21.69050  -21.87728 -6.23687  1.000 13.14243 ? 35  GLN B O   1 
ATOM   808  C CB  . GLN B 2 35  ? 22.23917  -22.53138 -3.28015  1.000 19.69661 ? 35  GLN B CB  1 
ATOM   809  C CG  . GLN B 2 35  ? 22.07273  -23.43460 -2.03302  1.000 21.82646 ? 35  GLN B CG  1 
ATOM   810  C CD  . GLN B 2 35  ? 23.39706  -23.92658 -1.44227  1.000 16.99837 ? 35  GLN B CD  1 
ATOM   811  O OE1 . GLN B 2 35  ? 24.36554  -24.17334 -2.15603  1.000 18.10721 ? 35  GLN B OE1 1 
ATOM   812  N NE2 . GLN B 2 35  ? 23.45353  -24.00860 -0.12290  1.000 15.83587 ? 35  GLN B NE2 1 
ATOM   813  N N   . HIS B 2 36  ? 20.82670  -20.06513 -5.20902  1.000 17.82375 ? 36  HIS B N   1 
ATOM   814  C CA  . HIS B 2 36  ? 21.10400  -19.19778 -6.34581  1.000 13.33298 ? 36  HIS B CA  1 
ATOM   815  C C   . HIS B 2 36  ? 22.59444  -18.92911 -6.49302  1.000 19.88170 ? 36  HIS B C   1 
ATOM   816  O O   . HIS B 2 36  ? 23.07971  -18.75072 -7.61074  1.000 21.87729 ? 36  HIS B O   1 
ATOM   817  C CB  . HIS B 2 36  ? 20.33197  -17.91188 -6.16544  1.000 13.00834 ? 36  HIS B CB  1 
ATOM   818  C CG  . HIS B 2 36  ? 20.60057  -16.87702 -7.20285  1.000 15.68595 ? 36  HIS B CG  1 
ATOM   819  N ND1 . HIS B 2 36  ? 20.61599  -15.52926 -6.90958  1.000 24.51975 ? 36  HIS B ND1 1 
ATOM   820  C CD2 . HIS B 2 36  ? 20.83275  -16.97575 -8.52938  1.000 21.41270 ? 36  HIS B CD2 1 
ATOM   821  C CE1 . HIS B 2 36  ? 20.86719  -14.84188 -8.00988  1.000 25.62987 ? 36  HIS B CE1 1 
ATOM   822  N NE2 . HIS B 2 36  ? 21.00085  -15.69550 -9.00866  1.000 23.06809 ? 36  HIS B NE2 1 
ATOM   823  N N   . ILE B 2 37  ? 23.32244  -18.89721 -5.37910  1.000 17.77517 ? 37  ILE B N   1 
ATOM   824  C CA  . ILE B 2 37  ? 24.76440  -18.69036 -5.30431  1.000 14.68258 ? 37  ILE B CA  1 
ATOM   825  C C   . ILE B 2 37  ? 25.30584  -19.87874 -4.52383  1.000 22.41414 ? 37  ILE B C   1 
ATOM   826  O O   . ILE B 2 37  ? 24.70165  -20.25643 -3.51124  1.000 26.85588 ? 37  ILE B O   1 
ATOM   827  C CB  . ILE B 2 37  ? 25.12943  -17.41512 -4.54523  1.000 13.59059 ? 37  ILE B CB  1 
ATOM   828  C CG1 . ILE B 2 37  ? 24.93495  -16.19875 -5.36169  1.000 11.99842 ? 37  ILE B CG1 1 
ATOM   829  C CG2 . ILE B 2 37  ? 26.59359  -17.38394 -4.25631  1.000 22.76207 ? 37  ILE B CG2 1 
ATOM   830  C CD1 . ILE B 2 37  ? 24.39946  -15.10234 -4.48261  1.000 26.55947 ? 37  ILE B CD1 1 
ATOM   831  N N   . PRO B 2 38  ? 26.43500  -20.46767 -4.90101  1.000 20.26921 ? 38  PRO B N   1 
ATOM   832  C CA  . PRO B 2 38  ? 26.89150  -21.66979 -4.19929  1.000 17.09714 ? 38  PRO B CA  1 
ATOM   833  C C   . PRO B 2 38  ? 27.05158  -21.43823 -2.70022  1.000 17.17065 ? 38  PRO B C   1 
ATOM   834  O O   . PRO B 2 38  ? 27.73050  -20.51325 -2.25848  1.000 18.16611 ? 38  PRO B O   1 
ATOM   835  C CB  . PRO B 2 38  ? 28.22392  -21.98567 -4.88428  1.000 16.57596 ? 38  PRO B CB  1 
ATOM   836  C CG  . PRO B 2 38  ? 28.07886  -21.39538 -6.23069  1.000 22.10202 ? 38  PRO B CG  1 
ATOM   837  C CD  . PRO B 2 38  ? 27.32526  -20.11875 -6.02038  1.000 16.66525 ? 38  PRO B CD  1 
ATOM   838  N N   . GLY B 2 39  ? 26.40985  -22.30202 -1.91778  1.000 25.67168 ? 39  GLY B N   1 
ATOM   839  C CA  . GLY B 2 39  ? 26.36035  -22.16419 -0.47533  1.000 24.88611 ? 39  GLY B CA  1 
ATOM   840  C C   . GLY B 2 39  ? 25.62899  -20.92136 -0.03483  1.000 25.57615 ? 39  GLY B C   1 
ATOM   841  O O   . GLY B 2 39  ? 26.19293  -20.11059 0.70276   1.000 35.58770 ? 39  GLY B O   1 
ATOM   842  N N   . ASP B 2 40  ? 24.38855  -20.74910 -0.50415  1.000 26.42771 ? 40  ASP B N   1 
ATOM   843  C CA  . ASP B 2 40  ? 23.58853  -19.57738 -0.16661  1.000 26.66476 ? 40  ASP B CA  1 
ATOM   844  C C   . ASP B 2 40  ? 22.10079  -19.78262 -0.42259  1.000 31.20936 ? 40  ASP B C   1 
ATOM   845  O O   . ASP B 2 40  ? 21.53351  -19.25649 -1.39583  1.000 30.59762 ? 40  ASP B O   1 
ATOM   846  C CB  . ASP B 2 40  ? 24.05328  -18.33931 -0.93467  1.000 23.52613 ? 40  ASP B CB  1 
ATOM   847  C CG  . ASP B 2 40  ? 23.81663  -17.06769 -0.14316  1.000 35.17114 ? 40  ASP B CG  1 
ATOM   848  O OD1 . ASP B 2 40  ? 23.81543  -17.18667 1.10833   1.000 37.34152 ? 40  ASP B OD1 1 
ATOM   849  O OD2 . ASP B 2 40  ? 23.59408  -15.98263 -0.74981  1.000 23.14226 ? 40  ASP B OD2 1 
ATOM   850  N N   . ASN B 2 41  ? 21.44414  -20.47207 0.50314   1.000 25.70012 ? 41  ASN B N   1 
ATOM   851  C CA  . ASN B 2 41  ? 20.03277  -20.80028 0.34898   1.000 22.70228 ? 41  ASN B CA  1 
ATOM   852  C C   . ASN B 2 41  ? 19.10625  -19.60040 0.44962   1.000 12.52181 ? 41  ASN B C   1 
ATOM   853  O O   . ASN B 2 41  ? 17.91470  -19.78730 0.68624   1.000 22.03183 ? 41  ASN B O   1 
ATOM   854  C CB  . ASN B 2 41  ? 19.61560  -21.82526 1.40296   1.000 26.37935 ? 41  ASN B CB  1 
ATOM   855  C CG  . ASN B 2 41  ? 20.65183  -22.92934 1.58795   1.000 23.24595 ? 41  ASN B CG  1 
ATOM   856  O OD1 . ASN B 2 41  ? 20.66419  -23.91236 0.84803   1.000 24.77839 ? 41  ASN B OD1 1 
ATOM   857  N ND2 . ASN B 2 41  ? 21.51887  -22.77272 2.58520   1.000 22.03796 ? 41  ASN B ND2 1 
ATOM   858  N N   . SER B 2 42  ? 19.61026  -18.38345 0.28824   1.000 11.74742 ? 42  SER B N   1 
ATOM   859  C CA  . SER B 2 42  ? 18.78689  -17.20060 0.50444   1.000 14.17864 ? 42  SER B CA  1 
ATOM   860  C C   . SER B 2 42  ? 18.00700  -16.81530 -0.74989  1.000 15.07337 ? 42  SER B C   1 
ATOM   861  O O   . SER B 2 42  ? 18.41975  -17.11164 -1.87242  1.000 17.60196 ? 42  SER B O   1 
ATOM   862  C CB  . SER B 2 42  ? 19.64055  -16.01486 0.95078   1.000 20.71684 ? 42  SER B CB  1 
ATOM   863  O OG  . SER B 2 42  ? 19.80320  -15.98998 2.35984   1.000 26.15416 ? 42  SER B OG  1 
ATOM   864  N N   . ILE B 2 43  ? 16.86948  -16.13798 -0.54281  1.000 15.89325 ? 43  ILE B N   1 
ATOM   865  C CA  . ILE B 2 43  ? 15.97482  -15.75956 -1.63145  1.000 8.21764  ? 43  ILE B CA  1 
ATOM   866  C C   . ILE B 2 43  ? 16.48260  -14.46397 -2.22348  1.000 10.99404 ? 43  ILE B C   1 
ATOM   867  O O   . ILE B 2 43  ? 16.69932  -13.48856 -1.50094  1.000 14.39765 ? 43  ILE B O   1 
ATOM   868  C CB  . ILE B 2 43  ? 14.53092  -15.60757 -1.12662  1.000 9.76113  ? 43  ILE B CB  1 
ATOM   869  C CG1 . ILE B 2 43  ? 14.14532  -16.74885 -0.17207  1.000 12.59998 ? 43  ILE B CG1 1 
ATOM   870  C CG2 . ILE B 2 43  ? 13.54908  -15.45548 -2.28218  1.000 11.02347 ? 43  ILE B CG2 1 
ATOM   871  C CD1 . ILE B 2 43  ? 14.23682  -18.14655 -0.76919  1.000 13.64803 ? 43  ILE B CD1 1 
ATOM   872  N N   . TYR B 2 44  ? 16.67714  -14.43703 -3.52890  1.000 10.89845 ? 44  TYR B N   1 
ATOM   873  C CA  . TYR B 2 44  ? 17.25939  -13.26728 -4.16904  1.000 17.64712 ? 44  TYR B CA  1 
ATOM   874  C C   . TYR B 2 44  ? 16.33861  -12.77210 -5.27742  1.000 17.90036 ? 44  TYR B C   1 
ATOM   875  O O   . TYR B 2 44  ? 15.62990  -13.56500 -5.90286  1.000 22.53072 ? 44  TYR B O   1 
ATOM   876  C CB  . TYR B 2 44  ? 18.65932  -13.58144 -4.75938  1.000 23.58896 ? 44  TYR B CB  1 
ATOM   877  C CG  . TYR B 2 44  ? 19.81346  -13.62255 -3.77623  1.000 16.66505 ? 44  TYR B CG  1 
ATOM   878  C CD1 . TYR B 2 44  ? 20.18546  -12.50099 -3.04492  1.000 17.22962 ? 44  TYR B CD1 1 
ATOM   879  C CD2 . TYR B 2 44  ? 20.56569  -14.76349 -3.62988  1.000 20.92294 ? 44  TYR B CD2 1 
ATOM   880  C CE1 . TYR B 2 44  ? 21.25199  -12.53774 -2.16499  1.000 15.96736 ? 44  TYR B CE1 1 
ATOM   881  C CE2 . TYR B 2 44  ? 21.62771  -14.80365 -2.76158  1.000 22.87415 ? 44  TYR B CE2 1 
ATOM   882  C CZ  . TYR B 2 44  ? 21.97343  -13.68751 -2.04004  1.000 21.16860 ? 44  TYR B CZ  1 
ATOM   883  O OH  . TYR B 2 44  ? 23.04816  -13.75594 -1.18459  1.000 27.51108 ? 44  TYR B OH  1 
ATOM   884  N N   . VAL B 2 45  ? 16.37050  -11.46101 -5.53844  1.000 15.46106 ? 45  VAL B N   1 
ATOM   885  C CA  . VAL B 2 45  ? 15.50267  -10.84070 -6.54001  1.000 15.97706 ? 45  VAL B CA  1 
ATOM   886  C C   . VAL B 2 45  ? 16.20641  -10.85337 -7.89191  1.000 18.32331 ? 45  VAL B C   1 
ATOM   887  O O   . VAL B 2 45  ? 17.32733  -10.34818 -8.00437  1.000 19.71579 ? 45  VAL B O   1 
ATOM   888  C CB  . VAL B 2 45  ? 15.13780  -9.40680  -6.14089  1.000 19.73430 ? 45  VAL B CB  1 
ATOM   889  C CG1 . VAL B 2 45  ? 14.36418  -8.74674  -7.27539  1.000 20.15313 ? 45  VAL B CG1 1 
ATOM   890  C CG2 . VAL B 2 45  ? 14.33385  -9.39635  -4.84018  1.000 22.12919 ? 45  VAL B CG2 1 
ATOM   891  N N   . THR B 2 46  ? 15.54367  -11.40809 -8.93304  1.000 21.49453 ? 46  THR B N   1 
ATOM   892  C CA  . THR B 2 46  ? 16.18868  -11.64302 -10.23295 1.000 20.70216 ? 46  THR B CA  1 
ATOM   893  C C   . THR B 2 46  ? 15.55464  -10.92138 -11.41753 1.000 21.30333 ? 46  THR B C   1 
ATOM   894  O O   . THR B 2 46  ? 16.17711  -10.85501 -12.48398 1.000 25.62381 ? 46  THR B O   1 
ATOM   895  C CB  . THR B 2 46  ? 16.21809  -13.14110 -10.58424 1.000 24.65430 ? 46  THR B CB  1 
ATOM   896  O OG1 . THR B 2 46  ? 14.88085  -13.61507 -10.76383 1.000 15.82361 ? 46  THR B OG1 1 
ATOM   897  C CG2 . THR B 2 46  ? 16.96588  -13.98160 -9.49778  1.000 17.43471 ? 46  THR B CG2 1 
ATOM   898  N N   . LYS B 2 47  ? 14.34457  -10.40443 -11.28592 1.000 17.02783 ? 47  LYS B N   1 
ATOM   899  C CA  . LYS B 2 47  ? 13.74819  -9.63708  -12.36614 1.000 23.29647 ? 47  LYS B CA  1 
ATOM   900  C C   . LYS B 2 47  ? 12.72713  -8.73202  -11.72564 1.000 24.35598 ? 47  LYS B C   1 
ATOM   901  O O   . LYS B 2 47  ? 12.11406  -9.10436  -10.72895 1.000 28.60765 ? 47  LYS B O   1 
ATOM   902  C CB  . LYS B 2 47  ? 13.08377  -10.51172 -13.43835 1.000 23.27849 ? 47  LYS B CB  1 
ATOM   903  N N   . ILE B 2 48  ? 12.60646  -7.52316  -12.24909 1.000 31.82403 ? 48  ILE B N   1 
ATOM   904  C CA  . ILE B 2 48  ? 11.62086  -6.56919  -11.76967 1.000 35.06367 ? 48  ILE B CA  1 
ATOM   905  C C   . ILE B 2 48  ? 10.74253  -6.24669  -12.95965 1.000 34.15264 ? 48  ILE B C   1 
ATOM   906  O O   . ILE B 2 48  ? 11.23459  -5.81226  -14.01106 1.000 31.07155 ? 48  ILE B O   1 
ATOM   907  C CB  . ILE B 2 48  ? 12.27161  -5.31739  -11.16567 1.000 32.59382 ? 48  ILE B CB  1 
ATOM   908  C CG1 . ILE B 2 48  ? 13.15628  -5.75635  -10.00630 1.000 23.74632 ? 48  ILE B CG1 1 
ATOM   909  C CG2 . ILE B 2 48  ? 11.19955  -4.30563  -10.69638 1.000 25.43513 ? 48  ILE B CG2 1 
ATOM   910  C CD1 . ILE B 2 48  ? 13.68577  -4.64774  -9.21427  1.000 24.80720 ? 48  ILE B CD1 1 
ATOM   911  N N   . ILE B 2 49  ? 9.45519   -6.52255  -12.82054 1.000 26.02603 ? 49  ILE B N   1 
ATOM   912  C CA  . ILE B 2 49  ? 8.59038   -6.42993  -13.97384 1.000 39.08903 ? 49  ILE B CA  1 
ATOM   913  C C   . ILE B 2 49  ? 8.39710   -4.96212  -14.33621 1.000 51.36332 ? 49  ILE B C   1 
ATOM   914  O O   . ILE B 2 49  ? 8.28303   -4.08328  -13.45897 1.000 44.16174 ? 49  ILE B O   1 
ATOM   915  C CB  . ILE B 2 49  ? 7.27335   -7.16442  -13.69014 1.000 39.86414 ? 49  ILE B CB  1 
ATOM   916  C CG1 . ILE B 2 49  ? 7.60469   -8.44598  -12.91381 1.000 31.99955 ? 49  ILE B CG1 1 
ATOM   917  C CG2 . ILE B 2 49  ? 6.54252   -7.46627  -14.98846 1.000 39.35780 ? 49  ILE B CG2 1 
ATOM   918  C CD1 . ILE B 2 49  ? 8.03048   -9.60295  -13.75510 1.000 39.76613 ? 49  ILE B CD1 1 
ATOM   919  N N   . GLU B 2 50  ? 8.44460   -4.68835  -15.64351 1.000 52.30864 ? 50  GLU B N   1 
ATOM   920  C CA  . GLU B 2 50  ? 8.16173   -3.37562  -16.20779 1.000 51.41738 ? 50  GLU B CA  1 
ATOM   921  C C   . GLU B 2 50  ? 6.77677   -2.87722  -15.81834 1.000 48.06052 ? 50  GLU B C   1 
ATOM   922  O O   . GLU B 2 50  ? 5.75724   -3.41803  -16.27243 1.000 44.56448 ? 50  GLU B O   1 
ATOM   923  C CB  . GLU B 2 50  ? 8.28537   -3.42331  -17.72888 1.000 55.55206 ? 50  GLU B CB  1 
ATOM   924  C CG  . GLU B 2 50  ? 8.60274   -2.07009  -18.34037 1.000 66.61851 ? 50  GLU B CG  1 
ATOM   925  C CD  . GLU B 2 50  ? 9.90378   -1.46053  -17.82519 1.000 65.09919 ? 50  GLU B CD  1 
ATOM   926  O OE1 . GLU B 2 50  ? 9.85037   -0.30301  -17.35420 1.000 64.44365 ? 50  GLU B OE1 1 
ATOM   927  O OE2 . GLU B 2 50  ? 10.97583  -2.11640  -17.93085 1.000 72.60092 ? 50  GLU B OE2 1 
ATOM   928  N N   . GLY B 2 51  ? 6.73303   -1.86474  -14.95522 1.000 38.08869 ? 51  GLY B N   1 
ATOM   929  C CA  . GLY B 2 51  ? 5.50435   -1.19057  -14.60895 1.000 39.13058 ? 51  GLY B CA  1 
ATOM   930  C C   . GLY B 2 51  ? 4.80498   -1.67984  -13.35576 1.000 35.37652 ? 51  GLY B C   1 
ATOM   931  O O   . GLY B 2 51  ? 4.09338   -0.89099  -12.72397 1.000 44.23699 ? 51  GLY B O   1 
ATOM   932  N N   . GLY B 2 52  ? 4.97280   -2.95819  -12.98717 1.000 26.62313 ? 52  GLY B N   1 
ATOM   933  C CA  . GLY B 2 52  ? 4.31677   -3.54208  -11.82240 1.000 25.72029 ? 52  GLY B CA  1 
ATOM   934  C C   . GLY B 2 52  ? 4.66039   -2.86998  -10.50417 1.000 35.31855 ? 52  GLY B C   1 
ATOM   935  O O   . GLY B 2 52  ? 5.46401   -1.93305  -10.47936 1.000 41.20877 ? 52  GLY B O   1 
ATOM   936  N N   . ALA B 2 53  ? 4.08968   -3.35918  -9.39583  1.000 33.14058 ? 53  ALA B N   1 
ATOM   937  C CA  . ALA B 2 53  ? 4.21029   -2.67251  -8.10334  1.000 32.07805 ? 53  ALA B CA  1 
ATOM   938  C C   . ALA B 2 53  ? 5.66523   -2.45078  -7.67663  1.000 31.01831 ? 53  ALA B C   1 
ATOM   939  O O   . ALA B 2 53  ? 6.02576   -1.34802  -7.25665  1.000 26.67291 ? 53  ALA B O   1 
ATOM   940  C CB  . ALA B 2 53  ? 3.46738   -3.46515  -7.02894  1.000 33.38978 ? 53  ALA B CB  1 
ATOM   941  N N   . ALA B 2 54  ? 6.50324   -3.49329  -7.74870  1.000 28.89821 ? 54  ALA B N   1 
ATOM   942  C CA  . ALA B 2 54  ? 7.90436   -3.37871  -7.33670  1.000 33.75970 ? 54  ALA B CA  1 
ATOM   943  C C   . ALA B 2 54  ? 8.62164   -2.28623  -8.10463  1.000 35.59112 ? 54  ALA B C   1 
ATOM   944  O O   . ALA B 2 54  ? 9.49733   -1.59888  -7.56364  1.000 26.59123 ? 54  ALA B O   1 
ATOM   945  C CB  . ALA B 2 54  ? 8.64113   -4.70572  -7.55101  1.000 22.35299 ? 54  ALA B CB  1 
ATOM   946  N N   . HIS B 2 55  ? 8.28983   -2.14296  -9.38227  1.000 39.91093 ? 55  HIS B N   1 
ATOM   947  C CA  . HIS B 2 55  ? 8.96978   -1.16404  -10.21017 1.000 45.82511 ? 55  HIS B CA  1 
ATOM   948  C C   . HIS B 2 55  ? 8.47601   0.23805   -9.87471  1.000 41.42252 ? 55  HIS B C   1 
ATOM   949  O O   . HIS B 2 55  ? 9.26765   1.18543   -9.84900  1.000 45.03386 ? 55  HIS B O   1 
ATOM   950  C CB  . HIS B 2 55  ? 8.73612   -1.51150  -11.68142 1.000 48.11585 ? 55  HIS B CB  1 
ATOM   951  C CG  . HIS B 2 55  ? 9.21043   -0.46691  -12.63588 1.000 52.70121 ? 55  HIS B CG  1 
ATOM   952  N ND1 . HIS B 2 55  ? 8.82733   -0.44791  -13.95760 1.000 62.73932 ? 55  HIS B ND1 1 
ATOM   953  C CD2 . HIS B 2 55  ? 10.11871  0.52648   -12.49305 1.000 47.83360 ? 55  HIS B CD2 1 
ATOM   954  C CE1 . HIS B 2 55  ? 9.42192   0.55868   -14.57235 1.000 68.22115 ? 55  HIS B CE1 1 
ATOM   955  N NE2 . HIS B 2 55  ? 10.21740  1.16186   -13.70754 1.000 72.97276 ? 55  HIS B NE2 1 
ATOM   956  N N   . LYS B 2 56  ? 7.17994   0.37726   -9.59470  1.000 33.82641 ? 56  LYS B N   1 
ATOM   957  C CA  . LYS B 2 56  ? 6.62313   1.61866   -9.08025  1.000 29.02633 ? 56  LYS B CA  1 
ATOM   958  C C   . LYS B 2 56  ? 7.45238   2.11298   -7.90961  1.000 33.74303 ? 56  LYS B C   1 
ATOM   959  O O   . LYS B 2 56  ? 8.23571   3.05654   -8.06035  1.000 35.12925 ? 56  LYS B O   1 
ATOM   960  C CB  . LYS B 2 56  ? 5.17383   1.42819   -8.64366  1.000 39.76097 ? 56  LYS B CB  1 
ATOM   961  N N   . ASP B 2 57  ? 7.31793   1.43757   -6.76148  1.000 34.80228 ? 57  ASP B N   1 
ATOM   962  C CA  . ASP B 2 57  ? 7.97617   1.85111   -5.52042  1.000 35.42831 ? 57  ASP B CA  1 
ATOM   963  C C   . ASP B 2 57  ? 9.45169   2.20477   -5.71441  1.000 33.63348 ? 57  ASP B C   1 
ATOM   964  O O   . ASP B 2 57  ? 9.98788   3.06422   -4.99985  1.000 30.66897 ? 57  ASP B O   1 
ATOM   965  C CB  . ASP B 2 57  ? 7.80805   0.74534   -4.47095  1.000 25.56383 ? 57  ASP B CB  1 
ATOM   966  C CG  . ASP B 2 57  ? 7.97013   1.25976   -3.05541  1.000 33.28941 ? 57  ASP B CG  1 
ATOM   967  O OD1 . ASP B 2 57  ? 9.05733   1.78467   -2.74320  1.000 48.22549 ? 57  ASP B OD1 1 
ATOM   968  O OD2 . ASP B 2 57  ? 6.99679   1.20046   -2.27351  1.000 26.23743 ? 57  ASP B OD2 1 
ATOM   969  N N   . GLY B 2 58  ? 10.11429  1.57853   -6.68151  1.000 29.79648 ? 58  GLY B N   1 
ATOM   970  C CA  . GLY B 2 58  ? 11.48330  1.91689   -7.00999  1.000 27.47812 ? 58  GLY B CA  1 
ATOM   971  C C   . GLY B 2 58  ? 12.52939  1.50039   -5.99707  1.000 30.99399 ? 58  GLY B C   1 
ATOM   972  O O   . GLY B 2 58  ? 13.70116  1.85489   -6.16777  1.000 37.74713 ? 58  GLY B O   1 
ATOM   973  N N   . LYS B 2 59  ? 12.16442  0.75762   -4.95383  1.000 29.40626 ? 59  LYS B N   1 
ATOM   974  C CA  . LYS B 2 59  ? 13.13726  0.41595   -3.92135  1.000 27.55493 ? 59  LYS B CA  1 
ATOM   975  C C   . LYS B 2 59  ? 13.79477  -0.95304  -4.14495  1.000 23.94013 ? 59  LYS B C   1 
ATOM   976  O O   . LYS B 2 59  ? 15.01709  -1.08389  -4.04967  1.000 19.87514 ? 59  LYS B O   1 
ATOM   977  C CB  . LYS B 2 59  ? 12.45549  0.46194   -2.55362  1.000 32.58847 ? 59  LYS B CB  1 
ATOM   978  C CG  . LYS B 2 59  ? 12.24991  1.86153   -2.00328  1.000 34.66101 ? 59  LYS B CG  1 
ATOM   979  C CD  . LYS B 2 59  ? 12.63334  1.90935   -0.52685  1.000 47.82234 ? 59  LYS B CD  1 
ATOM   980  C CE  . LYS B 2 59  ? 12.28786  3.25095   0.09987   1.000 35.33778 ? 59  LYS B CE  1 
ATOM   981  N NZ  . LYS B 2 59  ? 10.86884  3.60652   -0.13236  1.000 47.45741 ? 59  LYS B NZ  1 
ATOM   982  N N   . LEU B 2 60  ? 13.02514  -1.98943  -4.43617  1.000 22.87836 ? 60  LEU B N   1 
ATOM   983  C CA  . LEU B 2 60  ? 13.61946  -3.30523  -4.62963  1.000 24.91252 ? 60  LEU B CA  1 
ATOM   984  C C   . LEU B 2 60  ? 14.45646  -3.31449  -5.90013  1.000 23.03591 ? 60  LEU B C   1 
ATOM   985  O O   . LEU B 2 60  ? 14.01499  -2.80371  -6.92648  1.000 30.43932 ? 60  LEU B O   1 
ATOM   986  C CB  . LEU B 2 60  ? 12.51125  -4.36197  -4.68125  1.000 24.76258 ? 60  LEU B CB  1 
ATOM   987  C CG  . LEU B 2 60  ? 12.83322  -5.85037  -4.70465  1.000 19.92231 ? 60  LEU B CG  1 
ATOM   988  C CD1 . LEU B 2 60  ? 13.09702  -6.33852  -3.30405  1.000 15.93043 ? 60  LEU B CD1 1 
ATOM   989  C CD2 . LEU B 2 60  ? 11.62426  -6.57307  -5.26867  1.000 20.10285 ? 60  LEU B CD2 1 
ATOM   990  N N   . GLN B 2 61  ? 15.67516  -3.86341  -5.83247  1.000 21.40149 ? 61  GLN B N   1 
ATOM   991  C CA  . GLN B 2 61  ? 16.57495  -3.88847  -6.98297  1.000 24.58395 ? 61  GLN B CA  1 
ATOM   992  C C   . GLN B 2 61  ? 17.15674  -5.29002  -7.15852  1.000 28.71709 ? 61  GLN B C   1 
ATOM   993  O O   . GLN B 2 61  ? 17.62040  -5.89869  -6.19014  1.000 29.37274 ? 61  GLN B O   1 
ATOM   994  C CB  . GLN B 2 61  ? 17.71338  -2.85816  -6.84619  1.000 25.71343 ? 61  GLN B CB  1 
ATOM   995  C CG  . GLN B 2 61  ? 18.50243  -2.95685  -5.52871  1.000 31.11496 ? 61  GLN B CG  1 
ATOM   996  C CD  . GLN B 2 61  ? 19.88922  -2.26364  -5.52162  1.000 44.16039 ? 61  GLN B CD  1 
ATOM   997  O OE1 . GLN B 2 61  ? 20.20667  -1.49858  -4.59795  1.000 47.99862 ? 61  GLN B OE1 1 
ATOM   998  N NE2 . GLN B 2 61  ? 20.71564  -2.55414  -6.51729  1.000 42.47131 ? 61  GLN B NE2 1 
ATOM   999  N N   . ILE B 2 62  ? 17.15136  -5.79538  -8.39660  1.000 21.28579 ? 62  ILE B N   1 
ATOM   1000 C CA  . ILE B 2 62  ? 17.76352  -7.07858  -8.71381  1.000 15.78718 ? 62  ILE B CA  1 
ATOM   1001 C C   . ILE B 2 62  ? 19.02757  -7.25095  -7.89113  1.000 18.35398 ? 62  ILE B C   1 
ATOM   1002 O O   . ILE B 2 62  ? 19.84940  -6.32668  -7.78373  1.000 13.52275 ? 62  ILE B O   1 
ATOM   1003 C CB  . ILE B 2 62  ? 18.07110  -7.19182  -10.21418 1.000 17.19805 ? 62  ILE B CB  1 
ATOM   1004 C CG1 . ILE B 2 62  ? 16.77879  -7.08232  -11.02634 1.000 20.26244 ? 62  ILE B CG1 1 
ATOM   1005 C CG2 . ILE B 2 62  ? 18.84124  -8.47117  -10.49067 1.000 3.26657  ? 62  ILE B CG2 1 
ATOM   1006 C CD1 . ILE B 2 62  ? 16.97052  -7.25006  -12.49918 1.000 11.62406 ? 62  ILE B CD1 1 
ATOM   1007 N N   . GLY B 2 63  ? 19.15488  -8.40808  -7.25162  1.000 20.27137 ? 63  GLY B N   1 
ATOM   1008 C CA  . GLY B 2 63  ? 20.28406  -8.70089  -6.39585  1.000 18.34147 ? 63  GLY B CA  1 
ATOM   1009 C C   . GLY B 2 63  ? 20.05528  -8.51423  -4.90446  1.000 26.80752 ? 63  GLY B C   1 
ATOM   1010 O O   . GLY B 2 63  ? 20.90913  -8.96075  -4.12667  1.000 18.02778 ? 63  GLY B O   1 
ATOM   1011 N N   . ASP B 2 64  ? 18.96205  -7.85830  -4.47184  1.000 21.26443 ? 64  ASP B N   1 
ATOM   1012 C CA  . ASP B 2 64  ? 18.69477  -7.83431  -3.03734  1.000 19.40465 ? 64  ASP B CA  1 
ATOM   1013 C C   . ASP B 2 64  ? 18.26035  -9.20762  -2.51195  1.000 18.40502 ? 64  ASP B C   1 
ATOM   1014 O O   . ASP B 2 64  ? 17.81361  -10.08997 -3.25040  1.000 12.63871 ? 64  ASP B O   1 
ATOM   1015 C CB  . ASP B 2 64  ? 17.61288  -6.83008  -2.60821  1.000 26.45198 ? 64  ASP B CB  1 
ATOM   1016 C CG  . ASP B 2 64  ? 17.77094  -5.43542  -3.20092  1.000 35.92178 ? 64  ASP B CG  1 
ATOM   1017 O OD1 . ASP B 2 64  ? 16.99541  -5.01499  -4.08365  1.000 30.94365 ? 64  ASP B OD1 1 
ATOM   1018 O OD2 . ASP B 2 64  ? 18.71286  -4.75721  -2.78782  1.000 37.52828 ? 64  ASP B OD2 1 
ATOM   1019 N N   . LYS B 2 65  ? 18.35869  -9.34532  -1.19405  1.000 12.70810 ? 65  LYS B N   1 
ATOM   1020 C CA  . LYS B 2 65  ? 18.03790  -10.55918 -0.46528  1.000 17.88413 ? 65  LYS B CA  1 
ATOM   1021 C C   . LYS B 2 65  ? 16.74077  -10.33869 0.30540   1.000 18.66858 ? 65  LYS B C   1 
ATOM   1022 O O   . LYS B 2 65  ? 16.58849  -9.31181  0.96890   1.000 21.79242 ? 65  LYS B O   1 
ATOM   1023 C CB  . LYS B 2 65  ? 19.18599  -10.90914 0.49174   1.000 17.20660 ? 65  LYS B CB  1 
ATOM   1024 C CG  . LYS B 2 65  ? 19.21488  -12.35495 0.99525   1.000 22.27860 ? 65  LYS B CG  1 
ATOM   1025 C CD  . LYS B 2 65  ? 20.38955  -12.61089 1.96277   1.000 21.09854 ? 65  LYS B CD  1 
ATOM   1026 C CE  . LYS B 2 65  ? 21.72939  -12.34016 1.29512   1.000 22.17033 ? 65  LYS B CE  1 
ATOM   1027 N NZ  . LYS B 2 65  ? 22.87146  -12.64788 2.20915   1.000 29.69361 ? 65  LYS B NZ  1 
ATOM   1028 N N   . LEU B 2 66  ? 15.80429  -11.28368 0.22277   1.000 12.11167 ? 66  LEU B N   1 
ATOM   1029 C CA  . LEU B 2 66  ? 14.58687  -11.16396 1.00008   1.000 11.95034 ? 66  LEU B CA  1 
ATOM   1030 C C   . LEU B 2 66  ? 14.80796  -11.79489 2.35330   1.000 16.99556 ? 66  LEU B C   1 
ATOM   1031 O O   . LEU B 2 66  ? 15.28977  -12.92378 2.43603   1.000 24.13231 ? 66  LEU B O   1 
ATOM   1032 C CB  . LEU B 2 66  ? 13.37119  -11.81712 0.34394   1.000 15.73337 ? 66  LEU B CB  1 
ATOM   1033 C CG  . LEU B 2 66  ? 12.88625  -11.36505 -1.03323  1.000 20.51863 ? 66  LEU B CG  1 
ATOM   1034 C CD1 . LEU B 2 66  ? 11.95333  -12.41069 -1.62237  1.000 14.33554 ? 66  LEU B CD1 1 
ATOM   1035 C CD2 . LEU B 2 66  ? 12.29181  -9.96286  -1.02148  1.000 24.86305 ? 66  LEU B CD2 1 
ATOM   1036 N N   . LEU B 2 67  ? 14.44080  -11.07673 3.41206   1.000 19.15393 ? 67  LEU B N   1 
ATOM   1037 C CA  . LEU B 2 67  ? 14.57719  -11.61902 4.75092   1.000 19.35120 ? 67  LEU B CA  1 
ATOM   1038 C C   . LEU B 2 67  ? 13.23853  -12.00230 5.37813   1.000 33.35968 ? 67  LEU B C   1 
ATOM   1039 O O   . LEU B 2 67  ? 13.21403  -12.84197 6.29085   1.000 33.75334 ? 67  LEU B O   1 
ATOM   1040 C CB  . LEU B 2 67  ? 15.32535  -10.61319 5.64232   1.000 21.99896 ? 67  LEU B CB  1 
ATOM   1041 C CG  . LEU B 2 67  ? 16.70271  -10.16174 5.09561   1.000 23.50918 ? 67  LEU B CG  1 
ATOM   1042 C CD1 . LEU B 2 67  ? 17.47999  -9.28950  6.04847   1.000 17.25368 ? 67  LEU B CD1 1 
ATOM   1043 C CD2 . LEU B 2 67  ? 17.56803  -11.30931 4.68073   1.000 12.91330 ? 67  LEU B CD2 1 
ATOM   1044 N N   . ALA B 2 68  ? 12.12843  -11.45350 4.88357   1.000 28.73581 ? 68  ALA B N   1 
ATOM   1045 C CA  . ALA B 2 68  ? 10.80718  -11.67715 5.45778   1.000 19.80050 ? 68  ALA B CA  1 
ATOM   1046 C C   . ALA B 2 68  ? 9.76322   -11.09561 4.52522   1.000 21.07677 ? 68  ALA B C   1 
ATOM   1047 O O   . ALA B 2 68  ? 10.00551  -10.08644 3.85276   1.000 26.38402 ? 68  ALA B O   1 
ATOM   1048 C CB  . ALA B 2 68  ? 10.66395  -11.02555 6.83849   1.000 16.98986 ? 68  ALA B CB  1 
ATOM   1049 N N   . VAL B 2 69  ? 8.59659   -11.71717 4.50164   1.000 11.70214 ? 69  VAL B N   1 
ATOM   1050 C CA  . VAL B 2 69  ? 7.43835   -11.10792 3.87484   1.000 14.32888 ? 69  VAL B CA  1 
ATOM   1051 C C   . VAL B 2 69  ? 6.34026   -11.06565 4.90738   1.000 17.54412 ? 69  VAL B C   1 
ATOM   1052 O O   . VAL B 2 69  ? 5.99257   -12.09627 5.49196   1.000 22.83034 ? 69  VAL B O   1 
ATOM   1053 C CB  . VAL B 2 69  ? 7.00676   -11.83624 2.59669   1.000 20.07920 ? 69  VAL B CB  1 
ATOM   1054 C CG1 . VAL B 2 69  ? 6.43508   -13.21994 2.88495   1.000 21.72222 ? 69  VAL B CG1 1 
ATOM   1055 C CG2 . VAL B 2 69  ? 5.95436   -10.99781 1.91097   1.000 18.07917 ? 69  VAL B CG2 1 
ATOM   1056 N N   . ASN B 2 70  ? 5.84446   -9.86631  5.17820   1.000 16.55908 ? 70  ASN B N   1 
ATOM   1057 C CA  . ASN B 2 70  ? 4.92942   -9.64211  6.28771   1.000 20.24642 ? 70  ASN B CA  1 
ATOM   1058 C C   . ASN B 2 70  ? 5.50432   -10.21876 7.57449   1.000 24.28780 ? 70  ASN B C   1 
ATOM   1059 O O   . ASN B 2 70  ? 6.37846   -9.62616  8.21204   1.000 29.68176 ? 70  ASN B O   1 
ATOM   1060 C CB  . ASN B 2 70  ? 3.54760   -10.25405 6.00405   1.000 21.77728 ? 70  ASN B CB  1 
ATOM   1061 C CG  . ASN B 2 70  ? 2.88224   -9.67799  4.74295   1.000 23.33858 ? 70  ASN B CG  1 
ATOM   1062 O OD1 . ASN B 2 70  ? 3.23564   -8.59306  4.27326   1.000 24.70668 ? 70  ASN B OD1 1 
ATOM   1063 N ND2 . ASN B 2 70  ? 1.90753   -10.40765 4.20088   1.000 25.35901 ? 70  ASN B ND2 1 
ATOM   1064 N N   . ASN B 2 71  ? 5.03347   -11.40307 7.93418   1.000 25.27389 ? 71  ASN B N   1 
ATOM   1065 C CA  . ASN B 2 71  ? 5.39719   -12.09027 9.16356   1.000 23.97704 ? 71  ASN B CA  1 
ATOM   1066 C C   . ASN B 2 71  ? 6.00803   -13.46583 8.87614   1.000 29.76069 ? 71  ASN B C   1 
ATOM   1067 O O   . ASN B 2 71  ? 6.03027   -14.34824 9.74376   1.000 29.23947 ? 71  ASN B O   1 
ATOM   1068 C CB  . ASN B 2 71  ? 4.14469   -12.21559 10.02852  1.000 24.91256 ? 71  ASN B CB  1 
ATOM   1069 C CG  . ASN B 2 71  ? 2.97882   -12.90518 9.27153   1.000 38.70456 ? 71  ASN B CG  1 
ATOM   1070 O OD1 . ASN B 2 71  ? 2.49913   -12.39515 8.24561   1.000 26.50957 ? 71  ASN B OD1 1 
ATOM   1071 N ND2 . ASN B 2 71  ? 2.53742   -14.07536 9.77222   1.000 30.66829 ? 71  ASN B ND2 1 
ATOM   1072 N N   . VAL B 2 72  ? 6.48347   -13.68112 7.66113   1.000 21.65674 ? 72  VAL B N   1 
ATOM   1073 C CA  . VAL B 2 72  ? 7.05531   -14.95002 7.26332   1.000 18.29494 ? 72  VAL B CA  1 
ATOM   1074 C C   . VAL B 2 72  ? 8.52654   -14.69607 6.96071   1.000 22.07255 ? 72  VAL B C   1 
ATOM   1075 O O   . VAL B 2 72  ? 8.84755   -13.92878 6.04789   1.000 24.98983 ? 72  VAL B O   1 
ATOM   1076 C CB  . VAL B 2 72  ? 6.31458   -15.50884 6.04648   1.000 15.12036 ? 72  VAL B CB  1 
ATOM   1077 C CG1 . VAL B 2 72  ? 6.91552   -16.79916 5.59147   1.000 6.87244  ? 72  VAL B CG1 1 
ATOM   1078 C CG2 . VAL B 2 72  ? 4.83044   -15.62360 6.36801   1.000 18.35363 ? 72  VAL B CG2 1 
ATOM   1079 N N   . CYS B 2 73  ? 9.41384   -15.30297 7.74284   1.000 23.81860 ? 73  CYS B N   1 
ATOM   1080 C CA  . CYS B 2 73  ? 10.85275  -15.15404 7.54593   1.000 28.02205 ? 73  CYS B CA  1 
ATOM   1081 C C   . CYS B 2 73  ? 11.34251  -16.08646 6.44613   1.000 32.15088 ? 73  CYS B C   1 
ATOM   1082 O O   . CYS B 2 73  ? 11.38190  -17.30836 6.63641   1.000 29.32738 ? 73  CYS B O   1 
ATOM   1083 C CB  . CYS B 2 73  ? 11.59945  -15.45789 8.83649   1.000 39.17731 ? 73  CYS B CB  1 
ATOM   1084 S SG  . CYS B 2 73  ? 13.34489  -15.11242 8.67702   1.000 31.34118 ? 73  CYS B SG  1 
ATOM   1085 N N   . LEU B 2 74  ? 11.78741  -15.51047 5.32339   1.000 32.00118 ? 74  LEU B N   1 
ATOM   1086 C CA  . LEU B 2 74  ? 12.30525  -16.30823 4.21545   1.000 21.08723 ? 74  LEU B CA  1 
ATOM   1087 C C   . LEU B 2 74  ? 13.76753  -16.69421 4.38466   1.000 23.31404 ? 74  LEU B C   1 
ATOM   1088 O O   . LEU B 2 74  ? 14.46703  -16.92266 3.39298   1.000 21.40393 ? 74  LEU B O   1 
ATOM   1089 C CB  . LEU B 2 74  ? 12.12748  -15.56785 2.90737   1.000 9.69482  ? 74  LEU B CB  1 
ATOM   1090 C CG  . LEU B 2 74  ? 10.65022  -15.22804 2.87384   1.000 13.19731 ? 74  LEU B CG  1 
ATOM   1091 C CD1 . LEU B 2 74  ? 10.26553  -14.28322 1.72635   1.000 11.27277 ? 74  LEU B CD1 1 
ATOM   1092 C CD2 . LEU B 2 74  ? 9.83371   -16.50102 2.91200   1.000 9.48443  ? 74  LEU B CD2 1 
ATOM   1093 N N   . GLU B 2 75  ? 14.23110  -16.79464 5.63056   1.000 26.97785 ? 75  GLU B N   1 
ATOM   1094 C CA  . GLU B 2 75  ? 15.61654  -17.14580 5.92051   1.000 30.77546 ? 75  GLU B CA  1 
ATOM   1095 C C   . GLU B 2 75  ? 15.74080  -18.65923 6.03942   1.000 28.48489 ? 75  GLU B C   1 
ATOM   1096 O O   . GLU B 2 75  ? 15.04540  -19.27845 6.85326   1.000 42.52417 ? 75  GLU B O   1 
ATOM   1097 C CB  . GLU B 2 75  ? 16.09191  -16.45295 7.20185   1.000 33.19034 ? 75  GLU B CB  1 
ATOM   1098 C CG  . GLU B 2 75  ? 16.46929  -14.97764 6.97874   1.000 37.78108 ? 75  GLU B CG  1 
ATOM   1099 C CD  . GLU B 2 75  ? 17.19460  -14.33586 8.15573   1.000 39.23275 ? 75  GLU B CD  1 
ATOM   1100 O OE1 . GLU B 2 75  ? 17.66066  -15.06514 9.05613   1.000 39.19877 ? 75  GLU B OE1 1 
ATOM   1101 O OE2 . GLU B 2 75  ? 17.33885  -13.09537 8.15078   1.000 41.01435 ? 75  GLU B OE2 1 
ATOM   1102 N N   . GLU B 2 76  ? 16.61933  -19.25298 5.23873   1.000 21.47568 ? 76  GLU B N   1 
ATOM   1103 C CA  . GLU B 2 76  ? 16.84035  -20.69673 5.27869   1.000 21.52608 ? 76  GLU B CA  1 
ATOM   1104 C C   . GLU B 2 76  ? 15.50118  -21.41774 5.18271   1.000 23.83484 ? 76  GLU B C   1 
ATOM   1105 O O   . GLU B 2 76  ? 15.09065  -22.15156 6.08565   1.000 24.35307 ? 76  GLU B O   1 
ATOM   1106 C CB  . GLU B 2 76  ? 17.58554  -21.12563 6.54976   1.000 21.20584 ? 76  GLU B CB  1 
ATOM   1107 C CG  . GLU B 2 76  ? 19.07633  -20.73339 6.61633   1.000 21.46445 ? 76  GLU B CG  1 
ATOM   1108 C CD  . GLU B 2 76  ? 19.98290  -21.53160 5.68900   1.000 34.46605 ? 76  GLU B CD  1 
ATOM   1109 O OE1 . GLU B 2 76  ? 19.94208  -22.78412 5.72254   1.000 28.00329 ? 76  GLU B OE1 1 
ATOM   1110 O OE2 . GLU B 2 76  ? 20.74860  -20.89299 4.92777   1.000 35.88416 ? 76  GLU B OE2 1 
ATOM   1111 N N   . VAL B 2 77  ? 14.79919  -21.13475 4.08210   1.000 21.89133 ? 77  VAL B N   1 
ATOM   1112 C CA  . VAL B 2 77  ? 13.56094  -21.80092 3.70786   1.000 14.93008 ? 77  VAL B CA  1 
ATOM   1113 C C   . VAL B 2 77  ? 13.71255  -22.34546 2.29470   1.000 12.87973 ? 77  VAL B C   1 
ATOM   1114 O O   . VAL B 2 77  ? 14.55222  -21.89841 1.52077   1.000 22.98452 ? 77  VAL B O   1 
ATOM   1115 C CB  . VAL B 2 77  ? 12.35444  -20.85424 3.77981   1.000 19.62945 ? 77  VAL B CB  1 
ATOM   1116 C CG1 . VAL B 2 77  ? 12.46711  -19.92139 4.99826   1.000 18.96025 ? 77  VAL B CG1 1 
ATOM   1117 C CG2 . VAL B 2 77  ? 12.23275  -20.07941 2.49009   1.000 20.65611 ? 77  VAL B CG2 1 
ATOM   1118 N N   . THR B 2 78  ? 12.88541  -23.32186 1.95261   1.000 19.97371 ? 78  THR B N   1 
ATOM   1119 C CA  . THR B 2 78  ? 12.96718  -23.84594 0.59715   1.000 25.23821 ? 78  THR B CA  1 
ATOM   1120 C C   . THR B 2 78  ? 12.41140  -22.81621 -0.38507  1.000 15.38953 ? 78  THR B C   1 
ATOM   1121 O O   . THR B 2 78  ? 11.76435  -21.84266 0.00034   1.000 13.77739 ? 78  THR B O   1 
ATOM   1122 C CB  . THR B 2 78  ? 12.22831  -25.19275 0.46636   1.000 14.97180 ? 78  THR B CB  1 
ATOM   1123 O OG1 . THR B 2 78  ? 10.81328  -24.98320 0.50045   1.000 22.09433 ? 78  THR B OG1 1 
ATOM   1124 C CG2 . THR B 2 78  ? 12.62513  -26.15639 1.56887   1.000 11.11998 ? 78  THR B CG2 1 
ATOM   1125 N N   . HIS B 2 79  ? 12.70741  -23.02904 -1.67161  1.000 16.08184 ? 79  HIS B N   1 
ATOM   1126 C CA  . HIS B 2 79  ? 12.14568  -22.18109 -2.71583  1.000 11.66338 ? 79  HIS B CA  1 
ATOM   1127 C C   . HIS B 2 79  ? 10.62889  -22.26594 -2.74331  1.000 21.68703 ? 79  HIS B C   1 
ATOM   1128 O O   . HIS B 2 79  ? 9.94446   -21.24260 -2.89042  1.000 10.45687 ? 79  HIS B O   1 
ATOM   1129 C CB  . HIS B 2 79  ? 12.69470  -22.57071 -4.07483  1.000 10.45729 ? 79  HIS B CB  1 
ATOM   1130 C CG  . HIS B 2 79  ? 12.26368  -21.65674 -5.17480  1.000 15.86431 ? 79  HIS B CG  1 
ATOM   1131 N ND1 . HIS B 2 79  ? 13.00860  -20.56744 -5.57213  1.000 15.39287 ? 79  HIS B ND1 1 
ATOM   1132 C CD2 . HIS B 2 79  ? 11.16838  -21.66740 -5.96229  1.000 18.85546 ? 79  HIS B CD2 1 
ATOM   1133 C CE1 . HIS B 2 79  ? 12.38564  -19.94207 -6.55256  1.000 15.30001 ? 79  HIS B CE1 1 
ATOM   1134 N NE2 . HIS B 2 79  ? 11.26361  -20.58387 -6.80417  1.000 15.30262 ? 79  HIS B NE2 1 
ATOM   1135 N N   . GLU B 2 80  ? 10.08333  -23.48538 -2.62549  1.000 30.16090 ? 80  GLU B N   1 
ATOM   1136 C CA  . GLU B 2 80  ? 8.63239   -23.65232 -2.58669  1.000 13.87768 ? 80  GLU B CA  1 
ATOM   1137 C C   . GLU B 2 80  ? 8.05261   -22.85256 -1.43446  1.000 13.84756 ? 80  GLU B C   1 
ATOM   1138 O O   . GLU B 2 80  ? 7.08887   -22.09485 -1.61114  1.000 14.17751 ? 80  GLU B O   1 
ATOM   1139 C CB  . GLU B 2 80  ? 8.26895   -25.13253 -2.45331  1.000 22.65564 ? 80  GLU B CB  1 
ATOM   1140 C CG  . GLU B 2 80  ? 8.69290   -26.01619 -3.62454  1.000 40.99773 ? 80  GLU B CG  1 
ATOM   1141 C CD  . GLU B 2 80  ? 10.16594  -26.41657 -3.55054  1.000 45.72887 ? 80  GLU B CD  1 
ATOM   1142 O OE1 . GLU B 2 80  ? 10.90600  -26.22104 -4.54422  1.000 40.02282 ? 80  GLU B OE1 1 
ATOM   1143 O OE2 . GLU B 2 80  ? 10.57787  -26.92880 -2.48822  1.000 49.64337 ? 80  GLU B OE2 1 
ATOM   1144 N N   . GLU B 2 81  ? 8.66491   -22.98246 -0.25020  1.000 10.99211 ? 81  GLU B N   1 
ATOM   1145 C CA  . GLU B 2 81  ? 8.29125   -22.18324 0.91619   1.000 12.96658 ? 81  GLU B CA  1 
ATOM   1146 C C   . GLU B 2 81  ? 8.21860   -20.68828 0.60212   1.000 14.11093 ? 81  GLU B C   1 
ATOM   1147 O O   . GLU B 2 81  ? 7.16346   -20.06825 0.76982   1.000 15.29950 ? 81  GLU B O   1 
ATOM   1148 C CB  . GLU B 2 81  ? 9.26682   -22.43866 2.06609   1.000 11.55253 ? 81  GLU B CB  1 
ATOM   1149 C CG  . GLU B 2 81  ? 8.76576   -23.46424 3.06615   1.000 22.36033 ? 81  GLU B CG  1 
ATOM   1150 C CD  . GLU B 2 81  ? 9.89197   -24.15441 3.81296   1.000 22.92757 ? 81  GLU B CD  1 
ATOM   1151 O OE1 . GLU B 2 81  ? 11.05922  -23.96327 3.41783   1.000 19.11921 ? 81  GLU B OE1 1 
ATOM   1152 O OE2 . GLU B 2 81  ? 9.61421   -24.85489 4.81156   1.000 26.71603 ? 81  GLU B OE2 1 
ATOM   1153 N N   . ALA B 2 82  ? 9.33826   -20.08628 0.16899   1.000 11.12020 ? 82  ALA B N   1 
ATOM   1154 C CA  . ALA B 2 82  ? 9.34873   -18.65775 -0.13735  1.000 8.33237  ? 82  ALA B CA  1 
ATOM   1155 C C   . ALA B 2 82  ? 8.22738   -18.28139 -1.08603  1.000 10.71741 ? 82  ALA B C   1 
ATOM   1156 O O   . ALA B 2 82  ? 7.51200   -17.29711 -0.84820  1.000 11.56151 ? 82  ALA B O   1 
ATOM   1157 C CB  . ALA B 2 82  ? 10.69162  -18.25325 -0.74394  1.000 18.60325 ? 82  ALA B CB  1 
ATOM   1158 N N   . VAL B 2 83  ? 8.02249   -19.08973 -2.13918  1.000 14.56365 ? 83  VAL B N   1 
ATOM   1159 C CA  . VAL B 2 83  ? 7.03593   -18.77918 -3.17936  1.000 14.27882 ? 83  VAL B CA  1 
ATOM   1160 C C   . VAL B 2 83  ? 5.61092   -18.80336 -2.62698  1.000 21.07833 ? 83  VAL B C   1 
ATOM   1161 O O   . VAL B 2 83  ? 4.81291   -17.89980 -2.90697  1.000 22.87815 ? 83  VAL B O   1 
ATOM   1162 C CB  . VAL B 2 83  ? 7.16622   -19.74083 -4.36135  1.000 8.95110  ? 83  VAL B CB  1 
ATOM   1163 C CG1 . VAL B 2 83  ? 6.02939   -19.49189 -5.30624  1.000 10.16843 ? 83  VAL B CG1 1 
ATOM   1164 C CG2 . VAL B 2 83  ? 8.50376   -19.53539 -5.05152  1.000 14.84433 ? 83  VAL B CG2 1 
ATOM   1165 N N   . THR B 2 84  ? 5.25058   -19.86787 -1.89883  1.000 17.37059 ? 84  THR B N   1 
ATOM   1166 C CA  . THR B 2 84  ? 3.99049   -19.84005 -1.16581  1.000 13.77277 ? 84  THR B CA  1 
ATOM   1167 C C   . THR B 2 84  ? 3.85788   -18.49740 -0.46634  1.000 18.13586 ? 84  THR B C   1 
ATOM   1168 O O   . THR B 2 84  ? 2.96911   -17.69920 -0.79083  1.000 21.31881 ? 84  THR B O   1 
ATOM   1169 C CB  . THR B 2 84  ? 3.89731   -20.98482 -0.14049  1.000 22.09963 ? 84  THR B CB  1 
ATOM   1170 O OG1 . THR B 2 84  ? 4.00706   -22.25549 -0.78687  1.000 15.88895 ? 84  THR B OG1 1 
ATOM   1171 C CG2 . THR B 2 84  ? 2.57093   -20.94173 0.60249   1.000 25.46680 ? 84  THR B CG2 1 
ATOM   1172 N N   . ALA B 2 85  ? 4.81613   -18.19196 0.41528   1.000 12.60350 ? 85  ALA B N   1 
ATOM   1173 C CA  . ALA B 2 85  ? 4.62911   -17.09876 1.36475   1.000 18.33192 ? 85  ALA B CA  1 
ATOM   1174 C C   . ALA B 2 85  ? 4.33303   -15.77381 0.68286   1.000 18.02633 ? 85  ALA B C   1 
ATOM   1175 O O   . ALA B 2 85  ? 3.67176   -14.91628 1.27902   1.000 13.69046 ? 85  ALA B O   1 
ATOM   1176 C CB  . ALA B 2 85  ? 5.85437   -16.94528 2.25541   1.000 13.76591 ? 85  ALA B CB  1 
ATOM   1177 N N   . LEU B 2 86  ? 4.80716   -15.58591 -0.55639  1.000 22.13923 ? 86  LEU B N   1 
ATOM   1178 C CA  . LEU B 2 86  ? 4.61563   -14.32428 -1.28799  1.000 24.41362 ? 86  LEU B CA  1 
ATOM   1179 C C   . LEU B 2 86  ? 3.37618   -14.31346 -2.17779  1.000 19.84012 ? 86  LEU B C   1 
ATOM   1180 O O   . LEU B 2 86  ? 2.84218   -13.23495 -2.47120  1.000 19.14661 ? 86  LEU B O   1 
ATOM   1181 C CB  . LEU B 2 86  ? 5.82054   -14.01726 -2.17856  1.000 18.70965 ? 86  LEU B CB  1 
ATOM   1182 C CG  . LEU B 2 86  ? 7.15045   -13.62504 -1.57111  1.000 12.31136 ? 86  LEU B CG  1 
ATOM   1183 C CD1 . LEU B 2 86  ? 8.26786   -14.28809 -2.41707  1.000 4.58173  ? 86  LEU B CD1 1 
ATOM   1184 C CD2 . LEU B 2 86  ? 7.20604   -12.11178 -1.57933  1.000 7.84127  ? 86  LEU B CD2 1 
ATOM   1185 N N   . LYS B 2 87  ? 2.91251   -15.47837 -2.63790  1.000 16.10339 ? 87  LYS B N   1 
ATOM   1186 C CA  . LYS B 2 87  ? 1.62887   -15.50427 -3.32314  1.000 26.26185 ? 87  LYS B CA  1 
ATOM   1187 C C   . LYS B 2 87  ? 0.44121   -15.39169 -2.36938  1.000 22.28360 ? 87  LYS B C   1 
ATOM   1188 O O   . LYS B 2 87  ? -0.66271  -15.06562 -2.80893  1.000 25.42305 ? 87  LYS B O   1 
ATOM   1189 C CB  . LYS B 2 87  ? 1.53317   -16.76525 -4.17360  1.000 17.09545 ? 87  LYS B CB  1 
ATOM   1190 C CG  . LYS B 2 87  ? 2.50170   -16.72128 -5.32380  1.000 11.87947 ? 87  LYS B CG  1 
ATOM   1191 C CD  . LYS B 2 87  ? 2.32027   -17.88768 -6.26158  1.000 18.53154 ? 87  LYS B CD  1 
ATOM   1192 C CE  . LYS B 2 87  ? 3.03669   -17.65909 -7.58693  1.000 29.28678 ? 87  LYS B CE  1 
ATOM   1193 N NZ  . LYS B 2 87  ? 2.63095   -18.70021 -8.56973  1.000 32.75346 ? 87  LYS B NZ  1 
ATOM   1194 N N   . ASN B 2 88  ? 0.64773   -15.59485 -1.07539  1.000 23.67773 ? 88  ASN B N   1 
ATOM   1195 C CA  . ASN B 2 88  ? -0.44451  -15.69707 -0.11206  1.000 23.91429 ? 88  ASN B CA  1 
ATOM   1196 C C   . ASN B 2 88  ? -0.57968  -14.46459 0.74541   1.000 26.98200 ? 88  ASN B C   1 
ATOM   1197 O O   . ASN B 2 88  ? -0.87345  -14.56891 1.94096   1.000 33.64525 ? 88  ASN B O   1 
ATOM   1198 C CB  . ASN B 2 88  ? -0.24380  -16.91183 0.77739   1.000 30.84739 ? 88  ASN B CB  1 
ATOM   1199 C CG  . ASN B 2 88  ? -1.04610  -18.06011 0.32977   1.000 27.94511 ? 88  ASN B CG  1 
ATOM   1200 O OD1 . ASN B 2 88  ? -1.05712  -18.40089 -0.85549  1.000 41.86290 ? 88  ASN B OD1 1 
ATOM   1201 N ND2 . ASN B 2 88  ? -1.75649  -18.66506 1.25772   1.000 39.96318 ? 88  ASN B ND2 1 
ATOM   1202 N N   . THR B 2 89  ? -0.35362  -13.28941 0.18498   1.000 32.67321 ? 89  THR B N   1 
ATOM   1203 C CA  . THR B 2 89  ? -0.40195  -12.07341 0.97420   1.000 33.17925 ? 89  THR B CA  1 
ATOM   1204 C C   . THR B 2 89  ? -1.61798  -11.24980 0.59896   1.000 35.91338 ? 89  THR B C   1 
ATOM   1205 O O   . THR B 2 89  ? -2.21288  -11.41563 -0.47755  1.000 33.44744 ? 89  THR B O   1 
ATOM   1206 C CB  . THR B 2 89  ? 0.85582   -11.23613 0.77452   1.000 32.43003 ? 89  THR B CB  1 
ATOM   1207 O OG1 . THR B 2 89  ? 0.95684   -10.87718 -0.60921  1.000 30.63528 ? 89  THR B OG1 1 
ATOM   1208 C CG2 . THR B 2 89  ? 2.08057   -12.01299 1.20062   1.000 30.58531 ? 89  THR B CG2 1 
ATOM   1209 N N   . SER B 2 90  ? -1.97705  -10.35542 1.51387   1.000 30.81227 ? 90  SER B N   1 
ATOM   1210 C CA  . SER B 2 90  ? -3.00325  -9.38756  1.19213   1.000 37.05266 ? 90  SER B CA  1 
ATOM   1211 C C   . SER B 2 90  ? -2.40325  -8.31628  0.28955   1.000 36.77981 ? 90  SER B C   1 
ATOM   1212 O O   . SER B 2 90  ? -1.18650  -8.21837  0.13099   1.000 43.69506 ? 90  SER B O   1 
ATOM   1213 C CB  . SER B 2 90  ? -3.59252  -8.78209  2.46495   1.000 28.98991 ? 90  SER B CB  1 
ATOM   1214 O OG  . SER B 2 90  ? -4.52018  -7.75814  2.15393   1.000 33.92847 ? 90  SER B OG  1 
ATOM   1215 N N   . ASP B 2 91  ? -3.26482  -7.48744  -0.29350  1.000 39.61108 ? 91  ASP B N   1 
ATOM   1216 C CA  . ASP B 2 91  ? -2.79965  -6.44878  -1.20121  1.000 35.20453 ? 91  ASP B CA  1 
ATOM   1217 C C   . ASP B 2 91  ? -1.93376  -5.40135  -0.50997  1.000 42.87705 ? 91  ASP B C   1 
ATOM   1218 O O   . ASP B 2 91  ? -1.65205  -4.35009  -1.09535  1.000 46.21326 ? 91  ASP B O   1 
ATOM   1219 C CB  . ASP B 2 91  ? -4.00008  -5.81002  -1.87875  1.000 38.13576 ? 91  ASP B CB  1 
ATOM   1220 C CG  . ASP B 2 91  ? -4.71899  -6.78692  -2.77458  1.000 55.73901 ? 91  ASP B CG  1 
ATOM   1221 O OD1 . ASP B 2 91  ? -5.13517  -6.37170  -3.88024  1.000 65.57492 ? 91  ASP B OD1 1 
ATOM   1222 O OD2 . ASP B 2 91  ? -4.80746  -7.98293  -2.39280  1.000 48.87959 ? 91  ASP B OD2 1 
ATOM   1223 N N   . PHE B 2 92  ? -1.49482  -5.69083  0.72089   1.000 37.38871 ? 92  PHE B N   1 
ATOM   1224 C CA  . PHE B 2 92  ? -0.59531  -4.84107  1.50244   1.000 28.33898 ? 92  PHE B CA  1 
ATOM   1225 C C   . PHE B 2 92  ? 0.55617   -5.73230  1.95095   1.000 28.14200 ? 92  PHE B C   1 
ATOM   1226 O O   . PHE B 2 92  ? 0.37233   -6.54057  2.86252   1.000 36.18802 ? 92  PHE B O   1 
ATOM   1227 C CB  . PHE B 2 92  ? -1.31583  -4.24582  2.70704   1.000 31.17617 ? 92  PHE B CB  1 
ATOM   1228 C CG  . PHE B 2 92  ? -2.38645  -3.21367  2.36427   1.000 36.14456 ? 92  PHE B CG  1 
ATOM   1229 C CD1 . PHE B 2 92  ? -2.06501  -2.04419  1.70720   1.000 33.83933 ? 92  PHE B CD1 1 
ATOM   1230 C CD2 . PHE B 2 92  ? -3.71627  -3.41382  2.74142   1.000 40.79855 ? 92  PHE B CD2 1 
ATOM   1231 C CE1 . PHE B 2 92  ? -3.03725  -1.08070  1.42880   1.000 37.93011 ? 92  PHE B CE1 1 
ATOM   1232 C CE2 . PHE B 2 92  ? -4.70337  -2.46436  2.46282   1.000 38.12440 ? 92  PHE B CE2 1 
ATOM   1233 C CZ  . PHE B 2 92  ? -4.35948  -1.29583  1.80303   1.000 34.96977 ? 92  PHE B CZ  1 
ATOM   1234 N N   . VAL B 2 93  ? 1.73147   -5.59187  1.33281   1.000 27.35024 ? 93  VAL B N   1 
ATOM   1235 C CA  . VAL B 2 93  ? 2.88676   -6.45277  1.58606   1.000 16.30384 ? 93  VAL B CA  1 
ATOM   1236 C C   . VAL B 2 93  ? 4.02144   -5.64653  2.20228   1.000 13.89568 ? 93  VAL B C   1 
ATOM   1237 O O   . VAL B 2 93  ? 4.48824   -4.66990  1.61167   1.000 22.69099 ? 93  VAL B O   1 
ATOM   1238 C CB  . VAL B 2 93  ? 3.35683   -7.12938  0.29232   1.000 24.78036 ? 93  VAL B CB  1 
ATOM   1239 C CG1 . VAL B 2 93  ? 4.71801   -7.84207  0.50798   1.000 17.76529 ? 93  VAL B CG1 1 
ATOM   1240 C CG2 . VAL B 2 93  ? 2.28573   -8.09596  -0.18214  1.000 25.02808 ? 93  VAL B CG2 1 
ATOM   1241 N N   . TYR B 2 94  ? 4.49525   -6.07605  3.36390   1.000 14.00663 ? 94  TYR B N   1 
ATOM   1242 C CA  . TYR B 2 94  ? 5.62307   -5.43509  4.04503   1.000 21.43496 ? 94  TYR B CA  1 
ATOM   1243 C C   . TYR B 2 94  ? 6.87667   -6.27755  3.79189   1.000 29.73125 ? 94  TYR B C   1 
ATOM   1244 O O   . TYR B 2 94  ? 7.16404   -7.22532  4.52865   1.000 27.45044 ? 94  TYR B O   1 
ATOM   1245 C CB  . TYR B 2 94  ? 5.35540   -5.27928  5.54261   1.000 28.21911 ? 94  TYR B CB  1 
ATOM   1246 N N   . LEU B 2 95  ? 7.63878   -5.89129  2.76160   1.000 26.37809 ? 95  LEU B N   1 
ATOM   1247 C CA  . LEU B 2 95  ? 8.80756   -6.62701  2.28251   1.000 19.98646 ? 95  LEU B CA  1 
ATOM   1248 C C   . LEU B 2 95  ? 10.05487  -6.16184  3.02348   1.000 22.59305 ? 95  LEU B C   1 
ATOM   1249 O O   . LEU B 2 95  ? 10.40580  -4.98189  2.95761   1.000 34.43706 ? 95  LEU B O   1 
ATOM   1250 C CB  . LEU B 2 95  ? 8.99596   -6.38506  0.78561   1.000 16.23281 ? 95  LEU B CB  1 
ATOM   1251 C CG  . LEU B 2 95  ? 9.33083   -7.52716  -0.15394  1.000 14.16537 ? 95  LEU B CG  1 
ATOM   1252 C CD1 . LEU B 2 95  ? 8.60885   -8.71999  0.36844   1.000 20.64197 ? 95  LEU B CD1 1 
ATOM   1253 C CD2 . LEU B 2 95  ? 8.88704   -7.20187  -1.56395  1.000 11.66994 ? 95  LEU B CD2 1 
ATOM   1254 N N   . LYS B 2 96  ? 10.73514  -7.07451  3.70004   1.000 12.56814 ? 96  LYS B N   1 
ATOM   1255 C CA  . LYS B 2 96  ? 12.00500  -6.77075  4.34318   1.000 17.50777 ? 96  LYS B CA  1 
ATOM   1256 C C   . LYS B 2 96  ? 13.15423  -7.22871  3.44453   1.000 26.59276 ? 96  LYS B C   1 
ATOM   1257 O O   . LYS B 2 96  ? 13.17845  -8.38140  2.99833   1.000 27.28215 ? 96  LYS B O   1 
ATOM   1258 C CB  . LYS B 2 96  ? 12.08281  -7.45145  5.71038   1.000 25.05867 ? 96  LYS B CB  1 
ATOM   1259 C CG  . LYS B 2 96  ? 13.36149  -7.16671  6.49705   1.000 31.41683 ? 96  LYS B CG  1 
ATOM   1260 C CD  . LYS B 2 96  ? 13.03124  -6.75254  7.94252   1.000 38.51646 ? 96  LYS B CD  1 
ATOM   1261 C CE  . LYS B 2 96  ? 14.21154  -6.94288  8.90193   1.000 47.30122 ? 96  LYS B CE  1 
ATOM   1262 N NZ  . LYS B 2 96  ? 13.87371  -6.45174  10.27178  1.000 51.32906 ? 96  LYS B NZ  1 
ATOM   1263 N N   . VAL B 2 97  ? 14.10158  -6.33277  3.15630   1.000 25.40932 ? 97  VAL B N   1 
ATOM   1264 C CA  . VAL B 2 97  ? 15.21135  -6.71882  2.29287   1.000 32.30229 ? 97  VAL B CA  1 
ATOM   1265 C C   . VAL B 2 97  ? 16.55135  -6.34392  2.91332   1.000 29.32488 ? 97  VAL B C   1 
ATOM   1266 O O   . VAL B 2 97  ? 16.65504  -5.49656  3.80332   1.000 28.76346 ? 97  VAL B O   1 
ATOM   1267 C CB  . VAL B 2 97  ? 15.13034  -6.12629  0.86787   1.000 22.42330 ? 97  VAL B CB  1 
ATOM   1268 C CG1 . VAL B 2 97  ? 13.72198  -6.20605  0.32245   1.000 18.70643 ? 97  VAL B CG1 1 
ATOM   1269 C CG2 . VAL B 2 97  ? 15.67002  -4.70203  0.86320   1.000 37.45084 ? 97  VAL B CG2 1 
ATOM   1270 N N   . ALA B 2 98  ? 17.58565  -6.99937  2.39027   1.000 26.69232 ? 98  ALA B N   1 
ATOM   1271 C CA  . ALA B 2 98  ? 18.96962  -6.88565  2.82533   1.000 24.50724 ? 98  ALA B CA  1 
ATOM   1272 C C   . ALA B 2 98  ? 19.75447  -6.54907  1.57267   1.000 16.60944 ? 98  ALA B C   1 
ATOM   1273 O O   . ALA B 2 98  ? 20.20469  -7.45912  0.88308   1.000 17.36863 ? 98  ALA B O   1 
ATOM   1274 C CB  . ALA B 2 98  ? 19.45150  -8.18330  3.45485   1.000 20.82073 ? 98  ALA B CB  1 
ATOM   1275 N N   . LYS B 2 99  ? 19.87606  -5.25979  1.27513   1.000 27.15002 ? 99  LYS B N   1 
ATOM   1276 C CA  . LYS B 2 99  ? 20.65939  -4.75472  0.13710   1.000 32.13680 ? 99  LYS B CA  1 
ATOM   1277 C C   . LYS B 2 99  ? 22.02497  -5.42448  -0.06837  1.000 29.40574 ? 99  LYS B C   1 
ATOM   1278 O O   . LYS B 2 99  ? 22.52485  -5.49335  -1.19320  1.000 24.21033 ? 99  LYS B O   1 
ATOM   1279 C CB  . LYS B 2 99  ? 20.88155  -3.26104  0.29967   1.000 29.74896 ? 99  LYS B CB  1 
ATOM   1280 C CG  . LYS B 2 99  ? 19.62284  -2.47550  0.18724   1.000 25.64277 ? 99  LYS B CG  1 
ATOM   1281 C CD  . LYS B 2 99  ? 19.15157  -2.46871  -1.23221  1.000 25.00081 ? 99  LYS B CD  1 
ATOM   1282 C CE  . LYS B 2 99  ? 17.71516  -2.00089  -1.33677  1.000 32.28458 ? 99  LYS B CE  1 
ATOM   1283 N NZ  . LYS B 2 99  ? 17.21109  -2.12600  -2.71812  1.000 30.13365 ? 99  LYS B NZ  1 
ATOM   1284 N N   . GLU C 3 1   ? -10.06997 21.85374  4.27704   1.000 34.41285 ? 208 GLU C N   1 
ATOM   1285 C CA  . GLU C 3 1   ? -10.41595 22.27684  5.63729   1.000 41.29522 ? 208 GLU C CA  1 
ATOM   1286 C C   . GLU C 3 1   ? -9.58615  21.55668  6.71303   1.000 43.80598 ? 208 GLU C C   1 
ATOM   1287 O O   . GLU C 3 1   ? -9.09576  22.20485  7.63761   1.000 60.53375 ? 208 GLU C O   1 
ATOM   1288 C CB  . GLU C 3 1   ? -11.90296 22.06297  5.91177   1.000 44.21033 ? 208 GLU C CB  1 
ATOM   1289 C CG  . GLU C 3 1   ? -12.37503 22.61235  7.26010   1.000 46.37318 ? 208 GLU C CG  1 
ATOM   1290 C CD  . GLU C 3 1   ? -13.71903 22.03221  7.69004   1.000 41.41454 ? 208 GLU C CD  1 
ATOM   1291 O OE1 . GLU C 3 1   ? -14.65373 21.99762  6.86447   1.000 44.20931 ? 208 GLU C OE1 1 
ATOM   1292 O OE2 . GLU C 3 1   ? -13.85023 21.60710  8.85753   1.000 43.13614 ? 208 GLU C OE2 1 
ATOM   1293 N N   . THR C 3 2   ? -9.42557  20.23427  6.60348   1.000 34.90916 ? 209 THR C N   1 
ATOM   1294 C CA  . THR C 3 2   ? -8.49834  19.48548  7.45185   1.000 31.28910 ? 209 THR C CA  1 
ATOM   1295 C C   . THR C 3 2   ? -7.62465  18.58548  6.58602   1.000 35.13565 ? 209 THR C C   1 
ATOM   1296 O O   . THR C 3 2   ? -8.13203  17.71478  5.86866   1.000 35.71610 ? 209 THR C O   1 
ATOM   1297 C CB  . THR C 3 2   ? -9.21615  18.62257  8.49537   1.000 35.41926 ? 209 THR C CB  1 
ATOM   1298 O OG1 . THR C 3 2   ? -10.45389 19.22663  8.89114   1.000 33.74443 ? 209 THR C OG1 1 
ATOM   1299 C CG2 . THR C 3 2   ? -8.30700  18.45256  9.71263   1.000 32.25309 ? 209 THR C CG2 1 
ATOM   1300 N N   . GLU C 3 3   ? -6.31807  18.75542  6.68564   1.000 31.43414 ? 210 GLU C N   1 
ATOM   1301 C CA  . GLU C 3 3   ? -5.40549  17.94260  5.90774   1.000 29.43456 ? 210 GLU C CA  1 
ATOM   1302 C C   . GLU C 3 3   ? -5.08510  16.64200  6.63897   1.000 30.79488 ? 210 GLU C C   1 
ATOM   1303 O O   . GLU C 3 3   ? -4.92389  16.61412  7.86278   1.000 31.20852 ? 210 GLU C O   1 
ATOM   1304 C CB  . GLU C 3 3   ? -4.12565  18.71625  5.61577   1.000 29.86078 ? 210 GLU C CB  1 
ATOM   1305 C CG  . GLU C 3 3   ? -3.29995  18.14059  4.48670   1.000 29.65227 ? 210 GLU C CG  1 
ATOM   1306 C CD  . GLU C 3 3   ? -2.60470  19.21654  3.68869   1.000 32.57652 ? 210 GLU C CD  1 
ATOM   1307 O OE1 . GLU C 3 3   ? -3.16382  20.32755  3.53516   1.000 27.69639 ? 210 GLU C OE1 1 
ATOM   1308 O OE2 . GLU C 3 3   ? -1.48346  18.94676  3.22636   1.000 38.29798 ? 210 GLU C OE2 1 
ATOM   1309 N N   . VAL C 3 4   ? -5.01829  15.56034  5.87928   1.000 23.60919 ? 211 VAL C N   1 
ATOM   1310 C CA  . VAL C 3 4   ? -4.65067  14.27513  6.41883   1.000 24.97006 ? 211 VAL C CA  1 
ATOM   1311 C C   . VAL C 3 4   ? -3.69985  13.60106  5.45002   1.000 23.03783 ? 211 VAL C C   1 
ATOM   1312 O O   . VAL C 3 4   ? -3.27509  12.47195  5.70670   1.000 24.46946 ? 211 VAL C O   1 
ATOM   1313 C CB  . VAL C 3 4   ? -5.86998  13.39694  6.67660   1.000 23.48363 ? 211 VAL C CB  1 
ATOM   1314 C CG1 . VAL C 3 4   ? -6.84588  14.09345  7.61272   1.000 31.68836 ? 211 VAL C CG1 1 
ATOM   1315 C CG2 . VAL C 3 4   ? -6.55110  13.03374  5.35805   1.000 23.24350 ? 211 VAL C CG2 1 
ATOM   1316 O OXT . VAL C 3 4   ? -3.36208  14.17681  4.40884   1.000 17.52500 ? 211 VAL C OXT 1 
ATOM   1317 N N   . GLU D 3 1   ? 14.17645  -18.95643 -11.04087 1.000 24.39160 ? 208 GLU D N   1 
ATOM   1318 C CA  . GLU D 3 1   ? 13.17628  -17.89450 -11.07908 1.000 25.04110 ? 208 GLU D CA  1 
ATOM   1319 C C   . GLU D 3 1   ? 11.76566  -18.41784 -10.74231 1.000 17.18034 ? 208 GLU D C   1 
ATOM   1320 O O   . GLU D 3 1   ? 11.55685  -19.61409 -10.75863 1.000 30.12448 ? 208 GLU D O   1 
ATOM   1321 C CB  . GLU D 3 1   ? 13.21501  -17.21827 -12.44356 1.000 20.02292 ? 208 GLU D CB  1 
ATOM   1322 C CG  . GLU D 3 1   ? 13.96267  -15.90644 -12.40158 1.000 24.38340 ? 208 GLU D CG  1 
ATOM   1323 C CD  . GLU D 3 1   ? 13.95117  -15.15775 -13.72218 1.000 31.86089 ? 208 GLU D CD  1 
ATOM   1324 O OE1 . GLU D 3 1   ? 14.68534  -15.56493 -14.64355 1.000 42.41395 ? 208 GLU D OE1 1 
ATOM   1325 O OE2 . GLU D 3 1   ? 13.19614  -14.17403 -13.85086 1.000 29.57215 ? 208 GLU D OE2 1 
ATOM   1326 N N   . THR D 3 2   ? 10.83305  -17.51385 -10.39237 1.000 26.04286 ? 209 THR D N   1 
ATOM   1327 C CA  . THR D 3 2   ? 9.43210   -17.77384 -10.01655 1.000 26.27415 ? 209 THR D CA  1 
ATOM   1328 C C   . THR D 3 2   ? 8.71153   -16.45625 -9.73454  1.000 33.68674 ? 209 THR D C   1 
ATOM   1329 O O   . THR D 3 2   ? 8.91143   -15.87171 -8.66798  1.000 45.07256 ? 209 THR D O   1 
ATOM   1330 C CB  . THR D 3 2   ? 9.28371   -18.65598 -8.75187  1.000 28.14143 ? 209 THR D CB  1 
ATOM   1331 O OG1 . THR D 3 2   ? 10.27261  -19.69261 -8.70814  1.000 36.20017 ? 209 THR D OG1 1 
ATOM   1332 C CG2 . THR D 3 2   ? 7.88099   -19.27272 -8.64895  1.000 26.93892 ? 209 THR D CG2 1 
ATOM   1333 N N   . GLU D 3 3   ? 7.85571   -15.98919 -10.63938 1.000 34.59187 ? 210 GLU D N   1 
ATOM   1334 C CA  . GLU D 3 3   ? 7.23342   -14.67214 -10.48760 1.000 33.35946 ? 210 GLU D CA  1 
ATOM   1335 C C   . GLU D 3 3   ? 6.28677   -14.61705 -9.29195  1.000 32.16401 ? 210 GLU D C   1 
ATOM   1336 O O   . GLU D 3 3   ? 5.34956   -15.41954 -9.18080  1.000 32.86635 ? 210 GLU D O   1 
ATOM   1337 C CB  . GLU D 3 3   ? 6.47764   -14.31888 -11.76405 1.000 36.26241 ? 210 GLU D CB  1 
ATOM   1338 C CG  . GLU D 3 3   ? 7.32000   -13.58297 -12.78866 1.000 49.28821 ? 210 GLU D CG  1 
ATOM   1339 C CD  . GLU D 3 3   ? 6.56703   -13.30328 -14.07259 1.000 57.30380 ? 210 GLU D CD  1 
ATOM   1340 O OE1 . GLU D 3 3   ? 6.55844   -12.14463 -14.53354 1.000 53.38267 ? 210 GLU D OE1 1 
ATOM   1341 O OE2 . GLU D 3 3   ? 6.00775   -14.27724 -14.63823 1.000 56.38473 ? 210 GLU D OE2 1 
ATOM   1342 N N   . VAL D 3 4   ? 6.52883   -13.66296 -8.39733  1.000 24.21743 ? 211 VAL D N   1 
ATOM   1343 C CA  . VAL D 3 4   ? 5.60501   -13.43965 -7.29717  1.000 21.27103 ? 211 VAL D CA  1 
ATOM   1344 C C   . VAL D 3 4   ? 4.99851   -12.05164 -7.47938  1.000 30.13794 ? 211 VAL D C   1 
ATOM   1345 O O   . VAL D 3 4   ? 4.46522   -11.46282 -6.53343  1.000 29.24835 ? 211 VAL D O   1 
ATOM   1346 C CB  . VAL D 3 4   ? 6.27623   -13.53073 -5.92263  1.000 18.54632 ? 211 VAL D CB  1 
ATOM   1347 C CG1 . VAL D 3 4   ? 6.66984   -14.94319 -5.57930  1.000 18.50292 ? 211 VAL D CG1 1 
ATOM   1348 C CG2 . VAL D 3 4   ? 7.40563   -12.59493 -5.84823  1.000 25.83902 ? 211 VAL D CG2 1 
ATOM   1349 O OXT . VAL D 3 4   ? 5.03940   -11.45608 -8.56207  1.000 42.02693 ? 211 VAL D OXT 1 
HETATM 1350 O O   . HOH E 4 .   ? -25.15266 18.94075  10.18064  1.000 18.98380 ? 201 HOH A O   1 
HETATM 1351 O O   . HOH E 4 .   ? -4.92862  2.54377   -5.16677  1.000 37.21580 ? 202 HOH A O   1 
HETATM 1352 O O   . HOH E 4 .   ? -20.39369 11.90335  7.77978   1.000 14.13242 ? 203 HOH A O   1 
HETATM 1353 O O   . HOH E 4 .   ? -8.74544  4.33518   11.47628  1.000 38.55004 ? 204 HOH A O   1 
HETATM 1354 O O   . HOH E 4 .   ? -17.67315 17.92005  13.78002  1.000 28.53604 ? 205 HOH A O   1 
HETATM 1355 O O   . HOH E 4 .   ? -20.99102 5.13026   9.16840   1.000 29.22677 ? 206 HOH A O   1 
HETATM 1356 O O   . HOH E 4 .   ? 2.67160   0.61145   8.83061   1.000 34.12117 ? 207 HOH A O   1 
HETATM 1357 O O   . HOH E 4 .   ? -4.61659  -1.74222  7.26753   1.000 25.19119 ? 208 HOH A O   1 
HETATM 1358 O O   . HOH E 4 .   ? -7.64357  1.77154   11.13876  1.000 29.29256 ? 209 HOH A O   1 
HETATM 1359 O O   . HOH E 4 .   ? -19.54909 2.09475   5.63261   1.000 22.52850 ? 210 HOH A O   1 
HETATM 1360 O O   . HOH F 4 .   ? 23.50500  -6.45444  -2.97053  1.000 21.82088 ? 201 HOH B O   1 
HETATM 1361 O O   . HOH F 4 .   ? 9.98861   -1.45068  -5.12430  1.000 18.62712 ? 202 HOH B O   1 
HETATM 1362 O O   . HOH F 4 .   ? 13.19480  -1.13836  -18.69167 1.000 19.20139 ? 203 HOH B O   1 
HETATM 1363 O O   . HOH F 4 .   ? 12.10011  -1.13741  -8.43395  1.000 17.76345 ? 204 HOH B O   1 
HETATM 1364 O O   . HOH F 4 .   ? 16.71082  -15.26720 3.14289   1.000 17.79868 ? 205 HOH B O   1 
HETATM 1365 O O   . HOH F 4 .   ? 25.78017  -12.76908 2.29984   1.000 20.56158 ? 206 HOH B O   1 
HETATM 1366 O O   . HOH F 4 .   ? 9.81552   5.71699   -6.19753  1.000 14.22428 ? 207 HOH B O   1 
HETATM 1367 O O   . HOH G 4 .   ? -16.71274 23.32354  6.14925   1.000 17.64959 ? 301 HOH C O   1 
HETATM 1368 O O   . HOH H 4 .   ? 14.72653  -20.85229 -9.10847  1.000 22.20822 ? 301 HOH D O   1 
# 
